data_6W2G
# 
_entry.id   6W2G 
# 
_audit_conform.dict_name       mmcif_pdbx.dic 
_audit_conform.dict_version    5.389 
_audit_conform.dict_location   http://mmcif.pdb.org/dictionaries/ascii/mmcif_pdbx.dic 
# 
loop_
_database_2.database_id 
_database_2.database_code 
_database_2.pdbx_database_accession 
_database_2.pdbx_DOI 
PDB   6W2G         pdb_00006w2g 10.2210/pdb6w2g/pdb 
WWPDB D_1000247106 ?            ?                   
# 
loop_
_pdbx_audit_revision_history.ordinal 
_pdbx_audit_revision_history.data_content_type 
_pdbx_audit_revision_history.major_revision 
_pdbx_audit_revision_history.minor_revision 
_pdbx_audit_revision_history.revision_date 
1 'Structure model' 1 0 2021-03-10 
2 'Structure model' 2 0 2021-08-25 
3 'Structure model' 2 1 2023-11-01 
4 'Structure model' 2 2 2024-04-03 
# 
_pdbx_audit_revision_details.ordinal             1 
_pdbx_audit_revision_details.revision_ordinal    1 
_pdbx_audit_revision_details.data_content_type   'Structure model' 
_pdbx_audit_revision_details.provider            repository 
_pdbx_audit_revision_details.type                'Initial release' 
_pdbx_audit_revision_details.description         ? 
_pdbx_audit_revision_details.details             ? 
# 
loop_
_pdbx_audit_revision_group.ordinal 
_pdbx_audit_revision_group.revision_ordinal 
_pdbx_audit_revision_group.data_content_type 
_pdbx_audit_revision_group.group 
1 2 'Structure model' Advisory                 
2 2 'Structure model' 'Atomic model'           
3 2 'Structure model' 'Data collection'        
4 2 'Structure model' 'Database references'    
5 2 'Structure model' 'Derived calculations'   
6 2 'Structure model' 'Structure summary'      
7 3 'Structure model' 'Data collection'        
8 3 'Structure model' 'Database references'    
9 4 'Structure model' 'Refinement description' 
# 
loop_
_pdbx_audit_revision_category.ordinal 
_pdbx_audit_revision_category.revision_ordinal 
_pdbx_audit_revision_category.data_content_type 
_pdbx_audit_revision_category.category 
1  2 'Structure model' atom_site                       
2  2 'Structure model' database_2                      
3  2 'Structure model' pdbx_nonpoly_scheme             
4  2 'Structure model' pdbx_poly_seq_scheme            
5  2 'Structure model' pdbx_unobs_or_zero_occ_atoms    
6  2 'Structure model' pdbx_unobs_or_zero_occ_residues 
7  2 'Structure model' struct_conf                     
8  2 'Structure model' struct_ref_seq                  
9  2 'Structure model' struct_ref_seq_dif              
10 2 'Structure model' struct_site                     
11 2 'Structure model' struct_site_gen                 
12 3 'Structure model' chem_comp_atom                  
13 3 'Structure model' chem_comp_bond                  
14 3 'Structure model' citation                        
15 3 'Structure model' citation_author                 
16 4 'Structure model' pdbx_initial_refinement_model   
# 
loop_
_pdbx_audit_revision_item.ordinal 
_pdbx_audit_revision_item.revision_ordinal 
_pdbx_audit_revision_item.data_content_type 
_pdbx_audit_revision_item.item 
1  2 'Structure model' '_atom_site.auth_seq_id'                       
2  2 'Structure model' '_database_2.pdbx_DOI'                         
3  2 'Structure model' '_database_2.pdbx_database_accession'          
4  2 'Structure model' '_pdbx_nonpoly_scheme.pdb_seq_num'             
5  2 'Structure model' '_pdbx_poly_seq_scheme.pdb_seq_num'            
6  2 'Structure model' '_pdbx_unobs_or_zero_occ_residues.auth_seq_id' 
7  2 'Structure model' '_struct_conf.beg_auth_seq_id'                 
8  2 'Structure model' '_struct_conf.end_auth_seq_id'                 
9  2 'Structure model' '_struct_ref_seq.pdbx_auth_seq_align_beg'      
10 2 'Structure model' '_struct_ref_seq.pdbx_auth_seq_align_end'      
11 2 'Structure model' '_struct_ref_seq_dif.pdbx_auth_seq_num'        
12 2 'Structure model' '_struct_site.details'                         
13 2 'Structure model' '_struct_site.pdbx_auth_seq_id'                
14 2 'Structure model' '_struct_site_gen.auth_seq_id'                 
15 3 'Structure model' '_citation.country'                            
16 3 'Structure model' '_citation.journal_abbrev'                     
17 3 'Structure model' '_citation.journal_id_ASTM'                    
18 3 'Structure model' '_citation.journal_id_CSD'                     
19 3 'Structure model' '_citation.journal_id_ISSN'                    
20 3 'Structure model' '_citation.journal_volume'                     
21 3 'Structure model' '_citation.page_first'                         
22 3 'Structure model' '_citation.page_last'                          
23 3 'Structure model' '_citation.pdbx_database_id_DOI'               
24 3 'Structure model' '_citation.pdbx_database_id_PubMed'            
25 3 'Structure model' '_citation.title'                              
26 3 'Structure model' '_citation.year'                               
# 
_pdbx_database_status.status_code                     REL 
_pdbx_database_status.status_code_sf                  REL 
_pdbx_database_status.status_code_mr                  ? 
_pdbx_database_status.entry_id                        6W2G 
_pdbx_database_status.recvd_initial_deposition_date   2020-03-05 
_pdbx_database_status.SG_entry                        N 
_pdbx_database_status.deposit_site                    RCSB 
_pdbx_database_status.process_site                    RCSB 
_pdbx_database_status.status_code_cs                  ? 
_pdbx_database_status.status_code_nmr_data            ? 
_pdbx_database_status.methods_development_category    ? 
_pdbx_database_status.pdb_format_compatible           Y 
# 
loop_
_audit_author.name 
_audit_author.pdbx_ordinal 
_audit_author.identifier_ORCID 
'Bowler, B.E.' 1 0000-0003-1543-2466 
'Zeng, B.'     2 0000-0002-7780-3501 
'Becht, D.C.'  3 0000-0003-3127-3418 
'Rothfuss, M.' 4 0000-0002-3664-6300 
'Sprang, S.R.' 5 0000-0001-6307-6166 
'Mou, T.-C.'   6 0000-0001-6554-1519 
# 
_citation.abstract                  ? 
_citation.abstract_id_CAS           ? 
_citation.book_id_ISBN              ? 
_citation.book_publisher            ? 
_citation.book_publisher_city       ? 
_citation.book_title                ? 
_citation.coordinate_linkage        ? 
_citation.country                   US 
_citation.database_id_Medline       ? 
_citation.details                   ? 
_citation.id                        primary 
_citation.journal_abbrev            J.Am.Chem.Soc. 
_citation.journal_id_ASTM           JACSAT 
_citation.journal_id_CSD            ? 
_citation.journal_id_ISSN           1520-5126 
_citation.journal_full              ? 
_citation.journal_issue             ? 
_citation.journal_volume            145 
_citation.language                  ? 
_citation.page_first                22979 
_citation.page_last                 22992 
_citation.title                     
'High-Accuracy Prediction of Stabilizing Surface Mutations to the Three-Helix Bundle, UBA(1), with EmCAST.' 
_citation.year                      2023 
_citation.database_id_CSD           ? 
_citation.pdbx_database_id_DOI      10.1021/jacs.3c04966 
_citation.pdbx_database_id_PubMed   37815921 
_citation.unpublished_flag          ? 
# 
loop_
_citation_author.citation_id 
_citation_author.name 
_citation_author.ordinal 
_citation_author.identifier_ORCID 
primary 'Rothfuss, M.T.'   1 ?                   
primary 'Becht, D.C.'      2 ?                   
primary 'Zeng, B.'         3 ?                   
primary 'McClelland, L.J.' 4 ?                   
primary 'Yates-Hansen, C.' 5 ?                   
primary 'Bowler, B.E.'     6 0000-0003-1543-2466 
# 
loop_
_entity.id 
_entity.type 
_entity.src_method 
_entity.pdbx_description 
_entity.formula_weight 
_entity.pdbx_number_of_molecules 
_entity.pdbx_ec 
_entity.pdbx_mutation 
_entity.pdbx_fragment 
_entity.details 
1 polymer     man 'UV excision repair protein RAD23 homolog A' 5534.243 2  ? Y188G ? ? 
2 non-polymer syn 1,2-ETHANEDIOL                               62.068   3  ? ?     ? ? 
3 water       nat water                                        18.015   75 ? ?     ? ? 
# 
_entity_name_com.entity_id   1 
_entity_name_com.name        hHR23A 
# 
_entity_poly.entity_id                      1 
_entity_poly.type                           'polypeptide(L)' 
_entity_poly.nstd_linkage                   no 
_entity_poly.nstd_monomer                   no 
_entity_poly.pdbx_seq_one_letter_code       GSTLVTGSEYETMLTEIMSMGYERERVVAALRASGNNPHRAVEYLLTGIPG 
_entity_poly.pdbx_seq_one_letter_code_can   GSTLVTGSEYETMLTEIMSMGYERERVVAALRASGNNPHRAVEYLLTGIPG 
_entity_poly.pdbx_strand_id                 A,B 
_entity_poly.pdbx_target_identifier         ? 
# 
loop_
_pdbx_entity_nonpoly.entity_id 
_pdbx_entity_nonpoly.name 
_pdbx_entity_nonpoly.comp_id 
2 1,2-ETHANEDIOL EDO 
3 water          HOH 
# 
loop_
_entity_poly_seq.entity_id 
_entity_poly_seq.num 
_entity_poly_seq.mon_id 
_entity_poly_seq.hetero 
1 1  GLY n 
1 2  SER n 
1 3  THR n 
1 4  LEU n 
1 5  VAL n 
1 6  THR n 
1 7  GLY n 
1 8  SER n 
1 9  GLU n 
1 10 TYR n 
1 11 GLU n 
1 12 THR n 
1 13 MET n 
1 14 LEU n 
1 15 THR n 
1 16 GLU n 
1 17 ILE n 
1 18 MET n 
1 19 SER n 
1 20 MET n 
1 21 GLY n 
1 22 TYR n 
1 23 GLU n 
1 24 ARG n 
1 25 GLU n 
1 26 ARG n 
1 27 VAL n 
1 28 VAL n 
1 29 ALA n 
1 30 ALA n 
1 31 LEU n 
1 32 ARG n 
1 33 ALA n 
1 34 SER n 
1 35 GLY n 
1 36 ASN n 
1 37 ASN n 
1 38 PRO n 
1 39 HIS n 
1 40 ARG n 
1 41 ALA n 
1 42 VAL n 
1 43 GLU n 
1 44 TYR n 
1 45 LEU n 
1 46 LEU n 
1 47 THR n 
1 48 GLY n 
1 49 ILE n 
1 50 PRO n 
1 51 GLY n 
# 
_entity_src_gen.entity_id                          1 
_entity_src_gen.pdbx_src_id                        1 
_entity_src_gen.pdbx_alt_source_flag               sample 
_entity_src_gen.pdbx_seq_type                      'Biological sequence' 
_entity_src_gen.pdbx_beg_seq_num                   1 
_entity_src_gen.pdbx_end_seq_num                   51 
_entity_src_gen.gene_src_common_name               Human 
_entity_src_gen.gene_src_genus                     ? 
_entity_src_gen.pdbx_gene_src_gene                 RAD23A 
_entity_src_gen.gene_src_species                   ? 
_entity_src_gen.gene_src_strain                    ? 
_entity_src_gen.gene_src_tissue                    ? 
_entity_src_gen.gene_src_tissue_fraction           ? 
_entity_src_gen.gene_src_details                   ? 
_entity_src_gen.pdbx_gene_src_fragment             ? 
_entity_src_gen.pdbx_gene_src_scientific_name      'Homo sapiens' 
_entity_src_gen.pdbx_gene_src_ncbi_taxonomy_id     9606 
_entity_src_gen.pdbx_gene_src_variant              ? 
_entity_src_gen.pdbx_gene_src_cell_line            ? 
_entity_src_gen.pdbx_gene_src_atcc                 ? 
_entity_src_gen.pdbx_gene_src_organ                ? 
_entity_src_gen.pdbx_gene_src_organelle            ? 
_entity_src_gen.pdbx_gene_src_cell                 ? 
_entity_src_gen.pdbx_gene_src_cellular_location    ? 
_entity_src_gen.host_org_common_name               ? 
_entity_src_gen.pdbx_host_org_scientific_name      'Escherichia coli BL21(DE3)' 
_entity_src_gen.pdbx_host_org_ncbi_taxonomy_id     469008 
_entity_src_gen.host_org_genus                     ? 
_entity_src_gen.pdbx_host_org_gene                 ? 
_entity_src_gen.pdbx_host_org_organ                ? 
_entity_src_gen.host_org_species                   ? 
_entity_src_gen.pdbx_host_org_tissue               ? 
_entity_src_gen.pdbx_host_org_tissue_fraction      ? 
_entity_src_gen.pdbx_host_org_strain               'BL21(DE3)' 
_entity_src_gen.pdbx_host_org_variant              ? 
_entity_src_gen.pdbx_host_org_cell_line            ? 
_entity_src_gen.pdbx_host_org_atcc                 ? 
_entity_src_gen.pdbx_host_org_culture_collection   ? 
_entity_src_gen.pdbx_host_org_cell                 ? 
_entity_src_gen.pdbx_host_org_organelle            ? 
_entity_src_gen.pdbx_host_org_cellular_location    ? 
_entity_src_gen.pdbx_host_org_vector_type          Plasmid 
_entity_src_gen.pdbx_host_org_vector               ? 
_entity_src_gen.host_org_details                   'Thrombin cleavage site replaced with TEV cleavage site' 
_entity_src_gen.expression_system_id               ? 
_entity_src_gen.plasmid_name                       pGEX-2T 
_entity_src_gen.plasmid_details                    ? 
_entity_src_gen.pdbx_description                   ? 
# 
loop_
_chem_comp.id 
_chem_comp.type 
_chem_comp.mon_nstd_flag 
_chem_comp.name 
_chem_comp.pdbx_synonyms 
_chem_comp.formula 
_chem_comp.formula_weight 
ALA 'L-peptide linking' y ALANINE         ?                 'C3 H7 N O2'     89.093  
ARG 'L-peptide linking' y ARGININE        ?                 'C6 H15 N4 O2 1' 175.209 
ASN 'L-peptide linking' y ASPARAGINE      ?                 'C4 H8 N2 O3'    132.118 
EDO non-polymer         . 1,2-ETHANEDIOL  'ETHYLENE GLYCOL' 'C2 H6 O2'       62.068  
GLU 'L-peptide linking' y 'GLUTAMIC ACID' ?                 'C5 H9 N O4'     147.129 
GLY 'peptide linking'   y GLYCINE         ?                 'C2 H5 N O2'     75.067  
HIS 'L-peptide linking' y HISTIDINE       ?                 'C6 H10 N3 O2 1' 156.162 
HOH non-polymer         . WATER           ?                 'H2 O'           18.015  
ILE 'L-peptide linking' y ISOLEUCINE      ?                 'C6 H13 N O2'    131.173 
LEU 'L-peptide linking' y LEUCINE         ?                 'C6 H13 N O2'    131.173 
MET 'L-peptide linking' y METHIONINE      ?                 'C5 H11 N O2 S'  149.211 
PRO 'L-peptide linking' y PROLINE         ?                 'C5 H9 N O2'     115.130 
SER 'L-peptide linking' y SERINE          ?                 'C3 H7 N O3'     105.093 
THR 'L-peptide linking' y THREONINE       ?                 'C4 H9 N O3'     119.119 
TYR 'L-peptide linking' y TYROSINE        ?                 'C9 H11 N O3'    181.189 
VAL 'L-peptide linking' y VALINE          ?                 'C5 H11 N O2'    117.146 
# 
loop_
_pdbx_poly_seq_scheme.asym_id 
_pdbx_poly_seq_scheme.entity_id 
_pdbx_poly_seq_scheme.seq_id 
_pdbx_poly_seq_scheme.mon_id 
_pdbx_poly_seq_scheme.ndb_seq_num 
_pdbx_poly_seq_scheme.pdb_seq_num 
_pdbx_poly_seq_scheme.auth_seq_num 
_pdbx_poly_seq_scheme.pdb_mon_id 
_pdbx_poly_seq_scheme.auth_mon_id 
_pdbx_poly_seq_scheme.pdb_strand_id 
_pdbx_poly_seq_scheme.pdb_ins_code 
_pdbx_poly_seq_scheme.hetero 
A 1 1  GLY 1  154 ?  ?   ?   A . n 
A 1 2  SER 2  155 ?  ?   ?   A . n 
A 1 3  THR 3  156 3  THR THR A . n 
A 1 4  LEU 4  157 4  LEU LEU A . n 
A 1 5  VAL 5  158 5  VAL VAL A . n 
A 1 6  THR 6  159 6  THR THR A . n 
A 1 7  GLY 7  160 7  GLY GLY A . n 
A 1 8  SER 8  161 8  SER SER A . n 
A 1 9  GLU 9  162 9  GLU GLU A . n 
A 1 10 TYR 10 163 10 TYR TYR A . n 
A 1 11 GLU 11 164 11 GLU GLU A . n 
A 1 12 THR 12 165 12 THR THR A . n 
A 1 13 MET 13 166 13 MET MET A . n 
A 1 14 LEU 14 167 14 LEU LEU A . n 
A 1 15 THR 15 168 15 THR THR A . n 
A 1 16 GLU 16 169 16 GLU GLU A . n 
A 1 17 ILE 17 170 17 ILE ILE A . n 
A 1 18 MET 18 171 18 MET MET A . n 
A 1 19 SER 19 172 19 SER SER A . n 
A 1 20 MET 20 173 20 MET MET A . n 
A 1 21 GLY 21 174 21 GLY GLY A . n 
A 1 22 TYR 22 175 22 TYR TYR A . n 
A 1 23 GLU 23 176 23 GLU GLU A . n 
A 1 24 ARG 24 177 24 ARG ARG A . n 
A 1 25 GLU 25 178 25 GLU GLU A . n 
A 1 26 ARG 26 179 26 ARG ARG A . n 
A 1 27 VAL 27 180 27 VAL VAL A . n 
A 1 28 VAL 28 181 28 VAL VAL A . n 
A 1 29 ALA 29 182 29 ALA ALA A . n 
A 1 30 ALA 30 183 30 ALA ALA A . n 
A 1 31 LEU 31 184 31 LEU LEU A . n 
A 1 32 ARG 32 185 32 ARG ARG A . n 
A 1 33 ALA 33 186 33 ALA ALA A . n 
A 1 34 SER 34 187 34 SER SER A . n 
A 1 35 GLY 35 188 35 GLY GLY A . n 
A 1 36 ASN 36 189 36 ASN ASN A . n 
A 1 37 ASN 37 190 37 ASN ASN A . n 
A 1 38 PRO 38 191 38 PRO PRO A . n 
A 1 39 HIS 39 192 39 HIS HIS A . n 
A 1 40 ARG 40 193 40 ARG ARG A . n 
A 1 41 ALA 41 194 41 ALA ALA A . n 
A 1 42 VAL 42 195 42 VAL VAL A . n 
A 1 43 GLU 43 196 43 GLU GLU A . n 
A 1 44 TYR 44 197 44 TYR TYR A . n 
A 1 45 LEU 45 198 45 LEU LEU A . n 
A 1 46 LEU 46 199 46 LEU LEU A . n 
A 1 47 THR 47 200 47 THR THR A . n 
A 1 48 GLY 48 201 48 GLY GLY A . n 
A 1 49 ILE 49 202 49 ILE ILE A . n 
A 1 50 PRO 50 203 50 PRO PRO A . n 
A 1 51 GLY 51 204 51 GLY GLY A . n 
B 1 1  GLY 1  154 ?  ?   ?   B . n 
B 1 2  SER 2  155 ?  ?   ?   B . n 
B 1 3  THR 3  156 ?  ?   ?   B . n 
B 1 4  LEU 4  157 4  LEU LEU B . n 
B 1 5  VAL 5  158 5  VAL VAL B . n 
B 1 6  THR 6  159 6  THR THR B . n 
B 1 7  GLY 7  160 7  GLY GLY B . n 
B 1 8  SER 8  161 8  SER SER B . n 
B 1 9  GLU 9  162 9  GLU GLU B . n 
B 1 10 TYR 10 163 10 TYR TYR B . n 
B 1 11 GLU 11 164 11 GLU GLU B . n 
B 1 12 THR 12 165 12 THR THR B . n 
B 1 13 MET 13 166 13 MET MET B . n 
B 1 14 LEU 14 167 14 LEU LEU B . n 
B 1 15 THR 15 168 15 THR THR B . n 
B 1 16 GLU 16 169 16 GLU GLU B . n 
B 1 17 ILE 17 170 17 ILE ILE B . n 
B 1 18 MET 18 171 18 MET MET B . n 
B 1 19 SER 19 172 19 SER SER B . n 
B 1 20 MET 20 173 20 MET MET B . n 
B 1 21 GLY 21 174 21 GLY GLY B . n 
B 1 22 TYR 22 175 22 TYR TYR B . n 
B 1 23 GLU 23 176 23 GLU GLU B . n 
B 1 24 ARG 24 177 24 ARG ARG B . n 
B 1 25 GLU 25 178 25 GLU GLU B . n 
B 1 26 ARG 26 179 26 ARG ARG B . n 
B 1 27 VAL 27 180 27 VAL VAL B . n 
B 1 28 VAL 28 181 28 VAL VAL B . n 
B 1 29 ALA 29 182 29 ALA ALA B . n 
B 1 30 ALA 30 183 30 ALA ALA B . n 
B 1 31 LEU 31 184 31 LEU LEU B . n 
B 1 32 ARG 32 185 32 ARG ARG B . n 
B 1 33 ALA 33 186 33 ALA ALA B . n 
B 1 34 SER 34 187 34 SER SER B . n 
B 1 35 GLY 35 188 35 GLY GLY B . n 
B 1 36 ASN 36 189 36 ASN ASN B . n 
B 1 37 ASN 37 190 37 ASN ASN B . n 
B 1 38 PRO 38 191 38 PRO PRO B . n 
B 1 39 HIS 39 192 39 HIS HIS B . n 
B 1 40 ARG 40 193 40 ARG ARG B . n 
B 1 41 ALA 41 194 41 ALA ALA B . n 
B 1 42 VAL 42 195 42 VAL VAL B . n 
B 1 43 GLU 43 196 43 GLU GLU B . n 
B 1 44 TYR 44 197 44 TYR TYR B . n 
B 1 45 LEU 45 198 45 LEU LEU B . n 
B 1 46 LEU 46 199 46 LEU LEU B . n 
B 1 47 THR 47 200 47 THR THR B . n 
B 1 48 GLY 48 201 48 GLY GLY B . n 
B 1 49 ILE 49 202 49 ILE ILE B . n 
B 1 50 PRO 50 203 50 PRO PRO B . n 
B 1 51 GLY 51 204 51 GLY GLY B . n 
# 
loop_
_pdbx_nonpoly_scheme.asym_id 
_pdbx_nonpoly_scheme.entity_id 
_pdbx_nonpoly_scheme.mon_id 
_pdbx_nonpoly_scheme.ndb_seq_num 
_pdbx_nonpoly_scheme.pdb_seq_num 
_pdbx_nonpoly_scheme.auth_seq_num 
_pdbx_nonpoly_scheme.pdb_mon_id 
_pdbx_nonpoly_scheme.auth_mon_id 
_pdbx_nonpoly_scheme.pdb_strand_id 
_pdbx_nonpoly_scheme.pdb_ins_code 
C 2 EDO 1  301 2  EDO EDO A . 
D 2 EDO 1  301 1  EDO EDO B . 
E 2 EDO 1  302 3  EDO EDO B . 
F 3 HOH 1  401 67 HOH HOH A . 
F 3 HOH 2  402 45 HOH HOH A . 
F 3 HOH 3  403 30 HOH HOH A . 
F 3 HOH 4  404 47 HOH HOH A . 
F 3 HOH 5  405 21 HOH HOH A . 
F 3 HOH 6  406 20 HOH HOH A . 
F 3 HOH 7  407 60 HOH HOH A . 
F 3 HOH 8  408 5  HOH HOH A . 
F 3 HOH 9  409 8  HOH HOH A . 
F 3 HOH 10 410 36 HOH HOH A . 
F 3 HOH 11 411 26 HOH HOH A . 
F 3 HOH 12 412 6  HOH HOH A . 
F 3 HOH 13 413 22 HOH HOH A . 
F 3 HOH 14 414 16 HOH HOH A . 
F 3 HOH 15 415 7  HOH HOH A . 
F 3 HOH 16 416 11 HOH HOH A . 
F 3 HOH 17 417 77 HOH HOH A . 
F 3 HOH 18 418 17 HOH HOH A . 
F 3 HOH 19 419 23 HOH HOH A . 
F 3 HOH 20 420 40 HOH HOH A . 
F 3 HOH 21 421 13 HOH HOH A . 
F 3 HOH 22 422 51 HOH HOH A . 
F 3 HOH 23 423 34 HOH HOH A . 
F 3 HOH 24 424 15 HOH HOH A . 
F 3 HOH 25 425 68 HOH HOH A . 
F 3 HOH 26 426 25 HOH HOH A . 
F 3 HOH 27 427 72 HOH HOH A . 
F 3 HOH 28 428 18 HOH HOH A . 
F 3 HOH 29 429 39 HOH HOH A . 
F 3 HOH 30 430 69 HOH HOH A . 
F 3 HOH 31 431 52 HOH HOH A . 
F 3 HOH 32 432 65 HOH HOH A . 
F 3 HOH 33 433 38 HOH HOH A . 
F 3 HOH 34 434 50 HOH HOH A . 
F 3 HOH 35 435 64 HOH HOH A . 
F 3 HOH 36 436 66 HOH HOH A . 
G 3 HOH 1  401 35 HOH HOH B . 
G 3 HOH 2  402 62 HOH HOH B . 
G 3 HOH 3  403 37 HOH HOH B . 
G 3 HOH 4  404 73 HOH HOH B . 
G 3 HOH 5  405 4  HOH HOH B . 
G 3 HOH 6  406 12 HOH HOH B . 
G 3 HOH 7  407 42 HOH HOH B . 
G 3 HOH 8  408 53 HOH HOH B . 
G 3 HOH 9  409 19 HOH HOH B . 
G 3 HOH 10 410 75 HOH HOH B . 
G 3 HOH 11 411 61 HOH HOH B . 
G 3 HOH 12 412 10 HOH HOH B . 
G 3 HOH 13 413 27 HOH HOH B . 
G 3 HOH 14 414 14 HOH HOH B . 
G 3 HOH 15 415 44 HOH HOH B . 
G 3 HOH 16 416 24 HOH HOH B . 
G 3 HOH 17 417 78 HOH HOH B . 
G 3 HOH 18 418 9  HOH HOH B . 
G 3 HOH 19 419 33 HOH HOH B . 
G 3 HOH 20 420 74 HOH HOH B . 
G 3 HOH 21 421 48 HOH HOH B . 
G 3 HOH 22 422 31 HOH HOH B . 
G 3 HOH 23 423 56 HOH HOH B . 
G 3 HOH 24 424 49 HOH HOH B . 
G 3 HOH 25 425 70 HOH HOH B . 
G 3 HOH 26 426 57 HOH HOH B . 
G 3 HOH 27 427 41 HOH HOH B . 
G 3 HOH 28 428 59 HOH HOH B . 
G 3 HOH 29 429 71 HOH HOH B . 
G 3 HOH 30 430 54 HOH HOH B . 
G 3 HOH 31 431 28 HOH HOH B . 
G 3 HOH 32 432 32 HOH HOH B . 
G 3 HOH 33 433 76 HOH HOH B . 
G 3 HOH 34 434 63 HOH HOH B . 
G 3 HOH 35 435 43 HOH HOH B . 
G 3 HOH 36 436 58 HOH HOH B . 
G 3 HOH 37 437 55 HOH HOH B . 
G 3 HOH 38 438 29 HOH HOH B . 
G 3 HOH 39 439 46 HOH HOH B . 
# 
loop_
_pdbx_unobs_or_zero_occ_atoms.id 
_pdbx_unobs_or_zero_occ_atoms.PDB_model_num 
_pdbx_unobs_or_zero_occ_atoms.polymer_flag 
_pdbx_unobs_or_zero_occ_atoms.occupancy_flag 
_pdbx_unobs_or_zero_occ_atoms.auth_asym_id 
_pdbx_unobs_or_zero_occ_atoms.auth_comp_id 
_pdbx_unobs_or_zero_occ_atoms.auth_seq_id 
_pdbx_unobs_or_zero_occ_atoms.PDB_ins_code 
_pdbx_unobs_or_zero_occ_atoms.auth_atom_id 
_pdbx_unobs_or_zero_occ_atoms.label_alt_id 
_pdbx_unobs_or_zero_occ_atoms.label_asym_id 
_pdbx_unobs_or_zero_occ_atoms.label_comp_id 
_pdbx_unobs_or_zero_occ_atoms.label_seq_id 
_pdbx_unobs_or_zero_occ_atoms.label_atom_id 
1  1 Y 0 A GLU 176 ? CD  ? A GLU 23 CD  
2  1 Y 0 A GLU 176 ? OE1 ? A GLU 23 OE1 
3  1 Y 0 A GLU 176 ? OE2 ? A GLU 23 OE2 
4  1 Y 0 A GLU 178 ? CG  ? A GLU 25 CG  
5  1 Y 0 A GLU 178 ? CD  ? A GLU 25 CD  
6  1 Y 0 A GLU 178 ? OE1 ? A GLU 25 OE1 
7  1 Y 0 A GLU 178 ? OE2 ? A GLU 25 OE2 
8  1 Y 0 B GLU 176 ? CD  ? B GLU 23 CD  
9  1 Y 0 B GLU 176 ? OE1 ? B GLU 23 OE1 
10 1 Y 0 B GLU 176 ? OE2 ? B GLU 23 OE2 
11 1 Y 0 B GLU 178 ? CD  ? B GLU 25 CD  
12 1 Y 0 B ARG 179 ? NE  ? B ARG 26 NE  
13 1 Y 0 B ARG 179 ? CZ  ? B ARG 26 CZ  
14 1 Y 0 B ARG 179 ? NH1 ? B ARG 26 NH1 
15 1 Y 0 B ARG 179 ? NH2 ? B ARG 26 NH2 
# 
loop_
_software.citation_id 
_software.classification 
_software.compiler_name 
_software.compiler_version 
_software.contact_author 
_software.contact_author_email 
_software.date 
_software.description 
_software.dependencies 
_software.hardware 
_software.language 
_software.location 
_software.mods 
_software.name 
_software.os 
_software.os_version 
_software.type 
_software.version 
_software.pdbx_ordinal 
? 'data collection' ? ? ? ? ? ? ? ? ? ? ? Blu-Ice ? ? ? .             1 
? 'data reduction'  ? ? ? ? ? ? ? ? ? ? ? XDS     ? ? ? 'Mar 15,2019' 2 
? 'data scaling'    ? ? ? ? ? ? ? ? ? ? ? Aimless ? ? ? 0.7.4         3 
? phasing           ? ? ? ? ? ? ? ? ? ? ? PHASER  ? ? ? 1.17.1-3660   4 
? 'model building'  ? ? ? ? ? ? ? ? ? ? ? PHENIX  ? ? ? 1.17.1-3660   5 
? 'model building'  ? ? ? ? ? ? ? ? ? ? ? Coot    ? ? ? '0.8.9.2 EL'  6 
? refinement        ? ? ? ? ? ? ? ? ? ? ? PHENIX  ? ? ? 1.17.1-3660   7 
# 
_cell.angle_alpha                  90.000 
_cell.angle_alpha_esd              ? 
_cell.angle_beta                   91.389 
_cell.angle_beta_esd               ? 
_cell.angle_gamma                  90.000 
_cell.angle_gamma_esd              ? 
_cell.entry_id                     6W2G 
_cell.details                      ? 
_cell.formula_units_Z              ? 
_cell.length_a                     29.490 
_cell.length_a_esd                 ? 
_cell.length_b                     40.080 
_cell.length_b_esd                 ? 
_cell.length_c                     32.893 
_cell.length_c_esd                 ? 
_cell.volume                       38866.760 
_cell.volume_esd                   ? 
_cell.Z_PDB                        4 
_cell.reciprocal_angle_alpha       ? 
_cell.reciprocal_angle_beta        ? 
_cell.reciprocal_angle_gamma       ? 
_cell.reciprocal_angle_alpha_esd   ? 
_cell.reciprocal_angle_beta_esd    ? 
_cell.reciprocal_angle_gamma_esd   ? 
_cell.reciprocal_length_a          ? 
_cell.reciprocal_length_b          ? 
_cell.reciprocal_length_c          ? 
_cell.reciprocal_length_a_esd      ? 
_cell.reciprocal_length_b_esd      ? 
_cell.reciprocal_length_c_esd      ? 
_cell.pdbx_unique_axis             ? 
# 
_symmetry.entry_id                         6W2G 
_symmetry.cell_setting                     ? 
_symmetry.Int_Tables_number                4 
_symmetry.space_group_name_Hall            'P 2yb' 
_symmetry.space_group_name_H-M             'P 1 21 1' 
_symmetry.pdbx_full_space_group_name_H-M   ? 
# 
_exptl.absorpt_coefficient_mu     ? 
_exptl.absorpt_correction_T_max   ? 
_exptl.absorpt_correction_T_min   ? 
_exptl.absorpt_correction_type    ? 
_exptl.absorpt_process_details    ? 
_exptl.entry_id                   6W2G 
_exptl.crystals_number            1 
_exptl.details                    ? 
_exptl.method                     'X-RAY DIFFRACTION' 
_exptl.method_details             ? 
# 
_exptl_crystal.colour                      ? 
_exptl_crystal.density_diffrn              ? 
_exptl_crystal.density_Matthews            1.76 
_exptl_crystal.density_method              ? 
_exptl_crystal.density_percent_sol         29.94 
_exptl_crystal.description                 ? 
_exptl_crystal.F_000                       ? 
_exptl_crystal.id                          1 
_exptl_crystal.preparation                 ? 
_exptl_crystal.size_max                    ? 
_exptl_crystal.size_mid                    ? 
_exptl_crystal.size_min                    ? 
_exptl_crystal.size_rad                    ? 
_exptl_crystal.colour_lustre               ? 
_exptl_crystal.colour_modifier             ? 
_exptl_crystal.colour_primary              ? 
_exptl_crystal.density_meas                ? 
_exptl_crystal.density_meas_esd            ? 
_exptl_crystal.density_meas_gt             ? 
_exptl_crystal.density_meas_lt             ? 
_exptl_crystal.density_meas_temp           ? 
_exptl_crystal.density_meas_temp_esd       ? 
_exptl_crystal.density_meas_temp_gt        ? 
_exptl_crystal.density_meas_temp_lt        ? 
_exptl_crystal.pdbx_crystal_image_url      ? 
_exptl_crystal.pdbx_crystal_image_format   ? 
_exptl_crystal.pdbx_mosaicity              ? 
_exptl_crystal.pdbx_mosaicity_esd          ? 
# 
_exptl_crystal_grow.apparatus       ? 
_exptl_crystal_grow.atmosphere      ? 
_exptl_crystal_grow.crystal_id      1 
_exptl_crystal_grow.details         ? 
_exptl_crystal_grow.method          'VAPOR DIFFUSION, SITTING DROP' 
_exptl_crystal_grow.method_ref      ? 
_exptl_crystal_grow.pH              ? 
_exptl_crystal_grow.pressure        ? 
_exptl_crystal_grow.pressure_esd    ? 
_exptl_crystal_grow.seeding         ? 
_exptl_crystal_grow.seeding_ref     ? 
_exptl_crystal_grow.temp            293 
_exptl_crystal_grow.temp_details    ? 
_exptl_crystal_grow.temp_esd        ? 
_exptl_crystal_grow.time            ? 
_exptl_crystal_grow.pdbx_details    '0.2M Ammonium sulfate, 0.1M Phosphate-citrate pH 4.2, 40%(v/v) Ethylene glycol' 
_exptl_crystal_grow.pdbx_pH_range   ? 
# 
_diffrn.ambient_environment              ? 
_diffrn.ambient_temp                     100 
_diffrn.ambient_temp_details             ? 
_diffrn.ambient_temp_esd                 ? 
_diffrn.crystal_id                       1 
_diffrn.crystal_support                  ? 
_diffrn.crystal_treatment                ? 
_diffrn.details                          ? 
_diffrn.id                               1 
_diffrn.ambient_pressure                 ? 
_diffrn.ambient_pressure_esd             ? 
_diffrn.ambient_pressure_gt              ? 
_diffrn.ambient_pressure_lt              ? 
_diffrn.ambient_temp_gt                  ? 
_diffrn.ambient_temp_lt                  ? 
_diffrn.pdbx_serial_crystal_experiment   N 
# 
_diffrn_detector.details                      ? 
_diffrn_detector.detector                     PIXEL 
_diffrn_detector.diffrn_id                    1 
_diffrn_detector.type                         'DECTRIS PILATUS 6M' 
_diffrn_detector.area_resol_mean              ? 
_diffrn_detector.dtime                        ? 
_diffrn_detector.pdbx_frames_total            ? 
_diffrn_detector.pdbx_collection_time_total   ? 
_diffrn_detector.pdbx_collection_date         2020-01-29 
_diffrn_detector.pdbx_frequency               ? 
# 
_diffrn_radiation.collimation                      ? 
_diffrn_radiation.diffrn_id                        1 
_diffrn_radiation.filter_edge                      ? 
_diffrn_radiation.inhomogeneity                    ? 
_diffrn_radiation.monochromator                    ? 
_diffrn_radiation.polarisn_norm                    ? 
_diffrn_radiation.polarisn_ratio                   ? 
_diffrn_radiation.probe                            ? 
_diffrn_radiation.type                             ? 
_diffrn_radiation.xray_symbol                      ? 
_diffrn_radiation.wavelength_id                    1 
_diffrn_radiation.pdbx_monochromatic_or_laue_m_l   M 
_diffrn_radiation.pdbx_wavelength_list             ? 
_diffrn_radiation.pdbx_wavelength                  ? 
_diffrn_radiation.pdbx_diffrn_protocol             'SINGLE WAVELENGTH' 
_diffrn_radiation.pdbx_analyzer                    ? 
_diffrn_radiation.pdbx_scattering_type             x-ray 
# 
_diffrn_radiation_wavelength.id           1 
_diffrn_radiation_wavelength.wavelength   1 
_diffrn_radiation_wavelength.wt           1.0 
# 
_diffrn_source.current                     ? 
_diffrn_source.details                     ? 
_diffrn_source.diffrn_id                   1 
_diffrn_source.power                       ? 
_diffrn_source.size                        ? 
_diffrn_source.source                      SYNCHROTRON 
_diffrn_source.target                      ? 
_diffrn_source.type                        'SSRL BEAMLINE BL9-2' 
_diffrn_source.voltage                     ? 
_diffrn_source.take-off_angle              ? 
_diffrn_source.pdbx_wavelength_list        1 
_diffrn_source.pdbx_wavelength             ? 
_diffrn_source.pdbx_synchrotron_beamline   BL9-2 
_diffrn_source.pdbx_synchrotron_site       SSRL 
# 
_reflns.B_iso_Wilson_estimate            6.64 
_reflns.entry_id                         6W2G 
_reflns.data_reduction_details           ? 
_reflns.data_reduction_method            ? 
_reflns.d_resolution_high                1.1 
_reflns.d_resolution_low                 33.88 
_reflns.details                          ? 
_reflns.limit_h_max                      ? 
_reflns.limit_h_min                      ? 
_reflns.limit_k_max                      ? 
_reflns.limit_k_min                      ? 
_reflns.limit_l_max                      ? 
_reflns.limit_l_min                      ? 
_reflns.number_all                       ? 
_reflns.number_obs                       29568 
_reflns.observed_criterion               ? 
_reflns.observed_criterion_F_max         ? 
_reflns.observed_criterion_F_min         ? 
_reflns.observed_criterion_I_max         ? 
_reflns.observed_criterion_I_min         ? 
_reflns.observed_criterion_sigma_F       ? 
_reflns.observed_criterion_sigma_I       ? 
_reflns.percent_possible_obs             94.77 
_reflns.R_free_details                   ? 
_reflns.Rmerge_F_all                     ? 
_reflns.Rmerge_F_obs                     ? 
_reflns.Friedel_coverage                 ? 
_reflns.number_gt                        ? 
_reflns.threshold_expression             ? 
_reflns.pdbx_redundancy                  6.2 
_reflns.pdbx_Rmerge_I_obs                0.01716 
_reflns.pdbx_Rmerge_I_all                ? 
_reflns.pdbx_Rsym_value                  ? 
_reflns.pdbx_netI_over_av_sigmaI         ? 
_reflns.pdbx_netI_over_sigmaI            56.13 
_reflns.pdbx_res_netI_over_av_sigmaI_2   ? 
_reflns.pdbx_res_netI_over_sigmaI_2      ? 
_reflns.pdbx_chi_squared                 ? 
_reflns.pdbx_scaling_rejects             ? 
_reflns.pdbx_d_res_high_opt              ? 
_reflns.pdbx_d_res_low_opt               ? 
_reflns.pdbx_d_res_opt_method            ? 
_reflns.phase_calculation_details        ? 
_reflns.pdbx_Rrim_I_all                  0.01868 
_reflns.pdbx_Rpim_I_all                  0.007273 
_reflns.pdbx_d_opt                       ? 
_reflns.pdbx_number_measured_all         ? 
_reflns.pdbx_diffrn_id                   1 
_reflns.pdbx_ordinal                     1 
_reflns.pdbx_CC_half                     1 
_reflns.pdbx_CC_star                     1 
_reflns.pdbx_R_split                     ? 
# 
_reflns_shell.d_res_high                  1.1 
_reflns_shell.d_res_low                   1.139 
_reflns_shell.meanI_over_sigI_all         ? 
_reflns_shell.meanI_over_sigI_obs         16.63 
_reflns_shell.number_measured_all         ? 
_reflns_shell.number_measured_obs         ? 
_reflns_shell.number_possible             ? 
_reflns_shell.number_unique_all           ? 
_reflns_shell.number_unique_obs           2513 
_reflns_shell.percent_possible_all        81.04 
_reflns_shell.percent_possible_obs        ? 
_reflns_shell.Rmerge_F_all                ? 
_reflns_shell.Rmerge_F_obs                ? 
_reflns_shell.Rmerge_I_all                ? 
_reflns_shell.Rmerge_I_obs                0.07858 
_reflns_shell.meanI_over_sigI_gt          ? 
_reflns_shell.meanI_over_uI_all           ? 
_reflns_shell.meanI_over_uI_gt            ? 
_reflns_shell.number_measured_gt          ? 
_reflns_shell.number_unique_gt            ? 
_reflns_shell.percent_possible_gt         ? 
_reflns_shell.Rmerge_F_gt                 ? 
_reflns_shell.Rmerge_I_gt                 ? 
_reflns_shell.pdbx_redundancy             4.7 
_reflns_shell.pdbx_Rsym_value             ? 
_reflns_shell.pdbx_chi_squared            ? 
_reflns_shell.pdbx_netI_over_sigmaI_all   ? 
_reflns_shell.pdbx_netI_over_sigmaI_obs   ? 
_reflns_shell.pdbx_Rrim_I_all             0.0884 
_reflns_shell.pdbx_Rpim_I_all             0.0396 
_reflns_shell.pdbx_rejects                ? 
_reflns_shell.pdbx_ordinal                1 
_reflns_shell.pdbx_diffrn_id              1 
_reflns_shell.pdbx_CC_half                0.997 
_reflns_shell.pdbx_CC_star                0.999 
_reflns_shell.pdbx_R_split                ? 
# 
_refine.aniso_B[1][1]                            ? 
_refine.aniso_B[1][2]                            ? 
_refine.aniso_B[1][3]                            ? 
_refine.aniso_B[2][2]                            ? 
_refine.aniso_B[2][3]                            ? 
_refine.aniso_B[3][3]                            ? 
_refine.B_iso_max                                ? 
_refine.B_iso_mean                               9.33 
_refine.B_iso_min                                ? 
_refine.correlation_coeff_Fo_to_Fc               ? 
_refine.correlation_coeff_Fo_to_Fc_free          ? 
_refine.details                                  ? 
_refine.diff_density_max                         ? 
_refine.diff_density_max_esd                     ? 
_refine.diff_density_min                         ? 
_refine.diff_density_min_esd                     ? 
_refine.diff_density_rms                         ? 
_refine.diff_density_rms_esd                     ? 
_refine.entry_id                                 6W2G 
_refine.pdbx_refine_id                           'X-RAY DIFFRACTION' 
_refine.ls_abs_structure_details                 ? 
_refine.ls_abs_structure_Flack                   ? 
_refine.ls_abs_structure_Flack_esd               ? 
_refine.ls_abs_structure_Rogers                  ? 
_refine.ls_abs_structure_Rogers_esd              ? 
_refine.ls_d_res_high                            1.10 
_refine.ls_d_res_low                             32.88 
_refine.ls_extinction_coef                       ? 
_refine.ls_extinction_coef_esd                   ? 
_refine.ls_extinction_expression                 ? 
_refine.ls_extinction_method                     ? 
_refine.ls_goodness_of_fit_all                   ? 
_refine.ls_goodness_of_fit_all_esd               ? 
_refine.ls_goodness_of_fit_obs                   ? 
_refine.ls_goodness_of_fit_obs_esd               ? 
_refine.ls_hydrogen_treatment                    ? 
_refine.ls_matrix_type                           ? 
_refine.ls_number_constraints                    ? 
_refine.ls_number_parameters                     ? 
_refine.ls_number_reflns_all                     ? 
_refine.ls_number_reflns_obs                     29568 
_refine.ls_number_reflns_R_free                  1763 
_refine.ls_number_reflns_R_work                  ? 
_refine.ls_number_restraints                     ? 
_refine.ls_percent_reflns_obs                    94.77 
_refine.ls_percent_reflns_R_free                 5.96 
_refine.ls_R_factor_all                          ? 
_refine.ls_R_factor_obs                          0.1399 
_refine.ls_R_factor_R_free                       0.1527 
_refine.ls_R_factor_R_free_error                 ? 
_refine.ls_R_factor_R_free_error_details         ? 
_refine.ls_R_factor_R_work                       0.1391 
_refine.ls_R_Fsqd_factor_obs                     ? 
_refine.ls_R_I_factor_obs                        ? 
_refine.ls_redundancy_reflns_all                 ? 
_refine.ls_redundancy_reflns_obs                 ? 
_refine.ls_restrained_S_all                      ? 
_refine.ls_restrained_S_obs                      ? 
_refine.ls_shift_over_esd_max                    ? 
_refine.ls_shift_over_esd_mean                   ? 
_refine.ls_structure_factor_coef                 ? 
_refine.ls_weighting_details                     ? 
_refine.ls_weighting_scheme                      ? 
_refine.ls_wR_factor_all                         ? 
_refine.ls_wR_factor_obs                         ? 
_refine.ls_wR_factor_R_free                      ? 
_refine.ls_wR_factor_R_work                      ? 
_refine.occupancy_max                            ? 
_refine.occupancy_min                            ? 
_refine.solvent_model_details                    ? 
_refine.solvent_model_param_bsol                 ? 
_refine.solvent_model_param_ksol                 ? 
_refine.pdbx_R_complete                          ? 
_refine.ls_R_factor_gt                           ? 
_refine.ls_goodness_of_fit_gt                    ? 
_refine.ls_goodness_of_fit_ref                   ? 
_refine.ls_shift_over_su_max                     ? 
_refine.ls_shift_over_su_max_lt                  ? 
_refine.ls_shift_over_su_mean                    ? 
_refine.ls_shift_over_su_mean_lt                 ? 
_refine.pdbx_ls_sigma_I                          ? 
_refine.pdbx_ls_sigma_F                          1.45 
_refine.pdbx_ls_sigma_Fsqd                       ? 
_refine.pdbx_data_cutoff_high_absF               ? 
_refine.pdbx_data_cutoff_high_rms_absF           ? 
_refine.pdbx_data_cutoff_low_absF                ? 
_refine.pdbx_isotropic_thermal_model             ? 
_refine.pdbx_ls_cross_valid_method               'FREE R-VALUE' 
_refine.pdbx_method_to_determine_struct          'MOLECULAR REPLACEMENT' 
_refine.pdbx_starting_model                      'P43 UBA-1 Y188G Structure Solved by Sulfur SAD' 
_refine.pdbx_stereochemistry_target_values       ? 
_refine.pdbx_R_Free_selection_details            ? 
_refine.pdbx_stereochem_target_val_spec_case     ? 
_refine.pdbx_overall_ESU_R                       ? 
_refine.pdbx_overall_ESU_R_Free                  ? 
_refine.pdbx_solvent_vdw_probe_radii             1.1100 
_refine.pdbx_solvent_ion_probe_radii             ? 
_refine.pdbx_solvent_shrinkage_radii             0.9000 
_refine.pdbx_real_space_R                        ? 
_refine.pdbx_density_correlation                 ? 
_refine.pdbx_pd_number_of_powder_patterns        ? 
_refine.pdbx_pd_number_of_points                 ? 
_refine.pdbx_pd_meas_number_of_points            ? 
_refine.pdbx_pd_proc_ls_prof_R_factor            ? 
_refine.pdbx_pd_proc_ls_prof_wR_factor           ? 
_refine.pdbx_pd_Marquardt_correlation_coeff      ? 
_refine.pdbx_pd_Fsqrd_R_factor                   ? 
_refine.pdbx_pd_ls_matrix_band_width             ? 
_refine.pdbx_overall_phase_error                 14.7979 
_refine.pdbx_overall_SU_R_free_Cruickshank_DPI   ? 
_refine.pdbx_overall_SU_R_free_Blow_DPI          ? 
_refine.pdbx_overall_SU_R_Blow_DPI               ? 
_refine.pdbx_TLS_residual_ADP_flag               ? 
_refine.pdbx_diffrn_id                           1 
_refine.overall_SU_B                             ? 
_refine.overall_SU_ML                            0.0802 
_refine.overall_SU_R_Cruickshank_DPI             ? 
_refine.overall_SU_R_free                        ? 
_refine.overall_FOM_free_R_set                   ? 
_refine.overall_FOM_work_R_set                   ? 
_refine.pdbx_average_fsc_overall                 ? 
_refine.pdbx_average_fsc_work                    ? 
_refine.pdbx_average_fsc_free                    ? 
# 
_refine_hist.pdbx_refine_id                   'X-RAY DIFFRACTION' 
_refine_hist.cycle_id                         LAST 
_refine_hist.details                          ? 
_refine_hist.d_res_high                       1.10 
_refine_hist.d_res_low                        32.88 
_refine_hist.number_atoms_solvent             75 
_refine_hist.number_atoms_total               832 
_refine_hist.number_reflns_all                ? 
_refine_hist.number_reflns_obs                ? 
_refine_hist.number_reflns_R_free             ? 
_refine_hist.number_reflns_R_work             ? 
_refine_hist.R_factor_all                     ? 
_refine_hist.R_factor_obs                     ? 
_refine_hist.R_factor_R_free                  ? 
_refine_hist.R_factor_R_work                  ? 
_refine_hist.pdbx_number_residues_total       ? 
_refine_hist.pdbx_B_iso_mean_ligand           ? 
_refine_hist.pdbx_B_iso_mean_solvent          ? 
_refine_hist.pdbx_number_atoms_protein        745 
_refine_hist.pdbx_number_atoms_nucleic_acid   0 
_refine_hist.pdbx_number_atoms_ligand         12 
_refine_hist.pdbx_number_atoms_lipid          ? 
_refine_hist.pdbx_number_atoms_carb           ? 
_refine_hist.pdbx_pseudo_atom_details         ? 
# 
loop_
_refine_ls_restr.pdbx_refine_id 
_refine_ls_restr.criterion 
_refine_ls_restr.dev_ideal 
_refine_ls_restr.dev_ideal_target 
_refine_ls_restr.number 
_refine_ls_restr.rejects 
_refine_ls_restr.type 
_refine_ls_restr.weight 
_refine_ls_restr.pdbx_restraint_function 
'X-RAY DIFFRACTION' ? 0.0083  ? 771  ? f_bond_d           ? ? 
'X-RAY DIFFRACTION' ? 1.0356  ? 1039 ? f_angle_d          ? ? 
'X-RAY DIFFRACTION' ? 0.0766  ? 119  ? f_chiral_restr     ? ? 
'X-RAY DIFFRACTION' ? 0.0068  ? 135  ? f_plane_restr      ? ? 
'X-RAY DIFFRACTION' ? 17.4720 ? 116  ? f_dihedral_angle_d ? ? 
# 
loop_
_refine_ls_shell.pdbx_refine_id 
_refine_ls_shell.d_res_high 
_refine_ls_shell.d_res_low 
_refine_ls_shell.number_reflns_all 
_refine_ls_shell.number_reflns_obs 
_refine_ls_shell.number_reflns_R_free 
_refine_ls_shell.number_reflns_R_work 
_refine_ls_shell.percent_reflns_obs 
_refine_ls_shell.percent_reflns_R_free 
_refine_ls_shell.R_factor_all 
_refine_ls_shell.R_factor_obs 
_refine_ls_shell.R_factor_R_free 
_refine_ls_shell.R_factor_R_free_error 
_refine_ls_shell.R_factor_R_work 
_refine_ls_shell.redundancy_reflns_all 
_refine_ls_shell.redundancy_reflns_obs 
_refine_ls_shell.wR_factor_all 
_refine_ls_shell.wR_factor_obs 
_refine_ls_shell.wR_factor_R_free 
_refine_ls_shell.wR_factor_R_work 
_refine_ls_shell.pdbx_R_complete 
_refine_ls_shell.pdbx_total_number_of_bins_used 
_refine_ls_shell.pdbx_phase_error 
_refine_ls_shell.pdbx_fsc_work 
_refine_ls_shell.pdbx_fsc_free 
'X-RAY DIFFRACTION' 1.10 1.13  . . 113 1785 79.75 . . . 0.1695 . 0.1592 . . . . . . . . . . . 
'X-RAY DIFFRACTION' 1.13 1.16  . . 125 1997 90.14 . . . 0.1842 . 0.1499 . . . . . . . . . . . 
'X-RAY DIFFRACTION' 1.16 1.20  . . 140 2094 93.01 . . . 0.1513 . 0.1399 . . . . . . . . . . . 
'X-RAY DIFFRACTION' 1.20 1.24  . . 129 2110 92.87 . . . 0.1463 . 0.1400 . . . . . . . . . . . 
'X-RAY DIFFRACTION' 1.24 1.29  . . 125 2094 93.35 . . . 0.1546 . 0.1363 . . . . . . . . . . . 
'X-RAY DIFFRACTION' 1.29 1.35  . . 138 2178 97.07 . . . 0.1504 . 0.1331 . . . . . . . . . . . 
'X-RAY DIFFRACTION' 1.35 1.42  . . 135 2184 96.34 . . . 0.1597 . 0.1342 . . . . . . . . . . . 
'X-RAY DIFFRACTION' 1.42 1.51  . . 141 2164 96.93 . . . 0.1476 . 0.1244 . . . . . . . . . . . 
'X-RAY DIFFRACTION' 1.51 1.63  . . 147 2230 98.75 . . . 0.1470 . 0.1225 . . . . . . . . . . . 
'X-RAY DIFFRACTION' 1.63 1.79  . . 140 2186 97.16 . . . 0.1294 . 0.1259 . . . . . . . . . . . 
'X-RAY DIFFRACTION' 1.79 2.05  . . 143 2256 99.38 . . . 0.1415 . 0.1319 . . . . . . . . . . . 
'X-RAY DIFFRACTION' 2.05 2.59  . . 142 2237 98.27 . . . 0.1408 . 0.1372 . . . . . . . . . . . 
'X-RAY DIFFRACTION' 2.59 32.88 . . 145 2290 98.74 . . . 0.1719 . 0.1560 . . . . . . . . . . . 
# 
_struct.entry_id                     6W2G 
_struct.title                        
'Crystal Structure of Y188G Variant of the Internal UBA Domain of HHR23A in Monoclinic Unit Cell' 
_struct.pdbx_model_details           ? 
_struct.pdbx_formula_weight          ? 
_struct.pdbx_formula_weight_method   ? 
_struct.pdbx_model_type_details      ? 
_struct.pdbx_CASP_flag               N 
# 
_struct_keywords.entry_id        6W2G 
_struct_keywords.text            'Ubiquitin Associated Domain, UBA Domain, DNA Binding Protein, Helical Bundle' 
_struct_keywords.pdbx_keywords   'DNA BINDING PROTEIN' 
# 
loop_
_struct_asym.id 
_struct_asym.pdbx_blank_PDB_chainid_flag 
_struct_asym.pdbx_modified 
_struct_asym.entity_id 
_struct_asym.details 
A N N 1 ? 
B N N 1 ? 
C N N 2 ? 
D N N 2 ? 
E N N 2 ? 
F N N 3 ? 
G N N 3 ? 
# 
_struct_ref.id                         1 
_struct_ref.db_name                    UNP 
_struct_ref.db_code                    RD23A_HUMAN 
_struct_ref.pdbx_db_accession          P54725 
_struct_ref.pdbx_db_isoform            P54725-2 
_struct_ref.entity_id                  1 
_struct_ref.pdbx_seq_one_letter_code   STLVTGSEYETMLTEIMSMGYERERVVAALRASYNNPHRAVEYLLTGIPG 
_struct_ref.pdbx_align_begin           155 
# 
loop_
_struct_ref_seq.align_id 
_struct_ref_seq.ref_id 
_struct_ref_seq.pdbx_PDB_id_code 
_struct_ref_seq.pdbx_strand_id 
_struct_ref_seq.seq_align_beg 
_struct_ref_seq.pdbx_seq_align_beg_ins_code 
_struct_ref_seq.seq_align_end 
_struct_ref_seq.pdbx_seq_align_end_ins_code 
_struct_ref_seq.pdbx_db_accession 
_struct_ref_seq.db_align_beg 
_struct_ref_seq.pdbx_db_align_beg_ins_code 
_struct_ref_seq.db_align_end 
_struct_ref_seq.pdbx_db_align_end_ins_code 
_struct_ref_seq.pdbx_auth_seq_align_beg 
_struct_ref_seq.pdbx_auth_seq_align_end 
1 1 6W2G A 2 ? 51 ? P54725 155 ? 204 ? 155 204 
2 1 6W2G B 2 ? 51 ? P54725 155 ? 204 ? 155 204 
# 
loop_
_struct_ref_seq_dif.align_id 
_struct_ref_seq_dif.pdbx_pdb_id_code 
_struct_ref_seq_dif.mon_id 
_struct_ref_seq_dif.pdbx_pdb_strand_id 
_struct_ref_seq_dif.seq_num 
_struct_ref_seq_dif.pdbx_pdb_ins_code 
_struct_ref_seq_dif.pdbx_seq_db_name 
_struct_ref_seq_dif.pdbx_seq_db_accession_code 
_struct_ref_seq_dif.db_mon_id 
_struct_ref_seq_dif.pdbx_seq_db_seq_num 
_struct_ref_seq_dif.details 
_struct_ref_seq_dif.pdbx_auth_seq_num 
_struct_ref_seq_dif.pdbx_ordinal 
1 6W2G GLY A 1  ? UNP P54725 ?   ?   'expression tag'      154 1 
1 6W2G GLY A 35 ? UNP P54725 TYR 188 'engineered mutation' 188 2 
2 6W2G GLY B 1  ? UNP P54725 ?   ?   'expression tag'      154 3 
2 6W2G GLY B 35 ? UNP P54725 TYR 188 'engineered mutation' 188 4 
# 
loop_
_pdbx_struct_assembly.id 
_pdbx_struct_assembly.details 
_pdbx_struct_assembly.method_details 
_pdbx_struct_assembly.oligomeric_details 
_pdbx_struct_assembly.oligomeric_count 
1 author_and_software_defined_assembly PISA monomeric 1 
2 author_and_software_defined_assembly PISA monomeric 1 
# 
loop_
_pdbx_struct_assembly_gen.assembly_id 
_pdbx_struct_assembly_gen.oper_expression 
_pdbx_struct_assembly_gen.asym_id_list 
1 1 A,C,F   
2 1 B,D,E,G 
# 
_pdbx_struct_assembly_auth_evidence.id                     1 
_pdbx_struct_assembly_auth_evidence.assembly_id            1 
_pdbx_struct_assembly_auth_evidence.experimental_support   none 
_pdbx_struct_assembly_auth_evidence.details                ? 
# 
_pdbx_struct_oper_list.id                   1 
_pdbx_struct_oper_list.type                 'identity operation' 
_pdbx_struct_oper_list.name                 1_555 
_pdbx_struct_oper_list.symmetry_operation   x,y,z 
_pdbx_struct_oper_list.matrix[1][1]         1.0000000000 
_pdbx_struct_oper_list.matrix[1][2]         0.0000000000 
_pdbx_struct_oper_list.matrix[1][3]         0.0000000000 
_pdbx_struct_oper_list.vector[1]            0.0000000000 
_pdbx_struct_oper_list.matrix[2][1]         0.0000000000 
_pdbx_struct_oper_list.matrix[2][2]         1.0000000000 
_pdbx_struct_oper_list.matrix[2][3]         0.0000000000 
_pdbx_struct_oper_list.vector[2]            0.0000000000 
_pdbx_struct_oper_list.matrix[3][1]         0.0000000000 
_pdbx_struct_oper_list.matrix[3][2]         0.0000000000 
_pdbx_struct_oper_list.matrix[3][3]         1.0000000000 
_pdbx_struct_oper_list.vector[3]            0.0000000000 
# 
loop_
_struct_conf.conf_type_id 
_struct_conf.id 
_struct_conf.pdbx_PDB_helix_id 
_struct_conf.beg_label_comp_id 
_struct_conf.beg_label_asym_id 
_struct_conf.beg_label_seq_id 
_struct_conf.pdbx_beg_PDB_ins_code 
_struct_conf.end_label_comp_id 
_struct_conf.end_label_asym_id 
_struct_conf.end_label_seq_id 
_struct_conf.pdbx_end_PDB_ins_code 
_struct_conf.beg_auth_comp_id 
_struct_conf.beg_auth_asym_id 
_struct_conf.beg_auth_seq_id 
_struct_conf.end_auth_comp_id 
_struct_conf.end_auth_asym_id 
_struct_conf.end_auth_seq_id 
_struct_conf.pdbx_PDB_helix_class 
_struct_conf.details 
_struct_conf.pdbx_PDB_helix_length 
HELX_P HELX_P1 AA1 THR A 6  ? SER A 19 ? THR A 159 SER A 172 1 ? 14 
HELX_P HELX_P2 AA2 GLU A 23 ? SER A 34 ? GLU A 176 SER A 187 1 ? 12 
HELX_P HELX_P3 AA3 ASN A 37 ? GLY A 48 ? ASN A 190 GLY A 201 1 ? 12 
HELX_P HELX_P4 AA4 THR B 6  ? SER B 19 ? THR B 159 SER B 172 1 ? 14 
HELX_P HELX_P5 AA5 GLU B 23 ? SER B 34 ? GLU B 176 SER B 187 1 ? 12 
HELX_P HELX_P6 AA6 ASN B 37 ? GLY B 48 ? ASN B 190 GLY B 201 1 ? 12 
# 
_struct_conf_type.id          HELX_P 
_struct_conf_type.criteria    ? 
_struct_conf_type.reference   ? 
# 
loop_
_struct_site.id 
_struct_site.pdbx_evidence_code 
_struct_site.pdbx_auth_asym_id 
_struct_site.pdbx_auth_comp_id 
_struct_site.pdbx_auth_seq_id 
_struct_site.pdbx_auth_ins_code 
_struct_site.pdbx_num_residues 
_struct_site.details 
AC1 Software A EDO 301 ? 6 'binding site for residue EDO A 301' 
AC2 Software B EDO 301 ? 5 'binding site for residue EDO B 301' 
AC3 Software B EDO 302 ? 4 'binding site for residue EDO B 302' 
# 
loop_
_struct_site_gen.id 
_struct_site_gen.site_id 
_struct_site_gen.pdbx_num_res 
_struct_site_gen.label_comp_id 
_struct_site_gen.label_asym_id 
_struct_site_gen.label_seq_id 
_struct_site_gen.pdbx_auth_ins_code 
_struct_site_gen.auth_comp_id 
_struct_site_gen.auth_asym_id 
_struct_site_gen.auth_seq_id 
_struct_site_gen.label_atom_id 
_struct_site_gen.label_alt_id 
_struct_site_gen.symmetry 
_struct_site_gen.details 
1  AC1 6 GLU A 43 ? GLU A 196 . ? 1_555 ? 
2  AC1 6 THR A 47 ? THR A 200 . ? 1_555 ? 
3  AC1 6 GLY A 48 ? GLY A 201 . ? 1_555 ? 
4  AC1 6 HOH F .  ? HOH A 426 . ? 1_555 ? 
5  AC1 6 PRO B 38 ? PRO B 191 . ? 1_455 ? 
6  AC1 6 HIS B 39 ? HIS B 192 . ? 1_455 ? 
7  AC2 5 MET B 20 ? MET B 173 . ? 1_555 ? 
8  AC2 5 GLY B 21 ? GLY B 174 . ? 1_555 ? 
9  AC2 5 TYR B 22 ? TYR B 175 . ? 1_555 ? 
10 AC2 5 HOH G .  ? HOH B 415 . ? 1_555 ? 
11 AC2 5 HOH G .  ? HOH B 425 . ? 1_555 ? 
12 AC3 4 THR A 15 ? THR A 168 . ? 1_554 ? 
13 AC3 4 ARG B 32 ? ARG B 185 . ? 1_555 ? 
14 AC3 4 HOH G .  ? HOH B 404 . ? 1_555 ? 
15 AC3 4 HOH G .  ? HOH B 409 . ? 1_555 ? 
# 
loop_
_space_group_symop.id 
_space_group_symop.operation_xyz 
1 x,y,z       
2 -x,y+1/2,-z 
# 
_pdbx_entry_details.entry_id                 6W2G 
_pdbx_entry_details.has_ligand_of_interest   N 
_pdbx_entry_details.compound_details         ? 
_pdbx_entry_details.source_details           ? 
_pdbx_entry_details.nonpolymer_details       ? 
_pdbx_entry_details.sequence_details         ? 
# 
loop_
_pdbx_unobs_or_zero_occ_residues.id 
_pdbx_unobs_or_zero_occ_residues.PDB_model_num 
_pdbx_unobs_or_zero_occ_residues.polymer_flag 
_pdbx_unobs_or_zero_occ_residues.occupancy_flag 
_pdbx_unobs_or_zero_occ_residues.auth_asym_id 
_pdbx_unobs_or_zero_occ_residues.auth_comp_id 
_pdbx_unobs_or_zero_occ_residues.auth_seq_id 
_pdbx_unobs_or_zero_occ_residues.PDB_ins_code 
_pdbx_unobs_or_zero_occ_residues.label_asym_id 
_pdbx_unobs_or_zero_occ_residues.label_comp_id 
_pdbx_unobs_or_zero_occ_residues.label_seq_id 
1 1 Y 1 A GLY 154 ? A GLY 1 
2 1 Y 1 A SER 155 ? A SER 2 
3 1 Y 1 B GLY 154 ? B GLY 1 
4 1 Y 1 B SER 155 ? B SER 2 
5 1 Y 1 B THR 156 ? B THR 3 
# 
loop_
_chem_comp_atom.comp_id 
_chem_comp_atom.atom_id 
_chem_comp_atom.type_symbol 
_chem_comp_atom.pdbx_aromatic_flag 
_chem_comp_atom.pdbx_stereo_config 
_chem_comp_atom.pdbx_ordinal 
ALA N    N N N 1   
ALA CA   C N S 2   
ALA C    C N N 3   
ALA O    O N N 4   
ALA CB   C N N 5   
ALA OXT  O N N 6   
ALA H    H N N 7   
ALA H2   H N N 8   
ALA HA   H N N 9   
ALA HB1  H N N 10  
ALA HB2  H N N 11  
ALA HB3  H N N 12  
ALA HXT  H N N 13  
ARG N    N N N 14  
ARG CA   C N S 15  
ARG C    C N N 16  
ARG O    O N N 17  
ARG CB   C N N 18  
ARG CG   C N N 19  
ARG CD   C N N 20  
ARG NE   N N N 21  
ARG CZ   C N N 22  
ARG NH1  N N N 23  
ARG NH2  N N N 24  
ARG OXT  O N N 25  
ARG H    H N N 26  
ARG H2   H N N 27  
ARG HA   H N N 28  
ARG HB2  H N N 29  
ARG HB3  H N N 30  
ARG HG2  H N N 31  
ARG HG3  H N N 32  
ARG HD2  H N N 33  
ARG HD3  H N N 34  
ARG HE   H N N 35  
ARG HH11 H N N 36  
ARG HH12 H N N 37  
ARG HH21 H N N 38  
ARG HH22 H N N 39  
ARG HXT  H N N 40  
ASN N    N N N 41  
ASN CA   C N S 42  
ASN C    C N N 43  
ASN O    O N N 44  
ASN CB   C N N 45  
ASN CG   C N N 46  
ASN OD1  O N N 47  
ASN ND2  N N N 48  
ASN OXT  O N N 49  
ASN H    H N N 50  
ASN H2   H N N 51  
ASN HA   H N N 52  
ASN HB2  H N N 53  
ASN HB3  H N N 54  
ASN HD21 H N N 55  
ASN HD22 H N N 56  
ASN HXT  H N N 57  
EDO C1   C N N 58  
EDO O1   O N N 59  
EDO C2   C N N 60  
EDO O2   O N N 61  
EDO H11  H N N 62  
EDO H12  H N N 63  
EDO HO1  H N N 64  
EDO H21  H N N 65  
EDO H22  H N N 66  
EDO HO2  H N N 67  
GLU N    N N N 68  
GLU CA   C N S 69  
GLU C    C N N 70  
GLU O    O N N 71  
GLU CB   C N N 72  
GLU CG   C N N 73  
GLU CD   C N N 74  
GLU OE1  O N N 75  
GLU OE2  O N N 76  
GLU OXT  O N N 77  
GLU H    H N N 78  
GLU H2   H N N 79  
GLU HA   H N N 80  
GLU HB2  H N N 81  
GLU HB3  H N N 82  
GLU HG2  H N N 83  
GLU HG3  H N N 84  
GLU HE2  H N N 85  
GLU HXT  H N N 86  
GLY N    N N N 87  
GLY CA   C N N 88  
GLY C    C N N 89  
GLY O    O N N 90  
GLY OXT  O N N 91  
GLY H    H N N 92  
GLY H2   H N N 93  
GLY HA2  H N N 94  
GLY HA3  H N N 95  
GLY HXT  H N N 96  
HIS N    N N N 97  
HIS CA   C N S 98  
HIS C    C N N 99  
HIS O    O N N 100 
HIS CB   C N N 101 
HIS CG   C Y N 102 
HIS ND1  N Y N 103 
HIS CD2  C Y N 104 
HIS CE1  C Y N 105 
HIS NE2  N Y N 106 
HIS OXT  O N N 107 
HIS H    H N N 108 
HIS H2   H N N 109 
HIS HA   H N N 110 
HIS HB2  H N N 111 
HIS HB3  H N N 112 
HIS HD1  H N N 113 
HIS HD2  H N N 114 
HIS HE1  H N N 115 
HIS HE2  H N N 116 
HIS HXT  H N N 117 
HOH O    O N N 118 
HOH H1   H N N 119 
HOH H2   H N N 120 
ILE N    N N N 121 
ILE CA   C N S 122 
ILE C    C N N 123 
ILE O    O N N 124 
ILE CB   C N S 125 
ILE CG1  C N N 126 
ILE CG2  C N N 127 
ILE CD1  C N N 128 
ILE OXT  O N N 129 
ILE H    H N N 130 
ILE H2   H N N 131 
ILE HA   H N N 132 
ILE HB   H N N 133 
ILE HG12 H N N 134 
ILE HG13 H N N 135 
ILE HG21 H N N 136 
ILE HG22 H N N 137 
ILE HG23 H N N 138 
ILE HD11 H N N 139 
ILE HD12 H N N 140 
ILE HD13 H N N 141 
ILE HXT  H N N 142 
LEU N    N N N 143 
LEU CA   C N S 144 
LEU C    C N N 145 
LEU O    O N N 146 
LEU CB   C N N 147 
LEU CG   C N N 148 
LEU CD1  C N N 149 
LEU CD2  C N N 150 
LEU OXT  O N N 151 
LEU H    H N N 152 
LEU H2   H N N 153 
LEU HA   H N N 154 
LEU HB2  H N N 155 
LEU HB3  H N N 156 
LEU HG   H N N 157 
LEU HD11 H N N 158 
LEU HD12 H N N 159 
LEU HD13 H N N 160 
LEU HD21 H N N 161 
LEU HD22 H N N 162 
LEU HD23 H N N 163 
LEU HXT  H N N 164 
MET N    N N N 165 
MET CA   C N S 166 
MET C    C N N 167 
MET O    O N N 168 
MET CB   C N N 169 
MET CG   C N N 170 
MET SD   S N N 171 
MET CE   C N N 172 
MET OXT  O N N 173 
MET H    H N N 174 
MET H2   H N N 175 
MET HA   H N N 176 
MET HB2  H N N 177 
MET HB3  H N N 178 
MET HG2  H N N 179 
MET HG3  H N N 180 
MET HE1  H N N 181 
MET HE2  H N N 182 
MET HE3  H N N 183 
MET HXT  H N N 184 
PRO N    N N N 185 
PRO CA   C N S 186 
PRO C    C N N 187 
PRO O    O N N 188 
PRO CB   C N N 189 
PRO CG   C N N 190 
PRO CD   C N N 191 
PRO OXT  O N N 192 
PRO H    H N N 193 
PRO HA   H N N 194 
PRO HB2  H N N 195 
PRO HB3  H N N 196 
PRO HG2  H N N 197 
PRO HG3  H N N 198 
PRO HD2  H N N 199 
PRO HD3  H N N 200 
PRO HXT  H N N 201 
SER N    N N N 202 
SER CA   C N S 203 
SER C    C N N 204 
SER O    O N N 205 
SER CB   C N N 206 
SER OG   O N N 207 
SER OXT  O N N 208 
SER H    H N N 209 
SER H2   H N N 210 
SER HA   H N N 211 
SER HB2  H N N 212 
SER HB3  H N N 213 
SER HG   H N N 214 
SER HXT  H N N 215 
THR N    N N N 216 
THR CA   C N S 217 
THR C    C N N 218 
THR O    O N N 219 
THR CB   C N R 220 
THR OG1  O N N 221 
THR CG2  C N N 222 
THR OXT  O N N 223 
THR H    H N N 224 
THR H2   H N N 225 
THR HA   H N N 226 
THR HB   H N N 227 
THR HG1  H N N 228 
THR HG21 H N N 229 
THR HG22 H N N 230 
THR HG23 H N N 231 
THR HXT  H N N 232 
TYR N    N N N 233 
TYR CA   C N S 234 
TYR C    C N N 235 
TYR O    O N N 236 
TYR CB   C N N 237 
TYR CG   C Y N 238 
TYR CD1  C Y N 239 
TYR CD2  C Y N 240 
TYR CE1  C Y N 241 
TYR CE2  C Y N 242 
TYR CZ   C Y N 243 
TYR OH   O N N 244 
TYR OXT  O N N 245 
TYR H    H N N 246 
TYR H2   H N N 247 
TYR HA   H N N 248 
TYR HB2  H N N 249 
TYR HB3  H N N 250 
TYR HD1  H N N 251 
TYR HD2  H N N 252 
TYR HE1  H N N 253 
TYR HE2  H N N 254 
TYR HH   H N N 255 
TYR HXT  H N N 256 
VAL N    N N N 257 
VAL CA   C N S 258 
VAL C    C N N 259 
VAL O    O N N 260 
VAL CB   C N N 261 
VAL CG1  C N N 262 
VAL CG2  C N N 263 
VAL OXT  O N N 264 
VAL H    H N N 265 
VAL H2   H N N 266 
VAL HA   H N N 267 
VAL HB   H N N 268 
VAL HG11 H N N 269 
VAL HG12 H N N 270 
VAL HG13 H N N 271 
VAL HG21 H N N 272 
VAL HG22 H N N 273 
VAL HG23 H N N 274 
VAL HXT  H N N 275 
# 
loop_
_chem_comp_bond.comp_id 
_chem_comp_bond.atom_id_1 
_chem_comp_bond.atom_id_2 
_chem_comp_bond.value_order 
_chem_comp_bond.pdbx_aromatic_flag 
_chem_comp_bond.pdbx_stereo_config 
_chem_comp_bond.pdbx_ordinal 
ALA N   CA   sing N N 1   
ALA N   H    sing N N 2   
ALA N   H2   sing N N 3   
ALA CA  C    sing N N 4   
ALA CA  CB   sing N N 5   
ALA CA  HA   sing N N 6   
ALA C   O    doub N N 7   
ALA C   OXT  sing N N 8   
ALA CB  HB1  sing N N 9   
ALA CB  HB2  sing N N 10  
ALA CB  HB3  sing N N 11  
ALA OXT HXT  sing N N 12  
ARG N   CA   sing N N 13  
ARG N   H    sing N N 14  
ARG N   H2   sing N N 15  
ARG CA  C    sing N N 16  
ARG CA  CB   sing N N 17  
ARG CA  HA   sing N N 18  
ARG C   O    doub N N 19  
ARG C   OXT  sing N N 20  
ARG CB  CG   sing N N 21  
ARG CB  HB2  sing N N 22  
ARG CB  HB3  sing N N 23  
ARG CG  CD   sing N N 24  
ARG CG  HG2  sing N N 25  
ARG CG  HG3  sing N N 26  
ARG CD  NE   sing N N 27  
ARG CD  HD2  sing N N 28  
ARG CD  HD3  sing N N 29  
ARG NE  CZ   sing N N 30  
ARG NE  HE   sing N N 31  
ARG CZ  NH1  sing N N 32  
ARG CZ  NH2  doub N N 33  
ARG NH1 HH11 sing N N 34  
ARG NH1 HH12 sing N N 35  
ARG NH2 HH21 sing N N 36  
ARG NH2 HH22 sing N N 37  
ARG OXT HXT  sing N N 38  
ASN N   CA   sing N N 39  
ASN N   H    sing N N 40  
ASN N   H2   sing N N 41  
ASN CA  C    sing N N 42  
ASN CA  CB   sing N N 43  
ASN CA  HA   sing N N 44  
ASN C   O    doub N N 45  
ASN C   OXT  sing N N 46  
ASN CB  CG   sing N N 47  
ASN CB  HB2  sing N N 48  
ASN CB  HB3  sing N N 49  
ASN CG  OD1  doub N N 50  
ASN CG  ND2  sing N N 51  
ASN ND2 HD21 sing N N 52  
ASN ND2 HD22 sing N N 53  
ASN OXT HXT  sing N N 54  
EDO C1  O1   sing N N 55  
EDO C1  C2   sing N N 56  
EDO C1  H11  sing N N 57  
EDO C1  H12  sing N N 58  
EDO O1  HO1  sing N N 59  
EDO C2  O2   sing N N 60  
EDO C2  H21  sing N N 61  
EDO C2  H22  sing N N 62  
EDO O2  HO2  sing N N 63  
GLU N   CA   sing N N 64  
GLU N   H    sing N N 65  
GLU N   H2   sing N N 66  
GLU CA  C    sing N N 67  
GLU CA  CB   sing N N 68  
GLU CA  HA   sing N N 69  
GLU C   O    doub N N 70  
GLU C   OXT  sing N N 71  
GLU CB  CG   sing N N 72  
GLU CB  HB2  sing N N 73  
GLU CB  HB3  sing N N 74  
GLU CG  CD   sing N N 75  
GLU CG  HG2  sing N N 76  
GLU CG  HG3  sing N N 77  
GLU CD  OE1  doub N N 78  
GLU CD  OE2  sing N N 79  
GLU OE2 HE2  sing N N 80  
GLU OXT HXT  sing N N 81  
GLY N   CA   sing N N 82  
GLY N   H    sing N N 83  
GLY N   H2   sing N N 84  
GLY CA  C    sing N N 85  
GLY CA  HA2  sing N N 86  
GLY CA  HA3  sing N N 87  
GLY C   O    doub N N 88  
GLY C   OXT  sing N N 89  
GLY OXT HXT  sing N N 90  
HIS N   CA   sing N N 91  
HIS N   H    sing N N 92  
HIS N   H2   sing N N 93  
HIS CA  C    sing N N 94  
HIS CA  CB   sing N N 95  
HIS CA  HA   sing N N 96  
HIS C   O    doub N N 97  
HIS C   OXT  sing N N 98  
HIS CB  CG   sing N N 99  
HIS CB  HB2  sing N N 100 
HIS CB  HB3  sing N N 101 
HIS CG  ND1  sing Y N 102 
HIS CG  CD2  doub Y N 103 
HIS ND1 CE1  doub Y N 104 
HIS ND1 HD1  sing N N 105 
HIS CD2 NE2  sing Y N 106 
HIS CD2 HD2  sing N N 107 
HIS CE1 NE2  sing Y N 108 
HIS CE1 HE1  sing N N 109 
HIS NE2 HE2  sing N N 110 
HIS OXT HXT  sing N N 111 
HOH O   H1   sing N N 112 
HOH O   H2   sing N N 113 
ILE N   CA   sing N N 114 
ILE N   H    sing N N 115 
ILE N   H2   sing N N 116 
ILE CA  C    sing N N 117 
ILE CA  CB   sing N N 118 
ILE CA  HA   sing N N 119 
ILE C   O    doub N N 120 
ILE C   OXT  sing N N 121 
ILE CB  CG1  sing N N 122 
ILE CB  CG2  sing N N 123 
ILE CB  HB   sing N N 124 
ILE CG1 CD1  sing N N 125 
ILE CG1 HG12 sing N N 126 
ILE CG1 HG13 sing N N 127 
ILE CG2 HG21 sing N N 128 
ILE CG2 HG22 sing N N 129 
ILE CG2 HG23 sing N N 130 
ILE CD1 HD11 sing N N 131 
ILE CD1 HD12 sing N N 132 
ILE CD1 HD13 sing N N 133 
ILE OXT HXT  sing N N 134 
LEU N   CA   sing N N 135 
LEU N   H    sing N N 136 
LEU N   H2   sing N N 137 
LEU CA  C    sing N N 138 
LEU CA  CB   sing N N 139 
LEU CA  HA   sing N N 140 
LEU C   O    doub N N 141 
LEU C   OXT  sing N N 142 
LEU CB  CG   sing N N 143 
LEU CB  HB2  sing N N 144 
LEU CB  HB3  sing N N 145 
LEU CG  CD1  sing N N 146 
LEU CG  CD2  sing N N 147 
LEU CG  HG   sing N N 148 
LEU CD1 HD11 sing N N 149 
LEU CD1 HD12 sing N N 150 
LEU CD1 HD13 sing N N 151 
LEU CD2 HD21 sing N N 152 
LEU CD2 HD22 sing N N 153 
LEU CD2 HD23 sing N N 154 
LEU OXT HXT  sing N N 155 
MET N   CA   sing N N 156 
MET N   H    sing N N 157 
MET N   H2   sing N N 158 
MET CA  C    sing N N 159 
MET CA  CB   sing N N 160 
MET CA  HA   sing N N 161 
MET C   O    doub N N 162 
MET C   OXT  sing N N 163 
MET CB  CG   sing N N 164 
MET CB  HB2  sing N N 165 
MET CB  HB3  sing N N 166 
MET CG  SD   sing N N 167 
MET CG  HG2  sing N N 168 
MET CG  HG3  sing N N 169 
MET SD  CE   sing N N 170 
MET CE  HE1  sing N N 171 
MET CE  HE2  sing N N 172 
MET CE  HE3  sing N N 173 
MET OXT HXT  sing N N 174 
PRO N   CA   sing N N 175 
PRO N   CD   sing N N 176 
PRO N   H    sing N N 177 
PRO CA  C    sing N N 178 
PRO CA  CB   sing N N 179 
PRO CA  HA   sing N N 180 
PRO C   O    doub N N 181 
PRO C   OXT  sing N N 182 
PRO CB  CG   sing N N 183 
PRO CB  HB2  sing N N 184 
PRO CB  HB3  sing N N 185 
PRO CG  CD   sing N N 186 
PRO CG  HG2  sing N N 187 
PRO CG  HG3  sing N N 188 
PRO CD  HD2  sing N N 189 
PRO CD  HD3  sing N N 190 
PRO OXT HXT  sing N N 191 
SER N   CA   sing N N 192 
SER N   H    sing N N 193 
SER N   H2   sing N N 194 
SER CA  C    sing N N 195 
SER CA  CB   sing N N 196 
SER CA  HA   sing N N 197 
SER C   O    doub N N 198 
SER C   OXT  sing N N 199 
SER CB  OG   sing N N 200 
SER CB  HB2  sing N N 201 
SER CB  HB3  sing N N 202 
SER OG  HG   sing N N 203 
SER OXT HXT  sing N N 204 
THR N   CA   sing N N 205 
THR N   H    sing N N 206 
THR N   H2   sing N N 207 
THR CA  C    sing N N 208 
THR CA  CB   sing N N 209 
THR CA  HA   sing N N 210 
THR C   O    doub N N 211 
THR C   OXT  sing N N 212 
THR CB  OG1  sing N N 213 
THR CB  CG2  sing N N 214 
THR CB  HB   sing N N 215 
THR OG1 HG1  sing N N 216 
THR CG2 HG21 sing N N 217 
THR CG2 HG22 sing N N 218 
THR CG2 HG23 sing N N 219 
THR OXT HXT  sing N N 220 
TYR N   CA   sing N N 221 
TYR N   H    sing N N 222 
TYR N   H2   sing N N 223 
TYR CA  C    sing N N 224 
TYR CA  CB   sing N N 225 
TYR CA  HA   sing N N 226 
TYR C   O    doub N N 227 
TYR C   OXT  sing N N 228 
TYR CB  CG   sing N N 229 
TYR CB  HB2  sing N N 230 
TYR CB  HB3  sing N N 231 
TYR CG  CD1  doub Y N 232 
TYR CG  CD2  sing Y N 233 
TYR CD1 CE1  sing Y N 234 
TYR CD1 HD1  sing N N 235 
TYR CD2 CE2  doub Y N 236 
TYR CD2 HD2  sing N N 237 
TYR CE1 CZ   doub Y N 238 
TYR CE1 HE1  sing N N 239 
TYR CE2 CZ   sing Y N 240 
TYR CE2 HE2  sing N N 241 
TYR CZ  OH   sing N N 242 
TYR OH  HH   sing N N 243 
TYR OXT HXT  sing N N 244 
VAL N   CA   sing N N 245 
VAL N   H    sing N N 246 
VAL N   H2   sing N N 247 
VAL CA  C    sing N N 248 
VAL CA  CB   sing N N 249 
VAL CA  HA   sing N N 250 
VAL C   O    doub N N 251 
VAL C   OXT  sing N N 252 
VAL CB  CG1  sing N N 253 
VAL CB  CG2  sing N N 254 
VAL CB  HB   sing N N 255 
VAL CG1 HG11 sing N N 256 
VAL CG1 HG12 sing N N 257 
VAL CG1 HG13 sing N N 258 
VAL CG2 HG21 sing N N 259 
VAL CG2 HG22 sing N N 260 
VAL CG2 HG23 sing N N 261 
VAL OXT HXT  sing N N 262 
# 
loop_
_pdbx_audit_support.funding_organization 
_pdbx_audit_support.country 
_pdbx_audit_support.grant_number 
_pdbx_audit_support.ordinal 
'National Science Foundation (NSF, United States)'                                         'United States' MCB-1412164 1 
'National Institutes of Health/National Institute of General Medical Sciences (NIH/NIGMS)' 'United States' P20GM103546 2 
# 
_pdbx_initial_refinement_model.accession_code   ? 
_pdbx_initial_refinement_model.id               1 
_pdbx_initial_refinement_model.entity_id_list   ? 
_pdbx_initial_refinement_model.type             'experimental model' 
_pdbx_initial_refinement_model.source_name      Other 
_pdbx_initial_refinement_model.details          'P43 UBA-1 Y188G Structure Solved by Sulfur SAD' 
# 
_space_group.name_H-M_alt     'P 1 21 1' 
_space_group.name_Hall        'P 2yb' 
_space_group.IT_number        4 
_space_group.crystal_system   monoclinic 
_space_group.id               1 
# 
_atom_sites.entry_id                    6W2G 
_atom_sites.Cartn_transf_matrix[1][1]   ? 
_atom_sites.Cartn_transf_matrix[1][2]   ? 
_atom_sites.Cartn_transf_matrix[1][3]   ? 
_atom_sites.Cartn_transf_matrix[2][1]   ? 
_atom_sites.Cartn_transf_matrix[2][2]   ? 
_atom_sites.Cartn_transf_matrix[2][3]   ? 
_atom_sites.Cartn_transf_matrix[3][1]   ? 
_atom_sites.Cartn_transf_matrix[3][2]   ? 
_atom_sites.Cartn_transf_matrix[3][3]   ? 
_atom_sites.Cartn_transf_vector[1]      ? 
_atom_sites.Cartn_transf_vector[2]      ? 
_atom_sites.Cartn_transf_vector[3]      ? 
_atom_sites.fract_transf_matrix[1][1]   -0.02150881 
_atom_sites.fract_transf_matrix[1][2]   -0.01371713 
_atom_sites.fract_transf_matrix[1][3]   0.02235565 
_atom_sites.fract_transf_matrix[2][1]   -0.01430546 
_atom_sites.fract_transf_matrix[2][2]   -0.00813307 
_atom_sites.fract_transf_matrix[2][3]   -0.01875391 
_atom_sites.fract_transf_matrix[3][1]   0.01530557 
_atom_sites.fract_transf_matrix[3][2]   -0.02627718 
_atom_sites.fract_transf_matrix[3][3]   -0.00027936 
_atom_sites.fract_transf_vector[1]      -0.213797 
_atom_sites.fract_transf_vector[2]      0.051509 
_atom_sites.fract_transf_vector[3]      -0.196541 
_atom_sites.solution_primary            ? 
_atom_sites.solution_secondary          ? 
_atom_sites.solution_hydrogens          ? 
_atom_sites.special_details             ? 
# 
loop_
_atom_type.symbol 
_atom_type.scat_dispersion_real 
_atom_type.scat_dispersion_imag 
_atom_type.scat_Cromer_Mann_a1 
_atom_type.scat_Cromer_Mann_a2 
_atom_type.scat_Cromer_Mann_a3 
_atom_type.scat_Cromer_Mann_a4 
_atom_type.scat_Cromer_Mann_b1 
_atom_type.scat_Cromer_Mann_b2 
_atom_type.scat_Cromer_Mann_b3 
_atom_type.scat_Cromer_Mann_b4 
_atom_type.scat_Cromer_Mann_c 
_atom_type.scat_source 
_atom_type.scat_dispersion_source 
C ? ? 3.54356 2.42580 ? ? 25.62398 1.50364  ? ? 0.0 
;2-Gaussian fit: Grosse-Kunstleve RW, Sauter NK, Adams PD: Newsletter of the IUCr Commission on Crystallographic Computing 2004, 3, 22-31.
;
? 
H ? ? 0.51345 0.48472 ? ? 24.73122 6.32584  ? ? 0.0 
;2-Gaussian fit: Grosse-Kunstleve RW, Sauter NK, Adams PD: Newsletter of the IUCr Commission on Crystallographic Computing 2004, 3, 22-31.
;
? 
N ? ? 4.01032 2.96436 ? ? 19.97189 1.75589  ? ? 0.0 
;2-Gaussian fit: Grosse-Kunstleve RW, Sauter NK, Adams PD: Newsletter of the IUCr Commission on Crystallographic Computing 2004, 3, 22-31.
;
? 
O ? ? 4.49882 3.47563 ? ? 15.80542 1.70748  ? ? 0.0 
;2-Gaussian fit: Grosse-Kunstleve RW, Sauter NK, Adams PD: Newsletter of the IUCr Commission on Crystallographic Computing 2004, 3, 22-31.
;
? 
S ? ? 9.55732 6.39887 ? ? 1.23737  29.19336 ? ? 0.0 
;2-Gaussian fit: Grosse-Kunstleve RW, Sauter NK, Adams PD: Newsletter of the IUCr Commission on Crystallographic Computing 2004, 3, 22-31.
;
? 
# 
loop_
_atom_site.group_PDB 
_atom_site.id 
_atom_site.type_symbol 
_atom_site.label_atom_id 
_atom_site.label_alt_id 
_atom_site.label_comp_id 
_atom_site.label_asym_id 
_atom_site.label_entity_id 
_atom_site.label_seq_id 
_atom_site.pdbx_PDB_ins_code 
_atom_site.Cartn_x 
_atom_site.Cartn_y 
_atom_site.Cartn_z 
_atom_site.occupancy 
_atom_site.B_iso_or_equiv 
_atom_site.pdbx_formal_charge 
_atom_site.auth_seq_id 
_atom_site.auth_comp_id 
_atom_site.auth_asym_id 
_atom_site.auth_atom_id 
_atom_site.pdbx_PDB_model_num 
ATOM   1    N N    . THR A 1 3  ? 12.48446  9.99984   12.02386  1.000 32.64716 ? 156 THR A N    1 
ATOM   2    C CA   . THR A 1 3  ? 11.94403  8.71957   12.46968  1.000 30.71775 ? 156 THR A CA   1 
ATOM   3    C C    . THR A 1 3  ? 12.77282  7.56605   11.93010  1.000 23.39642 ? 156 THR A C    1 
ATOM   4    O O    . THR A 1 3  ? 13.01428  7.47201   10.72220  1.000 23.22514 ? 156 THR A O    1 
ATOM   5    C CB   . THR A 1 3  ? 10.48517  8.52134   12.00066  1.000 36.71259 ? 156 THR A CB   1 
ATOM   6    O OG1  . THR A 1 3  ? 9.60150   9.26792   12.84748  1.000 43.27016 ? 156 THR A OG1  1 
ATOM   7    C CG2  . THR A 1 3  ? 10.10048  7.03938   12.04491  1.000 28.95645 ? 156 THR A CG2  1 
ATOM   8    N N    . LEU A 1 4  ? 13.20558  6.67749   12.81713  1.000 13.37194 ? 157 LEU A N    1 
ATOM   9    C CA   . LEU A 1 4  ? 13.86404  5.44774   12.39467  1.000 10.79231 ? 157 LEU A CA   1 
ATOM   10   C C    . LEU A 1 4  ? 13.02643  4.24724   12.81082  1.000 10.12321 ? 157 LEU A C    1 
ATOM   11   O O    . LEU A 1 4  ? 12.77433  4.03195   13.99844  1.000 11.91901 ? 157 LEU A O    1 
ATOM   12   C CB   . LEU A 1 4  ? 15.25890  5.33779   12.99574  1.000 11.68248 ? 157 LEU A CB   1 
ATOM   13   C CG   . LEU A 1 4  ? 16.28252  6.39277   12.55771  1.000 14.44599 ? 157 LEU A CG   1 
ATOM   14   C CD1  . LEU A 1 4  ? 17.62035  6.07824   13.18820  1.000 19.57956 ? 157 LEU A CD1  1 
ATOM   15   C CD2  . LEU A 1 4  ? 16.40632  6.45360   11.05146  1.000 21.00281 ? 157 LEU A CD2  1 
ATOM   16   H H    . LEU A 1 4  ? 13.12891  6.76531   13.66920  1.000 16.04632 ? 157 LEU A H    1 
ATOM   17   H HA   . LEU A 1 4  ? 13.93263  5.45127   11.42710  1.000 12.95077 ? 157 LEU A HA   1 
ATOM   18   H HB2  . LEU A 1 4  ? 15.17600  5.40520   13.95984  1.000 14.01898 ? 157 LEU A HB2  1 
ATOM   19   H HB3  . LEU A 1 4  ? 15.62215  4.47154   12.75374  1.000 14.01898 ? 157 LEU A HB3  1 
ATOM   20   H HG   . LEU A 1 4  ? 15.98575  7.26800   12.85233  1.000 17.33519 ? 157 LEU A HG   1 
ATOM   21   H HD11 . LEU A 1 4  ? 18.26972  6.73702   12.89629  1.000 23.49547 ? 157 LEU A HD11 1 
ATOM   22   H HD12 . LEU A 1 4  ? 17.52947  6.10848   14.15346  1.000 23.49547 ? 157 LEU A HD12 1 
ATOM   23   H HD13 . LEU A 1 4  ? 17.90009  5.19213   12.90990  1.000 23.49547 ? 157 LEU A HD13 1 
ATOM   24   H HD21 . LEU A 1 4  ? 17.14642  7.03581   10.81868  1.000 25.20337 ? 157 LEU A HD21 1 
ATOM   25   H HD22 . LEU A 1 4  ? 16.56905  5.55977   10.71162  1.000 25.20337 ? 157 LEU A HD22 1 
ATOM   26   H HD23 . LEU A 1 4  ? 15.58104  6.80332   10.68063  1.000 25.20337 ? 157 LEU A HD23 1 
ATOM   27   N N    . VAL A 1 5  ? 12.62979  3.43310   11.84146  1.000 8.36133  ? 158 VAL A N    1 
ATOM   28   C CA   . VAL A 1 5  ? 11.95727  2.18430   12.19042  1.000 7.73086  ? 158 VAL A CA   1 
ATOM   29   C C    . VAL A 1 5  ? 12.93453  1.25390   12.89735  1.000 6.09475  ? 158 VAL A C    1 
ATOM   30   O O    . VAL A 1 5  ? 14.15534  1.34793   12.72491  1.000 7.40567  ? 158 VAL A O    1 
ATOM   31   C CB   . VAL A 1 5  ? 11.32376  1.50148   10.96470  1.000 7.37980  ? 158 VAL A CB   1 
ATOM   32   C CG1  . VAL A 1 5  ? 10.32224  2.45908   10.27668  1.000 12.39956 ? 158 VAL A CG1  1 
ATOM   33   C CG2  . VAL A 1 5  ? 12.34137  1.03048   10.00037  1.000 9.14146  ? 158 VAL A CG2  1 
ATOM   34   H H    . VAL A 1 5  ? 12.73349  3.57358   10.99938  1.000 10.03360 ? 158 VAL A H    1 
ATOM   35   H HA   . VAL A 1 5  ? 11.23256  2.39721   12.79900  1.000 9.27704  ? 158 VAL A HA   1 
ATOM   36   H HB   . VAL A 1 5  ? 10.84567  0.71651   11.27479  1.000 8.85576  ? 158 VAL A HB   1 
ATOM   37   H HG11 . VAL A 1 5  ? 9.87999   1.98729   9.55368   1.000 14.87947 ? 158 VAL A HG11 1 
ATOM   38   H HG12 . VAL A 1 5  ? 9.66743   2.75318   10.92909  1.000 14.87947 ? 158 VAL A HG12 1 
ATOM   39   H HG13 . VAL A 1 5  ? 10.80598  3.22320   9.92594   1.000 14.87947 ? 158 VAL A HG13 1 
ATOM   40   H HG21 . VAL A 1 5  ? 11.89315  0.64615   9.23076   1.000 10.96975 ? 158 VAL A HG21 1 
ATOM   41   H HG22 . VAL A 1 5  ? 12.88665  1.78348   9.72367   1.000 10.96975 ? 158 VAL A HG22 1 
ATOM   42   H HG23 . VAL A 1 5  ? 12.89617  0.36009   10.42893  1.000 10.96975 ? 158 VAL A HG23 1 
ATOM   43   N N    . THR A 1 6  ? 12.38866  0.36429   13.72119  1.000 5.76440  ? 159 THR A N    1 
ATOM   44   C CA   . THR A 1 6  ? 13.14292  -0.70787  14.34252  1.000 6.24957  ? 159 THR A CA   1 
ATOM   45   C C    . THR A 1 6  ? 13.29760  -1.88477  13.37515  1.000 4.83486  ? 159 THR A C    1 
ATOM   46   O O    . THR A 1 6  ? 12.58901  -2.00996  12.36757  1.000 4.91804  ? 159 THR A O    1 
ATOM   47   C CB   . THR A 1 6  ? 12.41734  -1.18497  15.60464  1.000 6.23476  ? 159 THR A CB   1 
ATOM   48   O OG1  . THR A 1 6  ? 11.17241  -1.76002  15.17362  1.000 5.70198  ? 159 THR A OG1  1 
ATOM   49   C CG2  . THR A 1 6  ? 12.19791  -0.05492  16.64491  1.000 7.64023  ? 159 THR A CG2  1 
ATOM   50   H H    . THR A 1 6  ? 11.55716  0.36330   13.94074  1.000 6.91728  ? 159 THR A H    1 
ATOM   51   H HA   . THR A 1 6  ? 14.02498  -0.38177  14.58029  1.000 7.49948  ? 159 THR A HA   1 
ATOM   52   H HB   . THR A 1 6  ? 12.95330  -1.83961  16.07909  1.000 7.48171  ? 159 THR A HB   1 
ATOM   53   H HG1  . THR A 1 6  ? 10.85550  -2.24689  15.78036  1.000 6.84237  ? 159 THR A HG1  1 
ATOM   54   H HG21 . THR A 1 6  ? 11.76273  -0.41136  17.43514  1.000 9.16828  ? 159 THR A HG21 1 
ATOM   55   H HG22 . THR A 1 6  ? 13.05054  0.32985   16.90161  1.000 9.16828  ? 159 THR A HG22 1 
ATOM   56   H HG23 . THR A 1 6  ? 11.63972  0.64166   16.26530  1.000 9.16828  ? 159 THR A HG23 1 
ATOM   57   N N    . GLY A 1 7  ? 14.19195  -2.80969  13.75111  1.000 4.66608  ? 160 GLY A N    1 
ATOM   58   C CA   . GLY A 1 7  ? 14.37782  -4.01465  12.95894  1.000 5.43362  ? 160 GLY A CA   1 
ATOM   59   C C    . GLY A 1 7  ? 13.10308  -4.83065  12.84857  1.000 4.50037  ? 160 GLY A C    1 
ATOM   60   O O    . GLY A 1 7  ? 12.78521  -5.38006  11.78164  1.000 4.91385  ? 160 GLY A O    1 
ATOM   61   H H    . GLY A 1 7  ? 14.69154  -2.75838  14.44924  1.000 5.59930  ? 160 GLY A H    1 
ATOM   62   H HA2  . GLY A 1 7  ? 14.66409  -3.77085  12.06479  1.000 6.52034  ? 160 GLY A HA2  1 
ATOM   63   H HA3  . GLY A 1 7  ? 15.06103  -4.56741  13.36955  1.000 6.52034  ? 160 GLY A HA3  1 
ATOM   64   N N    . SER A 1 8  ? 12.34236  -4.92932  13.95587  1.000 5.23474  ? 161 SER A N    1 
ATOM   65   C CA   . SER A 1 8  ? 11.06408  -5.64008  13.92496  1.000 5.40235  ? 161 SER A CA   1 
ATOM   66   C C    . SER A 1 8  ? 10.07393  -4.96511  12.98929  1.000 4.58481  ? 161 SER A C    1 
ATOM   67   O O    . SER A 1 8  ? 9.37053   -5.63918  12.22600  1.000 5.38731  ? 161 SER A O    1 
ATOM   68   C CB   . SER A 1 8  ? 10.44701  -5.74747  15.31711  1.000 6.32249  ? 161 SER A CB   1 
ATOM   69   O OG   . SER A 1 8  ? 11.27340  -6.44104  16.22171  1.000 7.49460  ? 161 SER A OG   1 
ATOM   70   H H    . SER A 1 8  ? 12.54569  -4.59680  14.72247  1.000 6.28169  ? 161 SER A H    1 
ATOM   71   H HA   . SER A 1 8  ? 11.24516  -6.53845  13.60708  1.000 6.48282  ? 161 SER A HA   1 
ATOM   72   H HB2  . SER A 1 8  ? 10.29804  -4.85200  15.65893  1.000 7.58699  ? 161 SER A HB2  1 
ATOM   73   H HB3  . SER A 1 8  ? 9.60285   -6.21985  15.24526  1.000 7.58699  ? 161 SER A HB3  1 
ATOM   74   H HG   . SER A 1 8  ? 11.04876  -6.26230  17.01113  1.000 8.99352  ? 161 SER A HG   1 
ATOM   75   N N    . GLU A 1 9  ? 9.97864   -3.63104  13.05231  1.000 4.70395  ? 162 GLU A N    1 
ATOM   76   C CA   . GLU A 1 9  ? 9.07109   -2.90934  12.15722  1.000 4.92712  ? 162 GLU A CA   1 
ATOM   77   C C    . GLU A 1 9  ? 9.47055   -3.05363  10.69768  1.000 4.54256  ? 162 GLU A C    1 
ATOM   78   O O    . GLU A 1 9  ? 8.60843   -3.15504  9.81335   1.000 4.84164  ? 162 GLU A O    1 
ATOM   79   C CB   . GLU A 1 9  ? 9.03997   -1.43315  12.53828  1.000 5.59794  ? 162 GLU A CB   1 
ATOM   80   C CG   . GLU A 1 9  ? 8.32415   -1.16096  13.85112  1.000 6.42613  ? 162 GLU A CG   1 
ATOM   81   C CD   . GLU A 1 9  ? 8.66755   0.14888   14.50289  1.000 7.23255  ? 162 GLU A CD   1 
ATOM   82   O OE1  . GLU A 1 9  ? 9.51772   0.92123   14.01833  1.000 7.23400  ? 162 GLU A OE1  1 
ATOM   83   O OE2  . GLU A 1 9  ? 8.05168   0.39042   15.58331  1.000 10.61731 ? 162 GLU A OE2  1 
ATOM   84   H H    . GLU A 1 9  ? 10.42049  -3.13054  13.59440  1.000 5.64474  ? 162 GLU A H    1 
ATOM   85   H HA   . GLU A 1 9  ? 8.18292   -3.28517  12.26113  1.000 5.91255  ? 162 GLU A HA   1 
ATOM   86   H HB2  . GLU A 1 9  ? 9.95157   -1.11320  12.62490  1.000 6.71753  ? 162 GLU A HB2  1 
ATOM   87   H HB3  . GLU A 1 9  ? 8.58006   -0.93980  11.84114  1.000 6.71753  ? 162 GLU A HB3  1 
ATOM   88   H HG2  . GLU A 1 9  ? 7.36834   -1.16107  13.68578  1.000 7.71135  ? 162 GLU A HG2  1 
ATOM   89   H HG3  . GLU A 1 9  ? 8.55256   -1.86549  14.47751  1.000 7.71135  ? 162 GLU A HG3  1 
ATOM   90   N N    . TYR A 1 10 ? 10.77398  -3.07100  10.41956  1.000 4.45177  ? 163 TYR A N    1 
ATOM   91   C CA   . TYR A 1 10 ? 11.24779  -3.32555  9.06256   1.000 4.48353  ? 163 TYR A CA   1 
ATOM   92   C C    . TYR A 1 10 ? 10.79120  -4.70275  8.57710   1.000 4.05855  ? 163 TYR A C    1 
ATOM   93   O O    . TYR A 1 10 ? 10.27791  -4.83931  7.45179   1.000 4.46472  ? 163 TYR A O    1 
ATOM   94   C CB   . TYR A 1 10 ? 12.77286  -3.21735  9.02771   1.000 4.87244  ? 163 TYR A CB   1 
ATOM   95   C CG   . TYR A 1 10 ? 13.40913  -3.59523  7.71411   1.000 4.63481  ? 163 TYR A CG   1 
ATOM   96   C CD1  . TYR A 1 10 ? 13.64823  -2.63825  6.71979   1.000 4.72224  ? 163 TYR A CD1  1 
ATOM   97   C CD2  . TYR A 1 10 ? 13.79397  -4.90036  7.46628   1.000 5.22216  ? 163 TYR A CD2  1 
ATOM   98   C CE1  . TYR A 1 10 ? 14.25245  -2.98752  5.51274   1.000 5.14074  ? 163 TYR A CE1  1 
ATOM   99   C CE2  . TYR A 1 10 ? 14.42197  -5.25596  6.29066   1.000 6.00842  ? 163 TYR A CE2  1 
ATOM   100  C CZ   . TYR A 1 10 ? 14.63747  -4.29470  5.30797   1.000 5.61474  ? 163 TYR A CZ   1 
ATOM   101  O OH   . TYR A 1 10 ? 15.26726  -4.69820  4.16014   1.000 7.46784  ? 163 TYR A OH   1 
ATOM   102  H H    . TYR A 1 10 ? 11.39967  -2.93929  10.99468  1.000 5.34212  ? 163 TYR A H    1 
ATOM   103  H HA   . TYR A 1 10 ? 10.88018  -2.65832  8.46210   1.000 5.38024  ? 163 TYR A HA   1 
ATOM   104  H HB2  . TYR A 1 10 ? 13.01978  -2.29852  9.21661   1.000 5.84693  ? 163 TYR A HB2  1 
ATOM   105  H HB3  . TYR A 1 10 ? 13.13790  -3.80540  9.70731   1.000 5.84693  ? 163 TYR A HB3  1 
ATOM   106  H HD1  . TYR A 1 10 ? 13.39961  -1.75431  6.86727   1.000 5.66669  ? 163 TYR A HD1  1 
ATOM   107  H HD2  . TYR A 1 10 ? 13.62549  -5.55316  8.10687   1.000 6.26660  ? 163 TYR A HD2  1 
ATOM   108  H HE1  . TYR A 1 10 ? 14.39386  -2.34633  4.85410   1.000 6.16889  ? 163 TYR A HE1  1 
ATOM   109  H HE2  . TYR A 1 10 ? 14.69974  -6.13318  6.15566   1.000 7.21010  ? 163 TYR A HE2  1 
ATOM   110  H HH   . TYR A 1 10 ? 15.38556  -5.52971  4.17443   1.000 8.96141  ? 163 TYR A HH   1 
ATOM   111  N N    . GLU A 1 11 ? 10.94437  -5.73596  9.41226   1.000 4.18789  ? 164 GLU A N    1 
ATOM   112  C CA   . GLU A 1 11 ? 10.52170  -7.07540  9.00019   1.000 5.15139  ? 164 GLU A CA   1 
ATOM   113  C C    . GLU A 1 11 ? 9.01153   -7.18130  8.80837   1.000 4.51787  ? 164 GLU A C    1 
ATOM   114  O O    . GLU A 1 11 ? 8.54974   -7.84493  7.87933   1.000 4.90486  ? 164 GLU A O    1 
ATOM   115  C CB   . GLU A 1 11 ? 11.02831  -8.11212  10.00189  1.000 4.83862  ? 164 GLU A CB   1 
ATOM   116  C CG   . GLU A 1 11 ? 12.54336  -8.33213  9.89540   1.000 5.33093  ? 164 GLU A CG   1 
ATOM   117  C CD   . GLU A 1 11 ? 12.99884  -8.91522  8.56445   1.000 4.64205  ? 164 GLU A CD   1 
ATOM   118  O OE1  . GLU A 1 11 ? 12.21800  -9.67087  7.91465   1.000 6.21251  ? 164 GLU A OE1  1 
ATOM   119  O OE2  . GLU A 1 11 ? 14.14469  -8.65096  8.15786   1.000 6.23989  ? 164 GLU A OE2  1 
ATOM   120  H H    . GLU A 1 11 ? 11.28147  -5.68878  10.20203  1.000 5.02547  ? 164 GLU A H    1 
ATOM   121  H HA   . GLU A 1 11 ? 10.92281  -7.26787  8.13823   1.000 6.18167  ? 164 GLU A HA   1 
ATOM   122  H HB2  . GLU A 1 11 ? 10.82931  -7.80828  10.90133  1.000 5.80635  ? 164 GLU A HB2  1 
ATOM   123  H HB3  . GLU A 1 11 ? 10.58707  -8.95921  9.83265   1.000 5.80635  ? 164 GLU A HB3  1 
ATOM   124  H HG2  . GLU A 1 11 ? 12.98968  -7.47858  10.01004  1.000 6.39712  ? 164 GLU A HG2  1 
ATOM   125  H HG3  . GLU A 1 11 ? 12.81760  -8.94640  10.59423  1.000 6.39712  ? 164 GLU A HG3  1 
ATOM   126  N N    . THR A 1 12 ? 8.21730   -6.53844  9.66422   1.000 5.18409  ? 165 THR A N    1 
ATOM   127  C CA   . THR A 1 12 ? 6.77228   -6.61517  9.46073   1.000 5.32819  ? 165 THR A CA   1 
ATOM   128  C C    . THR A 1 12 ? 6.34614   -5.83057  8.22038   1.000 4.52266  ? 165 THR A C    1 
ATOM   129  O O    . THR A 1 12 ? 5.42995   -6.26113  7.49949   1.000 5.20287  ? 165 THR A O    1 
ATOM   130  C CB   . THR A 1 12 ? 6.01568   -6.19736  10.71673  1.000 7.93393  ? 165 THR A CB   1 
ATOM   131  O OG1  . THR A 1 12 ? 6.32603   -4.89146  11.06547  1.000 11.07012 ? 165 THR A OG1  1 
ATOM   132  C CG2  . THR A 1 12 ? 6.35378   -7.03053  11.90122  1.000 9.45312  ? 165 THR A CG2  1 
ATOM   133  H H    . THR A 1 12 ? 8.47724   -6.07289  10.33897  1.000 6.22090  ? 165 THR A H    1 
ATOM   134  H HA   . THR A 1 12 ? 6.51920   -7.53924  9.30925   1.000 6.39382  ? 165 THR A HA   1 
ATOM   135  H HB   . THR A 1 12 ? 5.07387   -6.30004  10.50854  1.000 9.52072  ? 165 THR A HB   1 
ATOM   136  H HG1  . THR A 1 12 ? 7.15267   -4.81741  11.19501  1.000 13.28414 ? 165 THR A HG1  1 
ATOM   137  H HG21 . THR A 1 12 ? 5.78887   -6.78611  12.65091  1.000 11.34374 ? 165 THR A HG21 1 
ATOM   138  H HG22 . THR A 1 12 ? 6.21703   -7.96883  11.69678  1.000 11.34374 ? 165 THR A HG22 1 
ATOM   139  H HG23 . THR A 1 12 ? 7.28172   -6.89427  12.14871  1.000 11.34374 ? 165 THR A HG23 1 
ATOM   140  N N    . MET A 1 13 ? 7.02991   -4.72212  7.91390   1.000 4.90709  ? 166 MET A N    1 
ATOM   141  C CA   . MET A 1 13 ? 6.80156   -3.98642  6.67384   1.000 5.79227  ? 166 MET A CA   1 
ATOM   142  C C    . MET A 1 13 ? 7.10526   -4.85929  5.45879   1.000 4.76680  ? 166 MET A C    1 
ATOM   143  O O    . MET A 1 13 ? 6.33089   -4.90043  4.48719   1.000 5.53976  ? 166 MET A O    1 
ATOM   144  C CB   . MET A 1 13 ? 7.69889   -2.74046  6.68164   1.000 5.49860  ? 166 MET A CB   1 
ATOM   145  C CG   . MET A 1 13 ? 7.70694   -1.95880  5.37341   1.000 6.76255  ? 166 MET A CG   1 
ATOM   146  S SD   . MET A 1 13 ? 8.29380   -0.27282  5.47251   1.000 7.44161  ? 166 MET A SD   1 
ATOM   147  C CE   . MET A 1 13 ? 9.91386   -0.52088  6.21084   1.000 8.18924  ? 166 MET A CE   1 
ATOM   148  H H    . MET A 1 13 ? 7.63696   -4.37403  8.41383   1.000 5.88850  ? 166 MET A H    1 
ATOM   149  H HA   . MET A 1 13 ? 5.87384   -3.70759  6.62387   1.000 6.95072  ? 166 MET A HA   1 
ATOM   150  H HB2  . MET A 1 13 ? 7.38944   -2.14135  7.37892   1.000 6.59832  ? 166 MET A HB2  1 
ATOM   151  H HB3  . MET A 1 13 ? 8.61062   -3.01760  6.86287   1.000 6.59832  ? 166 MET A HB3  1 
ATOM   152  H HG2  . MET A 1 13 ? 8.28005   -2.42486  4.74475   1.000 8.11506  ? 166 MET A HG2  1 
ATOM   153  H HG3  . MET A 1 13 ? 6.79902   -1.92631  5.03353   1.000 8.11506  ? 166 MET A HG3  1 
ATOM   154  H HE1  . MET A 1 13 ? 10.35387  0.33866   6.30303   1.000 9.82708  ? 166 MET A HE1  1 
ATOM   155  H HE2  . MET A 1 13 ? 9.80403   -0.93146  7.08277   1.000 9.82708  ? 166 MET A HE2  1 
ATOM   156  H HE3  . MET A 1 13 ? 10.43756  -1.10057  5.63586   1.000 9.82708  ? 166 MET A HE3  1 
ATOM   157  N N    . LEU A 1 14 ? 8.24301   -5.55247  5.50579   1.000 4.99697  ? 167 LEU A N    1 
ATOM   158  C CA   . LEU A 1 14 ? 8.64170   -6.45328  4.43804   1.000 6.14530  ? 167 LEU A CA   1 
ATOM   159  C C    . LEU A 1 14 ? 7.60389   -7.56148  4.24731   1.000 5.93787  ? 167 LEU A C    1 
ATOM   160  O O    . LEU A 1 14 ? 7.13438   -7.80485  3.11953   1.000 6.37082  ? 167 LEU A O    1 
ATOM   161  C CB   . LEU A 1 14 ? 10.01874  -6.97632  4.80780   1.000 6.66161  ? 167 LEU A CB   1 
ATOM   162  C CG   . LEU A 1 14 ? 10.81876  -7.89396  3.90093   1.000 10.69067 ? 167 LEU A CG   1 
ATOM   163  C CD1  . LEU A 1 14 ? 10.81987  -7.51220  2.45478   1.000 11.74934 ? 167 LEU A CD1  1 
ATOM   164  C CD2  . LEU A 1 14 ? 12.26565  -7.94692  4.48495   1.000 9.85255  ? 167 LEU A CD2  1 
ATOM   165  H H    . LEU A 1 14 ? 8.80621   -5.51596  6.15468   1.000 5.99636  ? 167 LEU A H    1 
ATOM   166  H HA   . LEU A 1 14 ? 8.69985   -6.00548  3.57956   1.000 7.37436  ? 167 LEU A HA   1 
ATOM   167  H HB2  . LEU A 1 14 ? 10.58078  -6.19817  4.94746   1.000 7.99394  ? 167 LEU A HB2  1 
ATOM   168  H HB3  . LEU A 1 14 ? 9.91415   -7.46369  5.63992   1.000 7.99394  ? 167 LEU A HB3  1 
ATOM   169  H HG   . LEU A 1 14 ? 10.40263  -8.77009  3.88967   1.000 12.82880 ? 167 LEU A HG   1 
ATOM   170  H HD11 . LEU A 1 14 ? 11.24428  -8.21791  1.94220   1.000 14.09921 ? 167 LEU A HD11 1 
ATOM   171  H HD12 . LEU A 1 14 ? 9.90379   -7.39349  2.15880   1.000 14.09921 ? 167 LEU A HD12 1 
ATOM   172  H HD13 . LEU A 1 14 ? 11.31223  -6.68339  2.34733   1.000 14.09921 ? 167 LEU A HD13 1 
ATOM   173  H HD21 . LEU A 1 14 ? 12.76725  -8.63735  4.02385   1.000 11.82306 ? 167 LEU A HD21 1 
ATOM   174  H HD22 . LEU A 1 14 ? 12.69109  -7.08520  4.35331   1.000 11.82306 ? 167 LEU A HD22 1 
ATOM   175  H HD23 . LEU A 1 14 ? 12.21664  -8.15037  5.43211   1.000 11.82306 ? 167 LEU A HD23 1 
ATOM   176  N N    . THR A 1 15 ? 7.17272   -8.20025  5.34219   1.000 5.26585  ? 168 THR A N    1 
ATOM   177  C CA   . THR A 1 15 ? 6.11901   -9.21803  5.25285   1.000 6.48888  ? 168 THR A CA   1 
ATOM   178  C C    . THR A 1 15 ? 4.84357   -8.66167  4.60429   1.000 4.38361  ? 168 THR A C    1 
ATOM   179  O O    . THR A 1 15 ? 4.23769   -9.29608  3.73327   1.000 5.61524  ? 168 THR A O    1 
ATOM   180  C CB   . THR A 1 15 ? 5.82640   -9.78511  6.66020   1.000 5.73388  ? 168 THR A CB   1 
ATOM   181  O OG1  . THR A 1 15 ? 6.93397   -10.57192 7.11262   1.000 7.09084  ? 168 THR A OG1  1 
ATOM   182  C CG2  . THR A 1 15 ? 4.54310   -10.62755 6.69868   1.000 8.25520  ? 168 THR A CG2  1 
ATOM   183  H H    . THR A 1 15 ? 7.46952   -8.06496  6.13793   1.000 6.31902  ? 168 THR A H    1 
ATOM   184  H HA   . THR A 1 15 ? 6.43227   -9.94373  4.69061   1.000 7.78665  ? 168 THR A HA   1 
ATOM   185  H HB   . THR A 1 15 ? 5.69113   -9.03668  7.26225   1.000 6.88066  ? 168 THR A HB   1 
ATOM   186  H HG1  . THR A 1 15 ? 7.31780   -10.93119 6.45749   1.000 8.50900  ? 168 THR A HG1  1 
ATOM   187  H HG21 . THR A 1 15 ? 4.48733   -11.10894 7.53895   1.000 9.90624  ? 168 THR A HG21 1 
ATOM   188  H HG22 . THR A 1 15 ? 3.76633   -10.05295 6.61293   1.000 9.90624  ? 168 THR A HG22 1 
ATOM   189  H HG23 . THR A 1 15 ? 4.54387   -11.26679 5.96911   1.000 9.90624  ? 168 THR A HG23 1 
ATOM   190  N N    . GLU A 1 16 ? 4.40841   -7.47786  5.03370   1.000 5.12163  ? 169 GLU A N    1 
ATOM   191  C CA   . GLU A 1 16 ? 3.17850   -6.92041  4.48904   1.000 4.45051  ? 169 GLU A CA   1 
ATOM   192  C C    . GLU A 1 16 ? 3.29375   -6.67661  2.97716   1.000 5.05688  ? 169 GLU A C    1 
ATOM   193  O O    . GLU A 1 16 ? 2.37787   -7.00442  2.21323   1.000 5.19265  ? 169 GLU A O    1 
ATOM   194  C CB   . GLU A 1 16 ? 2.82419   -5.63801  5.24550   1.000 5.29867  ? 169 GLU A CB   1 
ATOM   195  C CG   . GLU A 1 16 ? 1.67078   -4.85426  4.62442   1.000 5.67591  ? 169 GLU A CG   1 
ATOM   196  C CD   . GLU A 1 16 ? 0.31490   -5.53735  4.58073   1.000 5.39129  ? 169 GLU A CD   1 
ATOM   197  O OE1  . GLU A 1 16 ? 0.08212   -6.64490  5.08187   1.000 9.01843  ? 169 GLU A OE1  1 
ATOM   198  O OE2  . GLU A 1 16 ? -0.57404  -4.90293  3.96104   1.000 6.52108  ? 169 GLU A OE2  1 
ATOM   199  H H    . GLU A 1 16 ? 4.79871   -6.99072  5.62528   1.000 6.14595  ? 169 GLU A H    1 
ATOM   200  H HA   . GLU A 1 16 ? 2.45380   -7.55230  4.61719   1.000 5.34061  ? 169 GLU A HA   1 
ATOM   201  H HB2  . GLU A 1 16 ? 2.56916   -5.87132  6.15182   1.000 6.35840  ? 169 GLU A HB2  1 
ATOM   202  H HB3  . GLU A 1 16 ? 3.60225   -5.05891  5.25843   1.000 6.35840  ? 169 GLU A HB3  1 
ATOM   203  H HG2  . GLU A 1 16 ? 1.55720   -4.03582  5.13250   1.000 6.81110  ? 169 GLU A HG2  1 
ATOM   204  H HG3  . GLU A 1 16 ? 1.91015   -4.64529  3.70793   1.000 6.81110  ? 169 GLU A HG3  1 
ATOM   205  N N    . ILE A 1 17 ? 4.39721   -6.07763  2.52085   1.000 4.44105  ? 170 ILE A N    1 
ATOM   206  C CA   . ILE A 1 17 ? 4.53530   -5.81868  1.08187   1.000 5.20504  ? 170 ILE A CA   1 
ATOM   207  C C    . ILE A 1 17 ? 4.61237   -7.13252  0.30915   1.000 4.90781  ? 170 ILE A C    1 
ATOM   208  O O    . ILE A 1 17 ? 4.04879   -7.25934  -0.79547  1.000 5.56728  ? 170 ILE A O    1 
ATOM   209  C CB   . ILE A 1 17 ? 5.73994   -4.89209  0.81216   1.000 5.22579  ? 170 ILE A CB   1 
ATOM   210  C CG1  . ILE A 1 17 ? 5.51181   -3.52760  1.47673   1.000 5.38787  ? 170 ILE A CG1  1 
ATOM   211  C CG2  . ILE A 1 17 ? 5.99973   -4.74595  -0.67800  1.000 6.10994  ? 170 ILE A CG2  1 
ATOM   212  C CD1  . ILE A 1 17 ? 6.74781   -2.63382  1.49321   1.000 7.06568  ? 170 ILE A CD1  1 
ATOM   213  H H    . ILE A 1 17 ? 5.05927   -5.81916  3.00507   1.000 5.32926  ? 170 ILE A H    1 
ATOM   214  H HA   . ILE A 1 17 ? 3.74475   -5.35049  0.77086   1.000 6.24605  ? 170 ILE A HA   1 
ATOM   215  H HB   . ILE A 1 17 ? 6.53022   -5.29606  1.20354   1.000 6.27094  ? 170 ILE A HB   1 
ATOM   216  H HG12 . ILE A 1 17 ? 4.81432   -3.05834  0.99280   1.000 6.46545  ? 170 ILE A HG12 1 
ATOM   217  H HG13 . ILE A 1 17 ? 5.23864   -3.67100  2.39636   1.000 6.46545  ? 170 ILE A HG13 1 
ATOM   218  H HG21 . ILE A 1 17 ? 6.73993   -4.13330  -0.81094  1.000 7.33193  ? 170 ILE A HG21 1 
ATOM   219  H HG22 . ILE A 1 17 ? 6.21981   -5.61562  -1.04698  1.000 7.33193  ? 170 ILE A HG22 1 
ATOM   220  H HG23 . ILE A 1 17 ? 5.20141   -4.39782  -1.10509  1.000 7.33193  ? 170 ILE A HG23 1 
ATOM   221  H HD11 . ILE A 1 17 ? 6.52981   -1.80163  1.94137   1.000 8.47881  ? 170 ILE A HD11 1 
ATOM   222  H HD12 . ILE A 1 17 ? 7.46028   -3.08888  1.96883   1.000 8.47881  ? 170 ILE A HD12 1 
ATOM   223  H HD13 . ILE A 1 17 ? 7.02102   -2.45583  0.57966   1.000 8.47881  ? 170 ILE A HD13 1 
ATOM   224  N N    . MET A 1 18 ? 5.25191   -8.15063  0.89988   1.000 5.30597  ? 171 MET A N    1 
ATOM   225  C CA   . MET A 1 18 ? 5.28908   -9.47621  0.28380   1.000 6.35134  ? 171 MET A CA   1 
ATOM   226  C C    . MET A 1 18 ? 3.90655   -10.13300 0.17187   1.000 6.30055  ? 171 MET A C    1 
ATOM   227  O O    . MET A 1 18 ? 3.75234   -11.08086 -0.61564  1.000 8.66743  ? 171 MET A O    1 
ATOM   228  C CB   . MET A 1 18 ? 6.24322   -10.38744 1.05413   1.000 5.90436  ? 171 MET A CB   1 
ATOM   229  C CG   . MET A 1 18 ? 7.71330   -10.05626 0.86148   1.000 6.03254  ? 171 MET A CG   1 
ATOM   230  S SD   . MET A 1 18 ? 8.81606   -11.17143 1.68003   1.000 8.17411  ? 171 MET A SD   1 
ATOM   231  C CE   . MET A 1 18 ? 8.55979   -12.68780 0.72153   1.000 9.94223  ? 171 MET A CE   1 
ATOM   232  H H    . MET A 1 18 ? 5.66759   -8.09768  1.65088   1.000 6.36717  ? 171 MET A H    1 
ATOM   233  H HA   . MET A 1 18 ? 5.63757   -9.37178  -0.61539  1.000 7.62161  ? 171 MET A HA   1 
ATOM   234  H HB2  . MET A 1 18 ? 6.04651   -10.31264 2.00103   1.000 7.08523  ? 171 MET A HB2  1 
ATOM   235  H HB3  . MET A 1 18 ? 6.10624   -11.30091 0.75799   1.000 7.08523  ? 171 MET A HB3  1 
ATOM   236  H HG2  . MET A 1 18 ? 7.91680   -10.08359 -0.08654  1.000 7.23905  ? 171 MET A HG2  1 
ATOM   237  H HG3  . MET A 1 18 ? 7.88039   -9.16705  1.21117   1.000 7.23905  ? 171 MET A HG3  1 
ATOM   238  H HE1  . MET A 1 18 ? 9.22789   -13.34169 0.98032   1.000 11.93068 ? 171 MET A HE1  1 
ATOM   239  H HE2  . MET A 1 18 ? 7.67167   -13.03160 0.90583   1.000 11.93068 ? 171 MET A HE2  1 
ATOM   240  H HE3  . MET A 1 18 ? 8.64581   -12.48290 -0.22266  1.000 11.93068 ? 171 MET A HE3  1 
ATOM   241  N N    . SER A 1 19 ? 2.90051   -9.67439  0.90951   1.000 6.03308  ? 172 SER A N    1 
ATOM   242  C CA   . SER A 1 19 ? 1.55955   -10.21680 0.74045   1.000 7.94810  ? 172 SER A CA   1 
ATOM   243  C C    . SER A 1 19 ? 0.94790   -9.85427  -0.60619  1.000 8.01023  ? 172 SER A C    1 
ATOM   244  O O    . SER A 1 19 ? -0.11211  -10.38782 -0.96029  1.000 11.06148 ? 172 SER A O    1 
ATOM   245  C CB   . SER A 1 19 ? 0.63195   -9.79928  1.86987   1.000 7.17162  ? 172 SER A CB   1 
ATOM   246  O OG   . SER A 1 19 ? 0.17075   -8.48369  1.72422   1.000 7.23335  ? 172 SER A OG   1 
ATOM   247  H H    . SER A 1 19 ? 2.96813   -9.05847  1.50589   1.000 7.23969  ? 172 SER A H    1 
ATOM   248  H HA   . SER A 1 19 ? 1.62566   -11.18314 0.79256   1.000 9.53772  ? 172 SER A HA   1 
ATOM   249  H HB2  . SER A 1 19 ? -0.13271  -10.39601 1.87888   1.000 8.60595  ? 172 SER A HB2  1 
ATOM   250  H HB3  . SER A 1 19 ? 1.11528   -9.86669  2.70818   1.000 8.60595  ? 172 SER A HB3  1 
ATOM   251  H HG   . SER A 1 19 ? -0.34890  -8.28992  2.35510   1.000 8.68002  ? 172 SER A HG   1 
ATOM   252  N N    . MET A 1 20 ? 1.56311   -8.97395  -1.36304  1.000 7.31355  ? 173 MET A N    1 
ATOM   253  C CA   . MET A 1 20 ? 1.14395   -8.75348  -2.73389  1.000 9.20647  ? 173 MET A CA   1 
ATOM   254  C C    . MET A 1 20 ? 1.77589   -9.73257  -3.71314  1.000 9.90394  ? 173 MET A C    1 
ATOM   255  O O    . MET A 1 20 ? 1.39456   -9.72450  -4.89331  1.000 13.66422 ? 173 MET A O    1 
ATOM   256  C CB   . MET A 1 20 ? 1.43993   -7.31576  -3.14131  1.000 8.68107  ? 173 MET A CB   1 
ATOM   257  C CG   . MET A 1 20 ? 0.62728   -6.31352  -2.33957  1.000 8.89144  ? 173 MET A CG   1 
ATOM   258  S SD   . MET A 1 20 ? 0.83040   -4.61669  -2.92640  1.000 9.37005  ? 173 MET A SD   1 
ATOM   259  C CE   . MET A 1 20 ? 2.33099   -4.19760  -2.03405  1.000 8.46373  ? 173 MET A CE   1 
ATOM   260  H H    . MET A 1 20 ? 2.22685   -8.48967  -1.10902  1.000 8.77626  ? 173 MET A H    1 
ATOM   261  H HA   . MET A 1 20 ? 0.18238   -8.86699  -2.79224  1.000 11.04776 ? 173 MET A HA   1 
ATOM   262  H HB2  . MET A 1 20 ? 2.38050   -7.13060  -2.99316  1.000 10.41729 ? 173 MET A HB2  1 
ATOM   263  H HB3  . MET A 1 20 ? 1.22283   -7.20016  -4.07962  1.000 10.41729 ? 173 MET A HB3  1 
ATOM   264  H HG2  . MET A 1 20 ? -0.31272  -6.54332  -2.40676  1.000 10.66973 ? 173 MET A HG2  1 
ATOM   265  H HG3  . MET A 1 20 ? 0.91133   -6.34604  -1.41266  1.000 10.66973 ? 173 MET A HG3  1 
ATOM   266  H HE1  . MET A 1 20 ? 2.69888   -3.37887  -2.40180  1.000 10.15648 ? 173 MET A HE1  1 
ATOM   267  H HE2  . MET A 1 20 ? 2.11620   -4.07187  -1.09652  1.000 10.15648 ? 173 MET A HE2  1 
ATOM   268  H HE3  . MET A 1 20 ? 2.96967   -4.92092  -2.13296  1.000 10.15648 ? 173 MET A HE3  1 
ATOM   269  N N    . GLY A 1 21 ? 2.72523   -10.55817 -3.27558  1.000 8.46817  ? 174 GLY A N    1 
ATOM   270  C CA   . GLY A 1 21 ? 3.32038   -11.57616 -4.12475  1.000 9.79524  ? 174 GLY A CA   1 
ATOM   271  C C    . GLY A 1 21 ? 4.78151   -11.35582 -4.45793  1.000 9.38654  ? 174 GLY A C    1 
ATOM   272  O O    . GLY A 1 21 ? 5.41526   -12.25600 -5.03964  1.000 11.31390 ? 174 GLY A O    1 
ATOM   273  H H    . GLY A 1 21 ? 3.04329   -10.54423 -2.47668  1.000 10.16180 ? 174 GLY A H    1 
ATOM   274  H HA2  . GLY A 1 21 ? 3.24523   -12.43462 -3.67945  1.000 11.75429 ? 174 GLY A HA2  1 
ATOM   275  H HA3  . GLY A 1 21 ? 2.82877   -11.60969 -4.96027  1.000 11.75429 ? 174 GLY A HA3  1 
ATOM   276  N N    . TYR A 1 22 ? 5.35783   -10.22681 -4.06675  1.000 6.70644  ? 175 TYR A N    1 
ATOM   277  C CA   . TYR A 1 22 ? 6.73372   -9.92455  -4.40654  1.000 6.18025  ? 175 TYR A CA   1 
ATOM   278  C C    . TYR A 1 22 ? 7.68567   -10.77719 -3.57336  1.000 7.36312  ? 175 TYR A C    1 
ATOM   279  O O    . TYR A 1 22 ? 7.46213   -10.99994 -2.37952  1.000 7.90579  ? 175 TYR A O    1 
ATOM   280  C CB   . TYR A 1 22 ? 6.99865   -8.43966  -4.13734  1.000 7.18961  ? 175 TYR A CB   1 
ATOM   281  C CG   . TYR A 1 22 ? 6.17182   -7.50581  -4.99830  1.000 6.84458  ? 175 TYR A CG   1 
ATOM   282  C CD1  . TYR A 1 22 ? 6.46115   -7.35404  -6.35215  1.000 6.67472  ? 175 TYR A CD1  1 
ATOM   283  C CD2  . TYR A 1 22 ? 5.09958   -6.81062  -4.47446  1.000 7.64130  ? 175 TYR A CD2  1 
ATOM   284  C CE1  . TYR A 1 22 ? 5.70647   -6.52611  -7.16725  1.000 7.65437  ? 175 TYR A CE1  1 
ATOM   285  C CE2  . TYR A 1 22 ? 4.34981   -5.95827  -5.27517  1.000 8.39914  ? 175 TYR A CE2  1 
ATOM   286  C CZ   . TYR A 1 22 ? 4.66892   -5.82676  -6.62300  1.000 7.72131  ? 175 TYR A CZ   1 
ATOM   287  O OH   . TYR A 1 22 ? 3.88875   -4.99871  -7.39487  1.000 10.47284 ? 175 TYR A OH   1 
ATOM   288  H H    . TYR A 1 22 ? 4.96912   -9.61731  -3.60090  1.000 8.04773  ? 175 TYR A H    1 
ATOM   289  H HA   . TYR A 1 22 ? 6.89788   -10.11465 -5.34345  1.000 7.41629  ? 175 TYR A HA   1 
ATOM   290  H HB2  . TYR A 1 22 ? 6.79036   -8.24899  -3.20935  1.000 8.62753  ? 175 TYR A HB2  1 
ATOM   291  H HB3  . TYR A 1 22 ? 7.93430   -8.25311  -4.31244  1.000 8.62753  ? 175 TYR A HB3  1 
ATOM   292  H HD1  . TYR A 1 22 ? 7.17828   -7.81973  -6.71788  1.000 8.00967  ? 175 TYR A HD1  1 
ATOM   293  H HD2  . TYR A 1 22 ? 4.87743   -6.91407  -3.57732  1.000 9.16956  ? 175 TYR A HD2  1 
ATOM   294  H HE1  . TYR A 1 22 ? 5.90426   -6.44809  -8.07261  1.000 9.18525  ? 175 TYR A HE1  1 
ATOM   295  H HE2  . TYR A 1 22 ? 3.63981   -5.47911  -4.91296  1.000 10.07897 ? 175 TYR A HE2  1 
ATOM   296  H HH   . TYR A 1 22 ? 3.69721   -4.30234  -6.96594  1.000 12.56740 ? 175 TYR A HH   1 
ATOM   297  N N    . GLU A 1 23 ? 8.80275   -11.18883 -4.17820  1.000 7.85974  ? 176 GLU A N    1 
ATOM   298  C CA   . GLU A 1 23 ? 9.82430   -11.96437 -3.47864  1.000 9.65252  ? 176 GLU A CA   1 
ATOM   299  C C    . GLU A 1 23 ? 10.61330  -11.09018 -2.50126  1.000 7.14453  ? 176 GLU A C    1 
ATOM   300  O O    . GLU A 1 23 ? 10.75973  -9.87006  -2.69022  1.000 7.67364  ? 176 GLU A O    1 
ATOM   301  C CB   . GLU A 1 23 ? 10.79787  -12.57397 -4.49365  1.000 13.58902 ? 176 GLU A CB   1 
ATOM   302  C CG   . GLU A 1 23 ? 10.14824  -13.48380 -5.54606  1.000 16.82583 ? 176 GLU A CG   1 
ATOM   303  C CD   . GLU A 1 23 ? 10.96451  -13.57876 -6.82119  0.000 20.03061 ? 176 GLU A CD   1 
ATOM   304  O OE1  . GLU A 1 23 ? 10.43444  -13.22436 -7.89525  0.000 20.78276 ? 176 GLU A OE1  1 
ATOM   305  O OE2  . GLU A 1 23 ? 12.13611  -14.00581 -6.75021  0.000 20.91118 ? 176 GLU A OE2  1 
ATOM   306  N N    . ARG A 1 24 ? 11.14206  -11.72052 -1.45629  1.000 7.77190  ? 177 ARG A N    1 
ATOM   307  C CA   . ARG A 1 24 ? 11.82819  -10.96027 -0.41262  1.000 6.64927  ? 177 ARG A CA   1 
ATOM   308  C C    . ARG A 1 24 ? 12.94129  -10.07670 -0.97330  1.000 7.03749  ? 177 ARG A C    1 
ATOM   309  O O    . ARG A 1 24 ? 13.04873  -8.89988  -0.60337  1.000 6.52936  ? 177 ARG A O    1 
ATOM   310  C CB   . ARG A 1 24 ? 12.38526  -11.89493 0.66178   1.000 8.22610  ? 177 ARG A CB   1 
ATOM   311  C CG   . ARG A 1 24 ? 13.11204  -11.15054 1.79517   1.000 7.72354  ? 177 ARG A CG   1 
ATOM   312  C CD   . ARG A 1 24 ? 13.62604  -12.05110 2.94771   1.000 9.39055  ? 177 ARG A CD   1 
ATOM   313  N NE   . ARG A 1 24 ? 14.53045  -11.36418 3.89518   1.000 9.44746  ? 177 ARG A NE   1 
ATOM   314  C CZ   . ARG A 1 24 ? 14.16478  -10.86998 5.07688   1.000 7.75269  ? 177 ARG A CZ   1 
ATOM   315  N NH1  . ARG A 1 24 ? 15.02585  -10.22631 5.83603   1.000 9.48475  ? 177 ARG A NH1  1 
ATOM   316  N NH2  . ARG A 1 24 ? 12.92999  -11.02007 5.50748   1.000 9.49801  ? 177 ARG A NH2  1 
ATOM   317  H H    . ARG A 1 24 ? 11.11886  -12.57065 -1.32845  1.000 9.32628  ? 177 ARG A H    1 
ATOM   318  H HA   . ARG A 1 24 ? 11.16970  -10.38044 0.00100   1.000 7.97913  ? 177 ARG A HA   1 
ATOM   319  H HB2  . ARG A 1 24 ? 11.65209  -12.39405 1.05454   1.000 9.87131  ? 177 ARG A HB2  1 
ATOM   320  H HB3  . ARG A 1 24 ? 13.01844  -12.50390 0.25052   1.000 9.87131  ? 177 ARG A HB3  1 
ATOM   321  H HG2  . ARG A 1 24 ? 13.88082  -10.69349 1.41969   1.000 9.26824  ? 177 ARG A HG2  1 
ATOM   322  H HG3  . ARG A 1 24 ? 12.49932  -10.50591 2.18236   1.000 9.26824  ? 177 ARG A HG3  1 
ATOM   323  H HD2  . ARG A 1 24 ? 12.86380  -12.37581 3.45213   1.000 11.26866 ? 177 ARG A HD2  1 
ATOM   324  H HD3  . ARG A 1 24 ? 14.11322  -12.79764 2.56533   1.000 11.26866 ? 177 ARG A HD3  1 
ATOM   325  H HE   . ARG A 1 24 ? 15.35473  -11.27726 3.66584   1.000 11.33695 ? 177 ARG A HE   1 
ATOM   326  H HH11 . ARG A 1 24 ? 15.83711  -10.12002 5.57118   1.000 11.38170 ? 177 ARG A HH11 1 
ATOM   327  H HH12 . ARG A 1 24 ? 14.77726  -9.91199  6.59695   1.000 11.38170 ? 177 ARG A HH12 1 
ATOM   328  H HH21 . ARG A 1 24 ? 12.35433  -11.43907 5.02512   1.000 11.39762 ? 177 ARG A HH21 1 
ATOM   329  H HH22 . ARG A 1 24 ? 12.69889  -10.69913 6.27115   1.000 11.39762 ? 177 ARG A HH22 1 
ATOM   330  N N    . GLU A 1 25 ? 13.80871  -10.61883 -1.83706  1.000 7.07428  ? 178 GLU A N    1 
ATOM   331  C CA   . GLU A 1 25 ? 14.95448  -9.81387  -2.27176  1.000 8.08165  ? 178 GLU A CA   1 
ATOM   332  C C    . GLU A 1 25 ? 14.52147  -8.58765  -3.06669  1.000 7.22795  ? 178 GLU A C    1 
ATOM   333  O O    . GLU A 1 25 ? 15.19479  -7.55358  -3.02575  1.000 7.49080  ? 178 GLU A O    1 
ATOM   334  C CB   . GLU A 1 25 ? 15.93943  -10.65770 -3.08522  1.000 11.79281 ? 178 GLU A CB   1 
ATOM   335  C CG   . GLU A 1 25 ? 16.13917  -12.07002 -2.56134  0.000 9.75562  ? 178 GLU A CG   1 
ATOM   336  C CD   . GLU A 1 25 ? 15.10290  -13.03806 -3.09536  0.000 10.31547 ? 178 GLU A CD   1 
ATOM   337  O OE1  . GLU A 1 25 ? 14.13895  -13.34088 -2.36125  0.000 10.25501 ? 178 GLU A OE1  1 
ATOM   338  O OE2  . GLU A 1 25 ? 15.24996  -13.49312 -4.24893  0.000 11.58398 ? 178 GLU A OE2  1 
ATOM   339  N N    . ARG A 1 26 ? 13.43056  -8.68986  -3.82249  1.000 6.88174  ? 179 ARG A N    1 
ATOM   340  C CA   . ARG A 1 26 ? 12.93152  -7.53182  -4.55992  1.000 7.43722  ? 179 ARG A CA   1 
ATOM   341  C C    . ARG A 1 26 ? 12.41004  -6.46249  -3.61762  1.000 5.89321  ? 179 ARG A C    1 
ATOM   342  O O    . ARG A 1 26 ? 12.65221  -5.26373  -3.82334  1.000 6.65862  ? 179 ARG A O    1 
ATOM   343  C CB   . ARG A 1 26 ? 11.85912  -7.96581  -5.56002  1.000 9.68190  ? 179 ARG A CB   1 
ATOM   344  C CG   . ARG A 1 26 ? 12.43611  -8.68386  -6.77252  1.000 14.77642 ? 179 ARG A CG   1 
ATOM   345  C CD   . ARG A 1 26 ? 11.43293  -8.81969  -7.91339  1.000 20.54116 ? 179 ARG A CD   1 
ATOM   346  N NE   . ARG A 1 26 ? 11.59791  -10.07894 -8.63177  1.000 29.71640 ? 179 ARG A NE   1 
ATOM   347  C CZ   . ARG A 1 26 ? 12.38071  -10.24062 -9.69287  1.000 29.75004 ? 179 ARG A CZ   1 
ATOM   348  N NH1  . ARG A 1 26 ? 13.08382  -9.22281  -10.16614 1.000 30.56360 ? 179 ARG A NH1  1 
ATOM   349  N NH2  . ARG A 1 26 ? 12.46263  -11.42533 -10.28074 1.000 43.95632 ? 179 ARG A NH2  1 
ATOM   350  N N    . VAL A 1 27 ? 11.67888  -6.87093  -2.58554  1.000 5.72237  ? 180 VAL A N    1 
ATOM   351  C CA   . VAL A 1 27 ? 11.17507  -5.89327  -1.62615  1.000 5.55099  ? 180 VAL A CA   1 
ATOM   352  C C    . VAL A 1 27 ? 12.31927  -5.25050  -0.84254  1.000 4.81800  ? 180 VAL A C    1 
ATOM   353  O O    . VAL A 1 27 ? 12.31241  -4.03339  -0.59420  1.000 5.61267  ? 180 VAL A O    1 
ATOM   354  C CB   . VAL A 1 27 ? 10.11202  -6.51079  -0.70126  1.000 5.38024  ? 180 VAL A CB   1 
ATOM   355  C CG1  . VAL A 1 27 ? 9.55665   -5.44583  0.25504   1.000 6.67618  ? 180 VAL A CG1  1 
ATOM   356  C CG2  . VAL A 1 27 ? 8.97815   -7.13347  -1.49107  1.000 5.97528  ? 180 VAL A CG2  1 
ATOM   357  H H    . VAL A 1 27 ? 11.46497  -7.68749  -2.42098  1.000 6.86685  ? 180 VAL A H    1 
ATOM   358  H HA   . VAL A 1 27 ? 10.73731  -5.18990  -2.13067  1.000 6.66119  ? 180 VAL A HA   1 
ATOM   359  H HB   . VAL A 1 27 ? 10.53619  -7.21437  -0.18557  1.000 6.45629  ? 180 VAL A HB   1 
ATOM   360  H HG11 . VAL A 1 27 ? 8.87595   -5.84933  0.81606   1.000 8.01142  ? 180 VAL A HG11 1 
ATOM   361  H HG12 . VAL A 1 27 ? 10.28032  -5.10692  0.80490   1.000 8.01142  ? 180 VAL A HG12 1 
ATOM   362  H HG13 . VAL A 1 27 ? 9.17096   -4.72407  -0.26572  1.000 8.01142  ? 180 VAL A HG13 1 
ATOM   363  H HG21 . VAL A 1 27 ? 8.26797   -7.38427  -0.87981  1.000 7.17033  ? 180 VAL A HG21 1 
ATOM   364  H HG22 . VAL A 1 27 ? 8.64820   -6.48616  -2.13373  1.000 7.17033  ? 180 VAL A HG22 1 
ATOM   365  H HG23 . VAL A 1 27 ? 9.30953   -7.91920  -1.95337  1.000 7.17033  ? 180 VAL A HG23 1 
ATOM   366  N N    . VAL A 1 28 ? 13.31254  -6.03685  -0.43522  1.000 5.48889  ? 181 VAL A N    1 
ATOM   367  C CA   . VAL A 1 28 ? 14.49277  -5.47650  0.22029   1.000 5.68011  ? 181 VAL A CA   1 
ATOM   368  C C    . VAL A 1 28 ? 15.12809  -4.40847  -0.66434  1.000 5.12415  ? 181 VAL A C    1 
ATOM   369  O O    . VAL A 1 28 ? 15.50146  -3.32485  -0.20218  1.000 5.53045  ? 181 VAL A O    1 
ATOM   370  C CB   . VAL A 1 28 ? 15.48466  -6.60385  0.56192   1.000 6.35907  ? 181 VAL A CB   1 
ATOM   371  C CG1  . VAL A 1 28 ? 16.86351  -6.03424  0.96327   1.000 6.95222  ? 181 VAL A CG1  1 
ATOM   372  C CG2  . VAL A 1 28 ? 14.91161  -7.47911  1.66985   1.000 6.62743  ? 181 VAL A CG2  1 
ATOM   373  H H    . VAL A 1 28 ? 13.32898  -6.89198  -0.52513  1.000 6.58667  ? 181 VAL A H    1 
ATOM   374  H HA   . VAL A 1 28 ? 14.22492  -5.04952  1.04905   1.000 6.81613  ? 181 VAL A HA   1 
ATOM   375  H HB   . VAL A 1 28 ? 15.62100  -7.15245  -0.22634  1.000 7.63089  ? 181 VAL A HB   1 
ATOM   376  H HG11 . VAL A 1 28 ? 17.42903  -6.76116  1.26770   1.000 8.34266  ? 181 VAL A HG11 1 
ATOM   377  H HG12 . VAL A 1 28 ? 17.26427  -5.60420  0.19168   1.000 8.34266  ? 181 VAL A HG12 1 
ATOM   378  H HG13 . VAL A 1 28 ? 16.74278  -5.38806  1.67654   1.000 8.34266  ? 181 VAL A HG13 1 
ATOM   379  H HG21 . VAL A 1 28 ? 15.53362  -8.19957  1.85675   1.000 7.95291  ? 181 VAL A HG21 1 
ATOM   380  H HG22 . VAL A 1 28 ? 14.78315  -6.93844  2.46488   1.000 7.95291  ? 181 VAL A HG22 1 
ATOM   381  H HG23 . VAL A 1 28 ? 14.06177  -7.84350  1.37677   1.000 7.95291  ? 181 VAL A HG23 1 
ATOM   382  N N    . ALA A 1 29 ? 15.29129  -4.71081  -1.94890  1.000 5.45357  ? 182 ALA A N    1 
ATOM   383  C CA   . ALA A 1 29 ? 15.91173  -3.76149  -2.86345  1.000 6.31416  ? 182 ALA A CA   1 
ATOM   384  C C    . ALA A 1 29 ? 15.06999  -2.49418  -2.98552  1.000 5.53756  ? 182 ALA A C    1 
ATOM   385  O O    . ALA A 1 29 ? 15.61565  -1.38422  -3.02681  1.000 6.11643  ? 182 ALA A O    1 
ATOM   386  C CB   . ALA A 1 29 ? 16.13207  -4.41225  -4.23566  1.000 6.75394  ? 182 ALA A CB   1 
ATOM   387  H H    . ALA A 1 29 ? 15.05345  -5.45267  -2.31314  1.000 6.54428  ? 182 ALA A H    1 
ATOM   388  H HA   . ALA A 1 29 ? 16.78262  -3.51057  -2.51776  1.000 7.57699  ? 182 ALA A HA   1 
ATOM   389  H HB1  . ALA A 1 29 ? 16.60380  -3.78810  -4.80909  1.000 8.10473  ? 182 ALA A HB1  1 
ATOM   390  H HB2  . ALA A 1 29 ? 16.65813  -5.21920  -4.12167  1.000 8.10473  ? 182 ALA A HB2  1 
ATOM   391  H HB3  . ALA A 1 29 ? 15.27031  -4.63120  -4.62338  1.000 8.10473  ? 182 ALA A HB3  1 
ATOM   392  N N    . ALA A 1 30 ? 13.73757  -2.63352  -3.04060  1.000 5.61462  ? 183 ALA A N    1 
ATOM   393  C CA   . ALA A 1 30 ? 12.86531  -1.46501  -3.16113  1.000 5.97460  ? 183 ALA A CA   1 
ATOM   394  C C    . ALA A 1 30 ? 12.91285  -0.60336  -1.90155  1.000 4.71993  ? 183 ALA A C    1 
ATOM   395  O O    . ALA A 1 30 ? 12.90541  0.63593   -1.98235  1.000 5.92239  ? 183 ALA A O    1 
ATOM   396  C CB   . ALA A 1 30 ? 11.43786  -1.91015  -3.47335  1.000 6.12070  ? 183 ALA A CB   1 
ATOM   397  H H    . ALA A 1 30 ? 13.32125  -3.38541  -3.01030  1.000 6.73755  ? 183 ALA A H    1 
ATOM   398  H HA   . ALA A 1 30 ? 13.17138  -0.91688  -3.90058  1.000 7.16952  ? 183 ALA A HA   1 
ATOM   399  H HB1  . ALA A 1 30 ? 10.86537  -1.12826  -3.51574  1.000 7.34483  ? 183 ALA A HB1  1 
ATOM   400  H HB2  . ALA A 1 30 ? 11.43054  -2.37211  -4.32625  1.000 7.34483  ? 183 ALA A HB2  1 
ATOM   401  H HB3  . ALA A 1 30 ? 11.13234  -2.50617  -2.77170  1.000 7.34483  ? 183 ALA A HB3  1 
ATOM   402  N N    . LEU A 1 31 ? 12.92838  -1.23794  -0.72563  1.000 5.30916  ? 184 LEU A N    1 
ATOM   403  C CA   . LEU A 1 31 ? 13.04731  -0.51385  0.54349   1.000 5.44140  ? 184 LEU A CA   1 
ATOM   404  C C    . LEU A 1 31 ? 14.38503  0.20208   0.64927   1.000 4.98536  ? 184 LEU A C    1 
ATOM   405  O O    . LEU A 1 31 ? 14.46607  1.30058   1.21368   1.000 5.61159  ? 184 LEU A O    1 
ATOM   406  C CB   . LEU A 1 31 ? 12.83737  -1.47227  1.72234   1.000 6.40180  ? 184 LEU A CB   1 
ATOM   407  C CG   . LEU A 1 31 ? 11.38868  -1.92732  1.93525   1.000 6.92812  ? 184 LEU A CG   1 
ATOM   408  C CD1  . LEU A 1 31 ? 11.38427  -3.11989  2.87126   1.000 8.31058  ? 184 LEU A CD1  1 
ATOM   409  C CD2  . LEU A 1 31 ? 10.51218  -0.80954  2.43582   1.000 8.79580  ? 184 LEU A CD2  1 
ATOM   410  H H    . LEU A 1 31 ? 12.87133  -2.09108  -0.63343  1.000 6.37099  ? 184 LEU A H    1 
ATOM   411  H HA   . LEU A 1 31 ? 12.35033  0.15942   0.58619   1.000 6.52968  ? 184 LEU A HA   1 
ATOM   412  H HB2  . LEU A 1 31 ? 13.37342  -2.26641  1.57104   1.000 7.68217  ? 184 LEU A HB2  1 
ATOM   413  H HB3  . LEU A 1 31 ? 13.12572  -1.02711  2.53448   1.000 7.68217  ? 184 LEU A HB3  1 
ATOM   414  H HG   . LEU A 1 31 ? 11.00148  -2.19487  1.08707   1.000 8.31374  ? 184 LEU A HG   1 
ATOM   415  H HD11 . LEU A 1 31 ? 10.49366  -3.50379  2.88943   1.000 9.97270  ? 184 LEU A HD11 1 
ATOM   416  H HD12 . LEU A 1 31 ? 12.02109  -3.77672  2.54890   1.000 9.97270  ? 184 LEU A HD12 1 
ATOM   417  H HD13 . LEU A 1 31 ? 11.63530  -2.82440  3.76041   1.000 9.97270  ? 184 LEU A HD13 1 
ATOM   418  H HD21 . LEU A 1 31 ? 9.60218   -1.13489  2.51906   1.000 10.55496 ? 184 LEU A HD21 1 
ATOM   419  H HD22 . LEU A 1 31 ? 10.83866  -0.51528  3.30053   1.000 10.55496 ? 184 LEU A HD22 1 
ATOM   420  H HD23 . LEU A 1 31 ? 10.54437  -0.07531  1.80276   1.000 10.55496 ? 184 LEU A HD23 1 
ATOM   421  N N    . ARG A 1 32 ? 15.45683  -0.41004  0.15408   1.000 5.58182  ? 185 ARG A N    1 
ATOM   422  C CA   . ARG A 1 32 ? 16.75073  0.26957   0.13600   1.000 6.20914  ? 185 ARG A CA   1 
ATOM   423  C C    . ARG A 1 32 ? 16.68428  1.50035   -0.74803  1.000 5.26786  ? 185 ARG A C    1 
ATOM   424  O O    . ARG A 1 32 ? 17.09043  2.60138   -0.34956  1.000 6.57168  ? 185 ARG A O    1 
ATOM   425  C CB   . ARG A 1 32 ? 17.84469  -0.69123  -0.33656  1.000 6.62730  ? 185 ARG A CB   1 
ATOM   426  C CG   . ARG A 1 32 ? 19.20945  -0.03995  -0.51960  1.000 8.15618  ? 185 ARG A CG   1 
ATOM   427  C CD   . ARG A 1 32 ? 20.27788  -1.05997  -0.89728  1.000 11.36593 ? 185 ARG A CD   1 
ATOM   428  N NE   . ARG A 1 32 ? 19.88465  -1.77545  -2.10947  1.000 11.83300 ? 185 ARG A NE   1 
ATOM   429  C CZ   . ARG A 1 32 ? 19.91430  -3.09463  -2.25279  1.000 11.63627 ? 185 ARG A CZ   1 
ATOM   430  N NH1  . ARG A 1 32 ? 20.35712  -3.86782  -1.27899  1.000 17.03071 ? 185 ARG A NH1  1 
ATOM   431  N NH2  . ARG A 1 32 ? 19.51862  -3.64497  -3.38394  1.000 12.33055 ? 185 ARG A NH2  1 
ATOM   432  H H    . ARG A 1 32 ? 15.46362  -1.20556  -0.17259  1.000 6.69818  ? 185 ARG A H    1 
ATOM   433  H HA   . ARG A 1 32 ? 16.98081  0.55052   1.03546   1.000 7.45096  ? 185 ARG A HA   1 
ATOM   434  H HB2  . ARG A 1 32 ? 17.94156  -1.39836  0.32030   1.000 7.95277  ? 185 ARG A HB2  1 
ATOM   435  H HB3  . ARG A 1 32 ? 17.58034  -1.06622  -1.19120  1.000 7.95277  ? 185 ARG A HB3  1 
ATOM   436  H HG2  . ARG A 1 32 ? 19.15651  0.62059   -1.22797  1.000 9.78741  ? 185 ARG A HG2  1 
ATOM   437  H HG3  . ARG A 1 32 ? 19.47541  0.38482   0.31091   1.000 9.78741  ? 185 ARG A HG3  1 
ATOM   438  H HD2  . ARG A 1 32 ? 21.11852  -0.60550  -1.06358  1.000 13.63912 ? 185 ARG A HD2  1 
ATOM   439  H HD3  . ARG A 1 32 ? 20.38452  -1.70217  -0.17818  1.000 13.63912 ? 185 ARG A HD3  1 
ATOM   440  H HE   . ARG A 1 32 ? 19.61437  -1.30767  -2.77860  1.000 14.19959 ? 185 ARG A HE   1 
ATOM   441  H HH11 . ARG A 1 32 ? 20.63020  -3.51781  -0.54243  1.000 20.43685 ? 185 ARG A HH11 1 
ATOM   442  H HH12 . ARG A 1 32 ? 20.37256  -4.72159  -1.38107  1.000 20.43685 ? 185 ARG A HH12 1 
ATOM   443  H HH21 . ARG A 1 32 ? 19.24111  -3.14905  -4.02943  1.000 14.79666 ? 185 ARG A HH21 1 
ATOM   444  H HH22 . ARG A 1 32 ? 19.53810  -4.49979  -3.47615  1.000 14.79666 ? 185 ARG A HH22 1 
ATOM   445  N N    . ALA A 1 33 ? 16.11789  1.35002   -1.94746  1.000 5.88917  ? 186 ALA A N    1 
ATOM   446  C CA   . ALA A 1 33 ? 16.01456  2.47696   -2.87030  1.000 6.56190  ? 186 ALA A CA   1 
ATOM   447  C C    . ALA A 1 33 ? 15.16352  3.59503   -2.29651  1.000 6.73819  ? 186 ALA A C    1 
ATOM   448  O O    . ALA A 1 33 ? 15.40058  4.76824   -2.61207  1.000 9.11642  ? 186 ALA A O    1 
ATOM   449  C CB   . ALA A 1 33 ? 15.41424  2.04140   -4.20658  1.000 7.58716  ? 186 ALA A CB   1 
ATOM   450  H H    . ALA A 1 33 ? 15.78956  0.61369   -2.24684  1.000 7.06701  ? 186 ALA A H    1 
ATOM   451  H HA   . ALA A 1 33 ? 16.91349  2.80483   -3.02948  1.000 7.87428  ? 186 ALA A HA   1 
ATOM   452  H HB1  . ALA A 1 33 ? 15.44500  2.78810   -4.82496  1.000 9.10459  ? 186 ALA A HB1  1 
ATOM   453  H HB2  . ALA A 1 33 ? 15.93082  1.29941   -4.55799  1.000 9.10459  ? 186 ALA A HB2  1 
ATOM   454  H HB3  . ALA A 1 33 ? 14.49477  1.76670   -4.06515  1.000 9.10459  ? 186 ALA A HB3  1 
ATOM   455  N N    . SER A 1 34 ? 14.15323  3.26870   -1.48339  1.000 6.13759  ? 187 SER A N    1 
ATOM   456  C CA   . SER A 1 34 ? 13.24700  4.27716   -0.94170  1.000 6.41438  ? 187 SER A CA   1 
ATOM   457  C C    . SER A 1 34 ? 13.62334  4.75674   0.46010   1.000 5.98752  ? 187 SER A C    1 
ATOM   458  O O    . SER A 1 34 ? 12.88615  5.54556   1.05629   1.000 6.97335  ? 187 SER A O    1 
ATOM   459  C CB   . SER A 1 34 ? 11.81950  3.74288   -0.87727  1.000 7.43512  ? 187 SER A CB   1 
ATOM   460  O OG   . SER A 1 34 ? 11.71740  2.76399   0.15388   1.000 8.75177  ? 187 SER A OG   1 
ATOM   461  H H    . SER A 1 34 ? 13.97484  2.46574   -1.23231  1.000 7.36510  ? 187 SER A H    1 
ATOM   462  H HA   . SER A 1 34 ? 13.27753  5.03367   -1.54804  1.000 7.69726  ? 187 SER A HA   1 
ATOM   463  H HB2  . SER A 1 34 ? 11.21226  4.47453   -0.68531  1.000 8.92215  ? 187 SER A HB2  1 
ATOM   464  H HB3  . SER A 1 34 ? 11.59107  3.33666   -1.72799  1.000 8.92215  ? 187 SER A HB3  1 
ATOM   465  H HG   . SER A 1 34 ? 11.16598  3.01571   0.73541   1.000 10.50213 ? 187 SER A HG   1 
ATOM   466  N N    . GLY A 1 35 ? 14.74449  4.30785   1.02131   1.000 6.18021  ? 188 GLY A N    1 
ATOM   467  C CA   . GLY A 1 35 ? 15.08262  4.69030   2.39615   1.000 6.73037  ? 188 GLY A CA   1 
ATOM   468  C C    . GLY A 1 35 ? 14.01674  4.28832   3.39665   1.000 6.57569  ? 188 GLY A C    1 
ATOM   469  O O    . GLY A 1 35 ? 13.75786  5.02234   4.35731   1.000 6.75996  ? 188 GLY A O    1 
ATOM   470  H H    . GLY A 1 35 ? 15.31606  3.79170   0.63855   1.000 7.41625  ? 188 GLY A H    1 
ATOM   471  H HA2  . GLY A 1 35 ? 15.91544  4.26302   2.65058   1.000 8.07645  ? 188 GLY A HA2  1 
ATOM   472  H HA3  . GLY A 1 35 ? 15.19481  5.65273   2.44122   1.000 8.07645  ? 188 GLY A HA3  1 
ATOM   473  N N    . ASN A 1 36 ? 13.37012  3.14072   3.18607   1.000 5.93787  ? 189 ASN A N    1 
ATOM   474  C CA   . ASN A 1 36 ? 12.35760  2.59529   4.08760   1.000 5.47180  ? 189 ASN A CA   1 
ATOM   475  C C    . ASN A 1 36 ? 11.06284  3.39560   4.10262   1.000 6.32598  ? 189 ASN A C    1 
ATOM   476  O O    . ASN A 1 36 ? 10.22850  3.19001   4.99519   1.000 8.33819  ? 189 ASN A O    1 
ATOM   477  C CB   . ASN A 1 36 ? 12.91181  2.32897   5.49069   1.000 6.21356  ? 189 ASN A CB   1 
ATOM   478  C CG   . ASN A 1 36 ? 13.83173  1.14543   5.49685   1.000 5.57437  ? 189 ASN A CG   1 
ATOM   479  O OD1  . ASN A 1 36 ? 13.74333  0.27666   4.63143   1.000 5.96774  ? 189 ASN A OD1  1 
ATOM   480  N ND2  . ASN A 1 36 ? 14.72530  1.09427   6.48389   1.000 6.65939  ? 189 ASN A ND2  1 
ATOM   481  H H    . ASN A 1 36 ? 13.50798  2.64171   2.49934   1.000 7.12544  ? 189 ASN A H    1 
ATOM   482  H HA   . ASN A 1 36 ? 12.09909  1.72441   3.74755   1.000 6.56616  ? 189 ASN A HA   1 
ATOM   483  H HB2  . ASN A 1 36 ? 13.40929  3.10497   5.79275   1.000 7.45627  ? 189 ASN A HB2  1 
ATOM   484  H HB3  . ASN A 1 36 ? 12.17716  2.14887   6.09795   1.000 7.45627  ? 189 ASN A HB3  1 
ATOM   485  H HD21 . ASN A 1 36 ? 15.27589  0.43535   6.53175   1.000 7.99127  ? 189 ASN A HD21 1 
ATOM   486  H HD22 . ASN A 1 36 ? 14.75146  1.72016   7.07311   1.000 7.99127  ? 189 ASN A HD22 1 
ATOM   487  N N    . ASN A 1 37 ? 10.84466  4.27605   3.11002   1.000 6.10140  ? 190 ASN A N    1 
ATOM   488  C CA   . ASN A 1 37 ? 9.54642   4.90814   2.89629   1.000 6.08690  ? 190 ASN A CA   1 
ATOM   489  C C    . ASN A 1 37 ? 8.67359   3.90678   2.15270   1.000 5.43706  ? 190 ASN A C    1 
ATOM   490  O O    . ASN A 1 37 ? 8.97851   3.56714   1.00047   1.000 6.13225  ? 190 ASN A O    1 
ATOM   491  C CB   . ASN A 1 37 ? 9.75040   6.18625   2.07878   1.000 7.37303  ? 190 ASN A CB   1 
ATOM   492  C CG   . ASN A 1 37 ? 8.46019   6.90670   1.77474   1.000 6.79522  ? 190 ASN A CG   1 
ATOM   493  O OD1  . ASN A 1 37 ? 7.44845   6.28819   1.46661   1.000 8.05574  ? 190 ASN A OD1  1 
ATOM   494  N ND2  . ASN A 1 37 ? 8.51572   8.22716   1.71951   1.000 12.39888 ? 190 ASN A ND2  1 
ATOM   495  H H    . ASN A 1 37 ? 11.44419  4.52171   2.54448   1.000 7.32168  ? 190 ASN A H    1 
ATOM   496  H HA   . ASN A 1 37 ? 9.10837   5.15070   3.72706   1.000 7.30428  ? 190 ASN A HA   1 
ATOM   497  H HB2  . ASN A 1 37 ? 10.31990  6.79197   2.57845   1.000 8.84764  ? 190 ASN A HB2  1 
ATOM   498  H HB3  . ASN A 1 37 ? 10.17000  5.95656   1.23494   1.000 8.84764  ? 190 ASN A HB3  1 
ATOM   499  H HD21 . ASN A 1 37 ? 7.80514   8.68066   1.54919   1.000 14.87866 ? 190 ASN A HD21 1 
ATOM   500  H HD22 . ASN A 1 37 ? 9.26239   8.63214   1.85392   1.000 14.87866 ? 190 ASN A HD22 1 
ATOM   501  N N    . PRO A 1 38 ? 7.60258   3.39354   2.75746   1.000 5.34784  ? 191 PRO A N    1 
ATOM   502  C CA   . PRO A 1 38 ? 6.83399   2.32975   2.09445   1.000 6.38050  ? 191 PRO A CA   1 
ATOM   503  C C    . PRO A 1 38 ? 6.04808   2.81849   0.89991   1.000 5.75519  ? 191 PRO A C    1 
ATOM   504  O O    . PRO A 1 38 ? 5.70467   2.02243   0.01010   1.000 6.08370  ? 191 PRO A O    1 
ATOM   505  C CB   . PRO A 1 38 ? 5.89709   1.83752   3.21184   1.000 7.33825  ? 191 PRO A CB   1 
ATOM   506  C CG   . PRO A 1 38 ? 5.70497   3.03806   4.08408   1.000 8.19931  ? 191 PRO A CG   1 
ATOM   507  C CD   . PRO A 1 38 ? 7.06312   3.71112   4.09956   1.000 7.30942  ? 191 PRO A CD   1 
ATOM   508  H HA   . PRO A 1 38 ? 7.42522   1.61158   1.81953   1.000 7.65660  ? 191 PRO A HA   1 
ATOM   509  H HB2  . PRO A 1 38 ? 5.05443   1.54081   2.83394   1.000 8.80590  ? 191 PRO A HB2  1 
ATOM   510  H HB3  . PRO A 1 38 ? 6.31474   1.11197   3.70178   1.000 8.80590  ? 191 PRO A HB3  1 
ATOM   511  H HG2  . PRO A 1 38 ? 5.03021   3.62196   3.70374   1.000 9.83917  ? 191 PRO A HG2  1 
ATOM   512  H HG3  . PRO A 1 38 ? 5.44126   2.76326   4.97618   1.000 9.83917  ? 191 PRO A HG3  1 
ATOM   513  H HD2  . PRO A 1 38 ? 6.97413   4.66950   4.21993   1.000 8.77130  ? 191 PRO A HD2  1 
ATOM   514  H HD3  . PRO A 1 38 ? 7.62638   3.34008   4.79668   1.000 8.77130  ? 191 PRO A HD3  1 
ATOM   515  N N    . HIS A 1 39 ? 5.70639   4.10629   0.88409   1.000 5.77492  ? 192 HIS A N    1 
ATOM   516  C CA   . HIS A 1 39 ? 4.98422   4.66515   -0.25735  1.000 6.20256  ? 192 HIS A CA   1 
ATOM   517  C C    . HIS A 1 39 ? 5.84407   4.60987   -1.50973  1.000 5.57427  ? 192 HIS A C    1 
ATOM   518  O O    . HIS A 1 39 ? 5.41787   4.10969   -2.56605  1.000 6.48037  ? 192 HIS A O    1 
ATOM   519  C CB   . HIS A 1 39 ? 4.56929   6.10187   0.05479   1.000 6.37317  ? 192 HIS A CB   1 
ATOM   520  C CG   . HIS A 1 39 ? 3.78332   6.20486   1.31668   1.000 6.87370  ? 192 HIS A CG   1 
ATOM   521  N ND1  . HIS A 1 39 ? 2.53933   5.62982   1.45145   1.000 7.65897  ? 192 HIS A ND1  1 
ATOM   522  C CD2  . HIS A 1 39 ? 4.08076   6.74170   2.51840   1.000 8.44932  ? 192 HIS A CD2  1 
ATOM   523  C CE1  . HIS A 1 39 ? 2.08741   5.83935   2.67480   1.000 9.77613  ? 192 HIS A CE1  1 
ATOM   524  N NE2  . HIS A 1 39 ? 2.99710   6.51893   3.33870   1.000 10.59070 ? 192 HIS A NE2  1 
ATOM   525  H H    . HIS A 1 39 ? 5.87771   4.66933   1.51118   1.000 6.92990  ? 192 HIS A H    1 
ATOM   526  H HA   . HIS A 1 39 ? 4.17997   4.14748   -0.41890  1.000 7.44307  ? 192 HIS A HA   1 
ATOM   527  H HB2  . HIS A 1 39 ? 5.36514   6.64826   0.14953   1.000 7.64780  ? 192 HIS A HB2  1 
ATOM   528  H HB3  . HIS A 1 39 ? 4.02043   6.43814   -0.67086  1.000 7.64780  ? 192 HIS A HB3  1 
ATOM   529  H HD1  . HIS A 1 39 ? 2.12131   5.20062   0.83448   1.000 9.19077  ? 192 HIS A HD1  1 
ATOM   530  H HD2  . HIS A 1 39 ? 4.86833   7.17925   2.74903   1.000 10.13919 ? 192 HIS A HD2  1 
ATOM   531  H HE1  . HIS A 1 39 ? 1.26736   5.55533   3.00912   1.000 11.73136 ? 192 HIS A HE1  1 
ATOM   532  N N    . ARG A 1 40 ? 7.08220   5.08979   -1.39094  1.000 5.79187  ? 193 ARG A N    1 
ATOM   533  C CA   . ARG A 1 40 ? 8.01089   5.02116   -2.51007  1.000 5.84976  ? 193 ARG A CA   1 
ATOM   534  C C    . ARG A 1 40 ? 8.43747   3.58566   -2.81374  1.000 5.40165  ? 193 ARG A C    1 
ATOM   535  O O    . ARG A 1 40 ? 8.61607   3.23292   -3.98693  1.000 5.79936  ? 193 ARG A O    1 
ATOM   536  C CB   . ARG A 1 40 ? 9.22201   5.91007   -2.25986  1.000 7.09678  ? 193 ARG A CB   1 
ATOM   537  C CG   . ARG A 1 40 ? 8.87044   7.40342   -2.16397  1.000 10.82801 ? 193 ARG A CG   1 
ATOM   538  C CD   . ARG A 1 40 ? 8.25766   7.96829   -3.43538  1.000 26.99046 ? 193 ARG A CD   1 
ATOM   539  N NE   . ARG A 1 40 ? 8.17017   9.43094   -3.39828  1.000 40.55468 ? 193 ARG A NE   1 
ATOM   540  C CZ   . ARG A 1 40 ? 7.39078   10.15874  -4.19370  1.000 32.17884 ? 193 ARG A CZ   1 
ATOM   541  N NH1  . ARG A 1 40 ? 6.61878   9.56693   -5.09428  1.000 33.88319 ? 193 ARG A NH1  1 
ATOM   542  N NH2  . ARG A 1 40 ? 7.38061   11.48092  -4.08719  1.000 35.45214 ? 193 ARG A NH2  1 
ATOM   543  H H    . ARG A 1 40 ? 7.40293   5.45490   -0.68140  1.000 6.95024  ? 193 ARG A H    1 
ATOM   544  H HA   . ARG A 1 40 ? 7.55675   5.36111   -3.29690  1.000 7.01971  ? 193 ARG A HA   1 
ATOM   545  H HB2  . ARG A 1 40 ? 9.63656   5.64708   -1.42327  1.000 8.51614  ? 193 ARG A HB2  1 
ATOM   546  H HB3  . ARG A 1 40 ? 9.84971   5.79791   -2.99083  1.000 8.51614  ? 193 ARG A HB3  1 
ATOM   547  H HG2  . ARG A 1 40 ? 8.23032   7.52891   -1.44607  1.000 12.99361 ? 193 ARG A HG2  1 
ATOM   548  H HG3  . ARG A 1 40 ? 9.67998   7.90435   -1.97796  1.000 12.99361 ? 193 ARG A HG3  1 
ATOM   549  H HD2  . ARG A 1 40 ? 8.80723   7.71656   -4.19399  1.000 32.38855 ? 193 ARG A HD2  1 
ATOM   550  H HD3  . ARG A 1 40 ? 7.36126   7.61356   -3.54284  1.000 32.38855 ? 193 ARG A HD3  1 
ATOM   551  H HE   . ARG A 1 40 ? 8.65573   9.84696   -2.82318  1.000 48.66561 ? 193 ARG A HE   1 
ATOM   552  H HH11 . ARG A 1 40 ? 6.62073   8.70990   -5.16571  1.000 40.65983 ? 193 ARG A HH11 1 
ATOM   553  H HH12 . ARG A 1 40 ? 6.11599   10.04001  -5.60711  1.000 40.65983 ? 193 ARG A HH12 1 
ATOM   554  H HH21 . ARG A 1 40 ? 7.87842   11.86912  -3.50317  1.000 42.54257 ? 193 ARG A HH21 1 
ATOM   555  H HH22 . ARG A 1 40 ? 6.87619   11.94992  -4.60216  1.000 42.54257 ? 193 ARG A HH22 1 
ATOM   556  N N    . ALA A 1 41 ? 8.61053   2.73481   -1.79195  1.000 5.39313  ? 194 ALA A N    1 
ATOM   557  C CA   . ALA A 1 41 ? 9.00669   1.35691   -2.08097  1.000 5.57892  ? 194 ALA A CA   1 
ATOM   558  C C    . ALA A 1 41 ? 7.95561   0.65086   -2.93865  1.000 4.91123  ? 194 ALA A C    1 
ATOM   559  O O    . ALA A 1 41 ? 8.28325   -0.03694  -3.92163  1.000 5.08047  ? 194 ALA A O    1 
ATOM   560  C CB   . ALA A 1 41 ? 9.23879   0.56158   -0.79168  1.000 5.89662  ? 194 ALA A CB   1 
ATOM   561  H H    . ALA A 1 41 ? 8.50851   2.92529   -0.95954  1.000 6.47175  ? 194 ALA A H    1 
ATOM   562  H HA   . ALA A 1 41 ? 9.84604   1.38963   -2.56607  1.000 6.69471  ? 194 ALA A HA   1 
ATOM   563  H HB1  . ALA A 1 41 ? 9.40882   -0.36594  -1.01907  1.000 7.07594  ? 194 ALA A HB1  1 
ATOM   564  H HB2  . ALA A 1 41 ? 10.00348  0.93321   -0.32472  1.000 7.07594  ? 194 ALA A HB2  1 
ATOM   565  H HB3  . ALA A 1 41 ? 8.44757   0.62582   -0.23424  1.000 7.07594  ? 194 ALA A HB3  1 
ATOM   566  N N    . VAL A 1 42 ? 6.67736   0.79730   -2.57365  1.000 4.83270  ? 195 VAL A N    1 
ATOM   567  C CA   . VAL A 1 42 ? 5.63091   0.16140   -3.36277  1.000 4.53719  ? 195 VAL A CA   1 
ATOM   568  C C    . VAL A 1 42 ? 5.53358   0.80562   -4.73943  1.000 4.94443  ? 195 VAL A C    1 
ATOM   569  O O    . VAL A 1 42 ? 5.34117   0.09907   -5.74052  1.000 5.41895  ? 195 VAL A O    1 
ATOM   570  C CB   . VAL A 1 42 ? 4.29226   0.12949   -2.58701  1.000 5.26410  ? 195 VAL A CB   1 
ATOM   571  C CG1  . VAL A 1 42 ? 3.15624   -0.35544  -3.46315  1.000 5.93000  ? 195 VAL A CG1  1 
ATOM   572  C CG2  . VAL A 1 42 ? 4.42972   -0.76387  -1.37047  1.000 5.78756  ? 195 VAL A CG2  1 
ATOM   573  H H    . VAL A 1 42 ? 6.40243   1.24655   -1.89380  1.000 5.79923  ? 195 VAL A H    1 
ATOM   574  H HA   . VAL A 1 42 ? 5.87105   -0.76668  -3.51080  1.000 5.44463  ? 195 VAL A HA   1 
ATOM   575  H HB   . VAL A 1 42 ? 4.07763   1.03158   -2.30228  1.000 6.31692  ? 195 VAL A HB   1 
ATOM   576  H HG11 . VAL A 1 42 ? 2.38033   -0.52827  -2.90728  1.000 7.11600  ? 195 VAL A HG11 1 
ATOM   577  H HG12 . VAL A 1 42 ? 2.94809   0.32917   -4.11804  1.000 7.11600  ? 195 VAL A HG12 1 
ATOM   578  H HG13 . VAL A 1 42 ? 3.42959   -1.17060  -3.91225  1.000 7.11600  ? 195 VAL A HG13 1 
ATOM   579  H HG21 . VAL A 1 42 ? 3.59408   -0.75756  -0.87797  1.000 6.94507  ? 195 VAL A HG21 1 
ATOM   580  H HG22 . VAL A 1 42 ? 4.63471   -1.66585  -1.66257  1.000 6.94507  ? 195 VAL A HG22 1 
ATOM   581  H HG23 . VAL A 1 42 ? 5.14632   -0.42666  -0.81039  1.000 6.94507  ? 195 VAL A HG23 1 
ATOM   582  N N    . GLU A 1 43 ? 5.63703   2.13284   -4.83317  1.000 5.46635  ? 196 GLU A N    1 
ATOM   583  C CA   . GLU A 1 43 ? 5.69696   2.78659   -6.13237  1.000 5.66460  ? 196 GLU A CA   1 
ATOM   584  C C    . GLU A 1 43 ? 6.78401   2.18618   -7.00358  1.000 5.32165  ? 196 GLU A C    1 
ATOM   585  O O    . GLU A 1 43 ? 6.55635   1.93520   -8.19714  1.000 5.98464  ? 196 GLU A O    1 
ATOM   586  C CB   . GLU A 1 43 ? 5.94973   4.27518   -5.92504  1.000 6.47605  ? 196 GLU A CB   1 
ATOM   587  C CG   . GLU A 1 43 ? 5.97060   5.07666   -7.22258  1.000 9.27324  ? 196 GLU A CG   1 
ATOM   588  C CD   . GLU A 1 43 ? 6.36255   6.52793   -7.01930  1.000 11.03130 ? 196 GLU A CD   1 
ATOM   589  O OE1  . GLU A 1 43 ? 6.79692   6.89168   -5.90364  1.000 15.45543 ? 196 GLU A OE1  1 
ATOM   590  O OE2  . GLU A 1 43 ? 6.26305   7.31081   -7.99758  1.000 15.60428 ? 196 GLU A OE2  1 
ATOM   591  H H    . GLU A 1 43 ? 5.67386   2.67058   -4.16304  1.000 6.55963  ? 196 GLU A H    1 
ATOM   592  H HA   . GLU A 1 43 ? 4.85059   2.67021   -6.59173  1.000 6.79752  ? 196 GLU A HA   1 
ATOM   593  H HB2  . GLU A 1 43 ? 5.24574   4.63657   -5.36406  1.000 7.77126  ? 196 GLU A HB2  1 
ATOM   594  H HB3  . GLU A 1 43 ? 6.81023   4.38873   -5.49199  1.000 7.77126  ? 196 GLU A HB3  1 
ATOM   595  H HG2  . GLU A 1 43 ? 6.61258   4.67629   -7.82960  1.000 11.12789 ? 196 GLU A HG2  1 
ATOM   596  H HG3  . GLU A 1 43 ? 5.08488   5.05920   -7.61766  1.000 11.12789 ? 196 GLU A HG3  1 
ATOM   597  N N    . TYR A 1 44 ? 7.96816   1.93191   -6.42939  1.000 5.11707  ? 197 TYR A N    1 
ATOM   598  C CA   . TYR A 1 44 ? 9.07360   1.43409   -7.23836  1.000 5.14240  ? 197 TYR A CA   1 
ATOM   599  C C    . TYR A 1 44 ? 8.84292   -0.02595  -7.65093  1.000 4.98056  ? 197 TYR A C    1 
ATOM   600  O O    . TYR A 1 44 ? 9.24177   -0.43840  -8.75616  1.000 5.25794  ? 197 TYR A O    1 
ATOM   601  C CB   . TYR A 1 44 ? 10.41042  1.56104   -6.48212  1.000 5.46558  ? 197 TYR A CB   1 
ATOM   602  C CG   . TYR A 1 44 ? 10.79949  2.96895   -6.12441  1.000 5.53688  ? 197 TYR A CG   1 
ATOM   603  C CD1  . TYR A 1 44 ? 10.24767  4.06719   -6.77014  1.000 6.12113  ? 197 TYR A CD1  1 
ATOM   604  C CD2  . TYR A 1 44 ? 11.71249  3.21897   -5.11706  1.000 6.49268  ? 197 TYR A CD2  1 
ATOM   605  C CE1  . TYR A 1 44 ? 10.59992  5.36799   -6.40071  1.000 6.86038  ? 197 TYR A CE1  1 
ATOM   606  C CE2  . TYR A 1 44 ? 12.06079  4.51528   -4.75141  1.000 8.04229  ? 197 TYR A CE2  1 
ATOM   607  C CZ   . TYR A 1 44 ? 11.51025  5.57257   -5.39682  1.000 7.34300  ? 197 TYR A CZ   1 
ATOM   608  O OH   . TYR A 1 44 ? 11.87076  6.86070   -5.00827  1.000 9.73126  ? 197 TYR A OH   1 
ATOM   609  H H    . TYR A 1 44 ? 8.14744   2.03815   -5.59501  1.000 6.14048  ? 197 TYR A H    1 
ATOM   610  H HA   . TYR A 1 44 ? 9.13773   1.98031   -8.03739  1.000 6.17088  ? 197 TYR A HA   1 
ATOM   611  H HB2  . TYR A 1 44 ? 10.34601  1.05706   -5.65583  1.000 6.55870  ? 197 TYR A HB2  1 
ATOM   612  H HB3  . TYR A 1 44 ? 11.11549  1.19592   -7.03932  1.000 6.55870  ? 197 TYR A HB3  1 
ATOM   613  H HD1  . TYR A 1 44 ? 9.63547   3.93537   -7.45769  1.000 7.34536  ? 197 TYR A HD1  1 
ATOM   614  H HD2  . TYR A 1 44 ? 12.10399  2.50215   -4.67230  1.000 7.79122  ? 197 TYR A HD2  1 
ATOM   615  H HE1  . TYR A 1 44 ? 10.21663  6.09493   -6.83607  1.000 8.23246  ? 197 TYR A HE1  1 
ATOM   616  H HE2  . TYR A 1 44 ? 12.67130  4.65648   -4.06422  1.000 9.65075  ? 197 TYR A HE2  1 
ATOM   617  H HH   . TYR A 1 44 ? 11.36554  7.42317   -5.37431  1.000 11.67751 ? 197 TYR A HH   1 
ATOM   618  N N    . LEU A 1 45 ? 8.21162   -0.83855  -6.79129  1.000 5.09399  ? 198 LEU A N    1 
ATOM   619  C CA   . LEU A 1 45 ? 7.84358   -2.19413  -7.19040  1.000 4.59457  ? 198 LEU A CA   1 
ATOM   620  C C    . LEU A 1 45 ? 6.82842   -2.17723  -8.32370  1.000 5.22120  ? 198 LEU A C    1 
ATOM   621  O O    . LEU A 1 45 ? 6.84233   -3.07096  -9.18385  1.000 6.32802  ? 198 LEU A O    1 
ATOM   622  C CB   . LEU A 1 45 ? 7.30376   -2.96665  -5.98530  1.000 4.84313  ? 198 LEU A CB   1 
ATOM   623  C CG   . LEU A 1 45 ? 8.35496   -3.32748  -4.94651  1.000 5.52214  ? 198 LEU A CG   1 
ATOM   624  C CD1  . LEU A 1 45 ? 7.70338   -3.68971  -3.61610  1.000 6.98219  ? 198 LEU A CD1  1 
ATOM   625  C CD2  . LEU A 1 45 ? 9.23511   -4.45707  -5.43305  1.000 6.94683  ? 198 LEU A CD2  1 
ATOM   626  H H    . LEU A 1 45 ? 7.99086   -0.62925  -5.98690  1.000 6.11279  ? 198 LEU A H    1 
ATOM   627  H HA   . LEU A 1 45 ? 8.63551   -2.65537  -7.50818  1.000 5.51348  ? 198 LEU A HA   1 
ATOM   628  H HB2  . LEU A 1 45 ? 6.63131   -2.42269  -5.54620  1.000 5.81175  ? 198 LEU A HB2  1 
ATOM   629  H HB3  . LEU A 1 45 ? 6.90707   -3.79347  -6.30140  1.000 5.81175  ? 198 LEU A HB3  1 
ATOM   630  H HG   . LEU A 1 45 ? 8.92022   -2.55261  -4.80179  1.000 6.62656  ? 198 LEU A HG   1 
ATOM   631  H HD11 . LEU A 1 45 ? 8.39767   -3.86964  -2.96305  1.000 8.37863  ? 198 LEU A HD11 1 
ATOM   632  H HD12 . LEU A 1 45 ? 7.15545   -2.94607  -3.31999  1.000 8.37863  ? 198 LEU A HD12 1 
ATOM   633  H HD13 . LEU A 1 45 ? 7.15223   -4.47843  -3.73877  1.000 8.37863  ? 198 LEU A HD13 1 
ATOM   634  H HD21 . LEU A 1 45 ? 9.93937   -4.61072  -4.78398  1.000 8.33619  ? 198 LEU A HD21 1 
ATOM   635  H HD22 . LEU A 1 45 ? 8.69601   -5.25738  -5.53189  1.000 8.33619  ? 198 LEU A HD22 1 
ATOM   636  H HD23 . LEU A 1 45 ? 9.62129   -4.21071  -6.28808  1.000 8.33619  ? 198 LEU A HD23 1 
ATOM   637  N N    . LEU A 1 46 ? 5.90020   -1.21773  -8.30810  1.000 4.79016  ? 199 LEU A N    1 
ATOM   638  C CA   . LEU A 1 46 ? 4.84695   -1.14315  -9.30967  1.000 5.06996  ? 199 LEU A CA   1 
ATOM   639  C C    . LEU A 1 46 ? 5.34866   -0.56552  -10.63083 1.000 4.75382  ? 199 LEU A C    1 
ATOM   640  O O    . LEU A 1 46 ? 5.05126   -1.12265  -11.69701 1.000 5.99744  ? 199 LEU A O    1 
ATOM   641  C CB   . LEU A 1 46 ? 3.65299   -0.33909  -8.79286  1.000 5.79929  ? 199 LEU A CB   1 
ATOM   642  C CG   . LEU A 1 46 ? 2.80572   -1.09872  -7.76404  1.000 7.34324  ? 199 LEU A CG   1 
ATOM   643  C CD1  . LEU A 1 46 ? 1.88449   -0.10716  -7.03488  1.000 8.30573  ? 199 LEU A CD1  1 
ATOM   644  C CD2  . LEU A 1 46 ? 2.00324   -2.22205  -8.34474  1.000 7.63162  ? 199 LEU A CD2  1 
ATOM   645  H H    . LEU A 1 46 ? 5.86099   -0.59205  -7.71937  1.000 5.74820  ? 199 LEU A H    1 
ATOM   646  H HA   . LEU A 1 46 ? 4.54093   -2.04803  -9.47835  1.000 6.08395  ? 199 LEU A HA   1 
ATOM   647  H HB2  . LEU A 1 46 ? 3.98066   0.47015   -8.37019  1.000 6.95915  ? 199 LEU A HB2  1 
ATOM   648  H HB3  . LEU A 1 46 ? 3.08029   -0.11333  -9.54249  1.000 6.95915  ? 199 LEU A HB3  1 
ATOM   649  H HG   . LEU A 1 46 ? 3.41710   -1.51732  -7.13804  1.000 8.81189  ? 199 LEU A HG   1 
ATOM   650  H HD11 . LEU A 1 46 ? 1.43360   -0.56893  -6.31076  1.000 9.96688  ? 199 LEU A HD11 1 
ATOM   651  H HD12 . LEU A 1 46 ? 2.42023   0.61982   -6.68079  1.000 9.96688  ? 199 LEU A HD12 1 
ATOM   652  H HD13 . LEU A 1 46 ? 1.23195   0.23868   -7.66376  1.000 9.96688  ? 199 LEU A HD13 1 
ATOM   653  H HD21 . LEU A 1 46 ? 1.53670   -2.68020  -7.62826  1.000 9.15794  ? 199 LEU A HD21 1 
ATOM   654  H HD22 . LEU A 1 46 ? 1.36346   -1.85916  -8.97711  1.000 9.15794  ? 199 LEU A HD22 1 
ATOM   655  H HD23 . LEU A 1 46 ? 2.60193   -2.83741  -8.79619  1.000 9.15794  ? 199 LEU A HD23 1 
ATOM   656  N N    . THR A 1 47 ? 6.06549   0.56654   -10.59325 1.000 4.99396  ? 200 THR A N    1 
ATOM   657  C CA   . THR A 1 47 ? 6.35767   1.29340   -11.81632 1.000 5.25946  ? 200 THR A CA   1 
ATOM   658  C C    . THR A 1 47 ? 7.83524   1.57071   -12.04146 1.000 4.46146  ? 200 THR A C    1 
ATOM   659  O O    . THR A 1 47 ? 8.17479   2.26715   -13.01677 1.000 5.10299  ? 200 THR A O    1 
ATOM   660  C CB   . THR A 1 47 ? 5.54339   2.58875   -11.92682 1.000 5.84430  ? 200 THR A CB   1 
ATOM   661  O OG1  . THR A 1 47 ? 5.81611   3.45624   -10.83304 1.000 7.27084  ? 200 THR A OG1  1 
ATOM   662  C CG2  . THR A 1 47 ? 4.04329   2.29449   -11.95633 1.000 8.48711  ? 200 THR A CG2  1 
ATOM   663  H H    . THR A 1 47 ? 6.38487   0.92117   -9.87782  1.000 5.99275  ? 200 THR A H    1 
ATOM   664  H HA   . THR A 1 47 ? 6.07451   0.72272   -12.54778 1.000 6.31136  ? 200 THR A HA   1 
ATOM   665  H HB   . THR A 1 47 ? 5.79401   3.02999   -12.75350 1.000 7.01316  ? 200 THR A HB   1 
ATOM   666  H HG1  . THR A 1 47 ? 5.13136   3.53780   -10.35338 1.000 8.72501  ? 200 THR A HG1  1 
ATOM   667  H HG21 . THR A 1 47 ? 3.54329   3.12437   -12.00323 1.000 10.18453 ? 200 THR A HG21 1 
ATOM   668  H HG22 . THR A 1 47 ? 3.82674   1.75230   -12.73093 1.000 10.18453 ? 200 THR A HG22 1 
ATOM   669  H HG23 . THR A 1 47 ? 3.78337   1.81528   -11.15402 1.000 10.18453 ? 200 THR A HG23 1 
ATOM   670  N N    . GLY A 1 48 ? 8.71710   1.00412   -11.22370 1.000 5.00795  ? 201 GLY A N    1 
ATOM   671  C CA   . GLY A 1 48 ? 10.14550  1.08196   -11.45935 1.000 5.68885  ? 201 GLY A CA   1 
ATOM   672  C C    . GLY A 1 48 ? 10.87143  1.96612   -10.45266 1.000 5.49200  ? 201 GLY A C    1 
ATOM   673  O O    . GLY A 1 48 ? 10.34348  2.97238   -9.94917  1.000 5.49651  ? 201 GLY A O    1 
ATOM   674  H H    . GLY A 1 48 ? 8.50577   0.56336   -10.51612 1.000 6.00954  ? 201 GLY A H    1 
ATOM   675  H HA2  . GLY A 1 48 ? 10.52556  0.19098   -11.40829 1.000 6.82662  ? 201 GLY A HA2  1 
ATOM   676  H HA3  . GLY A 1 48 ? 10.30263  1.44196   -12.34627 1.000 6.82662  ? 201 GLY A HA3  1 
ATOM   677  N N    . ILE A 1 49 ? 12.12967  1.60837   -10.19050 1.000 6.58129  ? 202 ILE A N    1 
ATOM   678  C CA   . ILE A 1 49 ? 13.00333  2.44072   -9.37411  1.000 7.69541  ? 202 ILE A CA   1 
ATOM   679  C C    . ILE A 1 49 ? 13.36184  3.70635   -10.13912 1.000 6.78770  ? 202 ILE A C    1 
ATOM   680  O O    . ILE A 1 49 ? 13.27961  3.75544   -11.37634 1.000 7.04112  ? 202 ILE A O    1 
ATOM   681  C CB   . ILE A 1 49 ? 14.26967  1.70134   -8.90985  1.000 8.20383  ? 202 ILE A CB   1 
ATOM   682  C CG1  . ILE A 1 49 ? 15.10212  1.16533   -10.07688 1.000 8.62677  ? 202 ILE A CG1  1 
ATOM   683  C CG2  . ILE A 1 49 ? 13.90241  0.58868   -7.94019  1.000 9.64998  ? 202 ILE A CG2  1 
ATOM   684  C CD1  . ILE A 1 49 ? 16.47451  0.65673   -9.64304  1.000 10.22707 ? 202 ILE A CD1  1 
ATOM   685  H H    . ILE A 1 49 ? 12.49810  0.88579   -10.47639 1.000 7.89754  ? 202 ILE A H    1 
ATOM   686  H HA   . ILE A 1 49 ? 12.50440  2.69115   -8.58086  1.000 9.23449  ? 202 ILE A HA   1 
ATOM   687  H HB   . ILE A 1 49 ? 14.82775  2.34973   -8.45264  1.000 9.84459  ? 202 ILE A HB   1 
ATOM   688  H HG12 . ILE A 1 49 ? 14.62651  0.42832   -10.49101 1.000 10.35212 ? 202 ILE A HG12 1 
ATOM   689  H HG13 . ILE A 1 49 ? 15.23645  1.87755   -10.72155 1.000 10.35212 ? 202 ILE A HG13 1 
ATOM   690  H HG21 . ILE A 1 49 ? 14.71608  0.19855   -7.58432  1.000 11.57997 ? 202 ILE A HG21 1 
ATOM   691  H HG22 . ILE A 1 49 ? 13.37112  0.96087   -7.21901  1.000 11.57997 ? 202 ILE A HG22 1 
ATOM   692  H HG23 . ILE A 1 49 ? 13.39125  -0.08650  -8.41322  1.000 11.57997 ? 202 ILE A HG23 1 
ATOM   693  H HD11 . ILE A 1 49 ? 16.98971  0.42621   -10.43192 1.000 12.27248 ? 202 ILE A HD11 1 
ATOM   694  H HD12 . ILE A 1 49 ? 16.92712  1.35517   -9.14482  1.000 12.27248 ? 202 ILE A HD12 1 
ATOM   695  H HD13 . ILE A 1 49 ? 16.35842  -0.12682  -9.08316  1.000 12.27248 ? 202 ILE A HD13 1 
ATOM   696  N N    . PRO A 1 50 ? 13.80875  4.75459   -9.45242  1.000 8.84216  ? 203 PRO A N    1 
ATOM   697  C CA   . PRO A 1 50 ? 14.18477  5.97676   -10.17210 1.000 8.39392  ? 203 PRO A CA   1 
ATOM   698  C C    . PRO A 1 50 ? 15.23541  5.71139   -11.23554 1.000 7.84254  ? 203 PRO A C    1 
ATOM   699  O O    . PRO A 1 50 ? 16.16013  4.92457   -11.03627 1.000 11.59511 ? 203 PRO A O    1 
ATOM   700  C CB   . PRO A 1 50 ? 14.72009  6.89496   -9.07076  1.000 11.77221 ? 203 PRO A CB   1 
ATOM   701  C CG   . PRO A 1 50 ? 13.98224  6.44323   -7.83959  1.000 12.97636 ? 203 PRO A CG   1 
ATOM   702  C CD   . PRO A 1 50 ? 13.87955  4.94092   -7.98942  1.000 8.73555  ? 203 PRO A CD   1 
ATOM   703  H HA   . PRO A 1 50 ? 13.40239  6.37580   -10.58388 1.000 10.07270 ? 203 PRO A HA   1 
ATOM   704  H HB2  . PRO A 1 50 ? 15.67751  6.77568   -8.97069  1.000 14.12665 ? 203 PRO A HB2  1 
ATOM   705  H HB3  . PRO A 1 50 ? 14.52122  7.82098   -9.28012  1.000 14.12665 ? 203 PRO A HB3  1 
ATOM   706  H HG2  . PRO A 1 50 ? 14.48487  6.68064   -7.04466  1.000 15.57163 ? 203 PRO A HG2  1 
ATOM   707  H HG3  . PRO A 1 50 ? 13.10281  6.85146   -7.81026  1.000 15.57163 ? 203 PRO A HG3  1 
ATOM   708  H HD2  . PRO A 1 50 ? 14.66294  4.50227   -7.62230  1.000 10.48266 ? 203 PRO A HD2  1 
ATOM   709  H HD3  . PRO A 1 50 ? 13.07834  4.60422   -7.55860  1.000 10.48266 ? 203 PRO A HD3  1 
ATOM   710  N N    . GLY A 1 51 ? 15.05961  6.36325   -12.37205 1.000 8.59955  ? 204 GLY A N    1 
ATOM   711  C CA   . GLY A 1 51 ? 15.96251  6.22155   -13.50891 1.000 7.93956  ? 204 GLY A CA   1 
ATOM   712  C C    . GLY A 1 51 ? 15.29728  5.74973   -14.77765 1.000 5.14864  ? 204 GLY A C    1 
ATOM   713  O O    . GLY A 1 51 ? 16.01235  5.55941   -15.77044 1.000 6.44560  ? 204 GLY A O    1 
ATOM   714  O OXT  . GLY A 1 51 ? 14.04547  5.59331   -14.84981 1.000 8.67400  ? 204 GLY A OXT  1 
ATOM   715  H H    . GLY A 1 51 ? 14.41013  6.90793   -12.51734 1.000 10.31947 ? 204 GLY A H    1 
ATOM   716  H HA2  . GLY A 1 51 ? 16.37395  7.08092   -13.69083 1.000 9.52747  ? 204 GLY A HA2  1 
ATOM   717  H HA3  . GLY A 1 51 ? 16.65504  5.58184   -13.28073 1.000 9.52747  ? 204 GLY A HA3  1 
ATOM   718  N N    . LEU B 1 4  ? -2.72538  1.62073   14.82063  1.000 19.83505 ? 157 LEU B N    1 
ATOM   719  C CA   . LEU B 1 4  ? -2.40698  2.55532   13.74362  1.000 15.83926 ? 157 LEU B CA   1 
ATOM   720  C C    . LEU B 1 4  ? -2.06141  1.80397   12.46744  1.000 11.01430 ? 157 LEU B C    1 
ATOM   721  O O    . LEU B 1 4  ? -1.13309  1.02006   12.45254  1.000 14.53389 ? 157 LEU B O    1 
ATOM   722  C CB   . LEU B 1 4  ? -1.19299  3.40131   14.12839  1.000 22.97334 ? 157 LEU B CB   1 
ATOM   723  C CG   . LEU B 1 4  ? -1.35803  4.60047   15.05670  1.000 19.82262 ? 157 LEU B CG   1 
ATOM   724  C CD1  . LEU B 1 4  ? 0.00518   5.06079   15.54392  1.000 23.87532 ? 157 LEU B CD1  1 
ATOM   725  C CD2  . LEU B 1 4  ? -2.06807  5.72723   14.33615  1.000 20.86447 ? 157 LEU B CD2  1 
ATOM   726  N N    . VAL B 1 5  ? -2.80200  2.04125   11.38314  1.000 10.89805 ? 158 VAL B N    1 
ATOM   727  C CA   . VAL B 1 5  ? -2.40894  1.50244   10.08949  1.000 7.14505  ? 158 VAL B CA   1 
ATOM   728  C C    . VAL B 1 5  ? -1.03406  2.03667   9.72749   1.000 6.30152  ? 158 VAL B C    1 
ATOM   729  O O    . VAL B 1 5  ? -0.74601  3.21783   9.91371   1.000 7.39058  ? 158 VAL B O    1 
ATOM   730  C CB   . VAL B 1 5  ? -3.48747  1.93930   9.08358   1.000 14.84208 ? 158 VAL B CB   1 
ATOM   731  C CG1  . VAL B 1 5  ? -3.02065  1.84895   7.66742   1.000 11.38661 ? 158 VAL B CG1  1 
ATOM   732  C CG2  . VAL B 1 5  ? -4.76236  1.09909   9.27318   1.000 22.11230 ? 158 VAL B CG2  1 
ATOM   733  H H    . VAL B 1 5  ? -3.52603  2.50522   11.37329  1.000 13.07766 ? 158 VAL B H    1 
ATOM   734  H HA   . VAL B 1 5  ? -2.34230  0.53479   10.09944  1.000 8.57406  ? 158 VAL B HA   1 
ATOM   735  H HB   . VAL B 1 5  ? -3.68603  2.87269   9.25752   1.000 17.81050 ? 158 VAL B HB   1 
ATOM   736  H HG11 . VAL B 1 5  ? -3.78650  1.92494   7.07700   1.000 13.66393 ? 158 VAL B HG11 1 
ATOM   737  H HG12 . VAL B 1 5  ? -2.39639  2.57084   7.49402   1.000 13.66393 ? 158 VAL B HG12 1 
ATOM   738  H HG13 . VAL B 1 5  ? -2.58301  0.99378   7.53312   1.000 13.66393 ? 158 VAL B HG13 1 
ATOM   739  H HG21 . VAL B 1 5  ? -5.47722  1.48604   8.74389   1.000 26.53476 ? 158 VAL B HG21 1 
ATOM   740  H HG22 . VAL B 1 5  ? -4.58843  0.19082   8.98044   1.000 26.53476 ? 158 VAL B HG22 1 
ATOM   741  H HG23 . VAL B 1 5  ? -5.00646  1.10303   10.21195  1.000 26.53476 ? 158 VAL B HG23 1 
ATOM   742  N N    . THR B 1 6  ? -0.17805  1.16527   9.21933   1.000 6.47413  ? 159 THR B N    1 
ATOM   743  C CA   . THR B 1 6  ? 1.13752   1.55790   8.74353   1.000 5.47835  ? 159 THR B CA   1 
ATOM   744  C C    . THR B 1 6  ? 1.08475   1.93158   7.25863   1.000 4.72925  ? 159 THR B C    1 
ATOM   745  O O    . THR B 1 6  ? 0.15005   1.59975   6.51858   1.000 4.99897  ? 159 THR B O    1 
ATOM   746  C CB   . THR B 1 6  ? 2.13190   0.41812   8.92659   1.000 5.47321  ? 159 THR B CB   1 
ATOM   747  O OG1  . THR B 1 6  ? 1.68970   -0.66084  8.11066   1.000 6.48068  ? 159 THR B OG1  1 
ATOM   748  C CG2  . THR B 1 6  ? 2.26631   -0.04112  10.36699  1.000 7.86680  ? 159 THR B CG2  1 
ATOM   749  H H    . THR B 1 6  ? -0.33851  0.32433   9.13763   1.000 7.76895  ? 159 THR B H    1 
ATOM   750  H HA   . THR B 1 6  ? 1.43851   2.32690   9.25240   1.000 6.57402  ? 159 THR B HA   1 
ATOM   751  H HB   . THR B 1 6  ? 3.01834   0.71996   8.67354   1.000 6.56785  ? 159 THR B HB   1 
ATOM   752  H HG1  . THR B 1 6  ? 2.24722   -1.28858  8.13751   1.000 7.77682  ? 159 THR B HG1  1 
ATOM   753  H HG21 . THR B 1 6  ? 2.83075   -0.82865  10.41281  1.000 9.44016  ? 159 THR B HG21 1 
ATOM   754  H HG22 . THR B 1 6  ? 2.66340   0.66246   10.90384  1.000 9.44016  ? 159 THR B HG22 1 
ATOM   755  H HG23 . THR B 1 6  ? 1.39293   -0.25829  10.72883  1.000 9.44016  ? 159 THR B HG23 1 
ATOM   756  N N    . GLY B 1 7  ? 2.13046   2.63104   6.81525   1.000 5.05220  ? 160 GLY B N    1 
ATOM   757  C CA   . GLY B 1 7  ? 2.24499   2.97066   5.40884   1.000 6.32532  ? 160 GLY B CA   1 
ATOM   758  C C    . GLY B 1 7  ? 2.24333   1.75673   4.50119   1.000 4.28271  ? 160 GLY B C    1 
ATOM   759  O O    . GLY B 1 7  ? 1.65641   1.78919   3.41391   1.000 5.37469  ? 160 GLY B O    1 
ATOM   760  H H    . GLY B 1 7  ? 2.77707   2.91544   7.30576   1.000 6.06264  ? 160 GLY B H    1 
ATOM   761  H HA2  . GLY B 1 7  ? 1.49957   3.53790   5.15684   1.000 7.59038  ? 160 GLY B HA2  1 
ATOM   762  H HA3  . GLY B 1 7  ? 3.07307   3.45490   5.26495   1.000 7.59038  ? 160 GLY B HA3  1 
ATOM   763  N N    . SER B 1 8  ? 2.92025   0.66413   4.91070   1.000 4.82037  ? 161 SER B N    1 
ATOM   764  C CA   . SER B 1 8  ? 2.92533   -0.54028  4.07268   1.000 5.16754  ? 161 SER B CA   1 
ATOM   765  C C    . SER B 1 8  ? 1.53366   -1.16241  3.98106   1.000 4.67987  ? 161 SER B C    1 
ATOM   766  O O    . SER B 1 8  ? 1.13084   -1.63389  2.90692   1.000 4.76312  ? 161 SER B O    1 
ATOM   767  C CB   . SER B 1 8  ? 3.96296   -1.54924  4.59000   1.000 6.86748  ? 161 SER B CB   1 
ATOM   768  O OG   . SER B 1 8  ? 3.65421   -2.04759  5.88203   1.000 6.97948  ? 161 SER B OG   1 
ATOM   769  H H    . SER B 1 8  ? 3.36651   0.60161   5.64318   1.000 5.78444  ? 161 SER B H    1 
ATOM   770  H HA   . SER B 1 8  ? 3.19111   -0.29354  3.17302   1.000 6.20105  ? 161 SER B HA   1 
ATOM   771  H HB2  . SER B 1 8  ? 3.99884   -2.29675  3.97288   1.000 8.24097  ? 161 SER B HB2  1 
ATOM   772  H HB3  . SER B 1 8  ? 4.82656   -1.10923  4.62872   1.000 8.24097  ? 161 SER B HB3  1 
ATOM   773  H HG   . SER B 1 8  ? 3.97063   -1.53769  6.46980   1.000 8.37538  ? 161 SER B HG   1 
ATOM   774  N N    . GLU B 1 9  ? 0.78693   -1.18547  5.08781   1.000 5.00898  ? 162 GLU B N    1 
ATOM   775  C CA   . GLU B 1 9  ? -0.59424  -1.65909  5.05276   1.000 4.72026  ? 162 GLU B CA   1 
ATOM   776  C C    . GLU B 1 9  ? -1.44823  -0.78357  4.13759   1.000 4.42533  ? 162 GLU B C    1 
ATOM   777  O O    . GLU B 1 9  ? -2.25672  -1.29139  3.34382   1.000 4.83313  ? 162 GLU B O    1 
ATOM   778  C CB   . GLU B 1 9  ? -1.17532  -1.69964  6.47171   1.000 5.07134  ? 162 GLU B CB   1 
ATOM   779  C CG   . GLU B 1 9  ? -0.56886  -2.79413  7.34119   1.000 5.95735  ? 162 GLU B CG   1 
ATOM   780  C CD   . GLU B 1 9  ? -0.91209  -2.66634  8.81102   1.000 7.35724  ? 162 GLU B CD   1 
ATOM   781  O OE1  . GLU B 1 9  ? -1.45507  -1.62926  9.24728   1.000 9.04591  ? 162 GLU B OE1  1 
ATOM   782  O OE2  . GLU B 1 9  ? -0.59919  -3.63005  9.54921   1.000 11.26087 ? 162 GLU B OE2  1 
ATOM   783  H H    . GLU B 1 9  ? 1.05535   -0.93394  5.86516   1.000 6.01078  ? 162 GLU B H    1 
ATOM   784  H HA   . GLU B 1 9  ? -0.60768  -2.56331  4.70190   1.000 5.66431  ? 162 GLU B HA   1 
ATOM   785  H HB2  . GLU B 1 9  ? -1.00648  -0.84787  6.90400   1.000 6.08561  ? 162 GLU B HB2  1 
ATOM   786  H HB3  . GLU B 1 9  ? -2.13041  -1.85926  6.41483   1.000 6.08561  ? 162 GLU B HB3  1 
ATOM   787  H HG2  . GLU B 1 9  ? -0.89678  -3.65401  7.03467   1.000 7.14882  ? 162 GLU B HG2  1 
ATOM   788  H HG3  . GLU B 1 9  ? 0.39701   -2.75892  7.25899   1.000 7.14882  ? 162 GLU B HG3  1 
ATOM   789  N N    . TYR B 1 10 ? -1.30441  0.53841   4.26673   1.000 4.36246  ? 163 TYR B N    1 
ATOM   790  C CA   . TYR B 1 10 ? -2.05579  1.46299   3.41472   1.000 4.32364  ? 163 TYR B CA   1 
ATOM   791  C C    . TYR B 1 10 ? -1.78157  1.18878   1.93743   1.000 4.52486  ? 163 TYR B C    1 
ATOM   792  O O    . TYR B 1 10 ? -2.70802  1.08048   1.12132   1.000 4.92816  ? 163 TYR B O    1 
ATOM   793  C CB   . TYR B 1 10 ? -1.68006  2.90505   3.76455   1.000 5.32109  ? 163 TYR B CB   1 
ATOM   794  C CG   . TYR B 1 10 ? -2.37003  3.90408   2.86803   1.000 4.91168  ? 163 TYR B CG   1 
ATOM   795  C CD1  . TYR B 1 10 ? -3.68437  4.29126   3.10766   1.000 4.91681  ? 163 TYR B CD1  1 
ATOM   796  C CD2  . TYR B 1 10 ? -1.72223  4.43786   1.75899   1.000 5.64290  ? 163 TYR B CD2  1 
ATOM   797  C CE1  . TYR B 1 10 ? -4.32470  5.21786   2.28863   1.000 5.29119  ? 163 TYR B CE1  1 
ATOM   798  C CE2  . TYR B 1 10 ? -2.35655  5.34132   0.93285   1.000 6.57675  ? 163 TYR B CE2  1 
ATOM   799  C CZ   . TYR B 1 10 ? -3.65821  5.73841   1.21270   1.000 5.94877  ? 163 TYR B CZ   1 
ATOM   800  O OH   . TYR B 1 10 ? -4.27423  6.65000   0.36873   1.000 7.61829  ? 163 TYR B OH   1 
ATOM   801  H H    . TYR B 1 10 ? -0.78388  0.92190   4.83380   1.000 5.23495  ? 163 TYR B H    1 
ATOM   802  H HA   . TYR B 1 10 ? -3.00451  1.34224   3.57675   1.000 5.18836  ? 163 TYR B HA   1 
ATOM   803  H HB2  . TYR B 1 10 ? -1.94094  3.08876   4.68058   1.000 6.38531  ? 163 TYR B HB2  1 
ATOM   804  H HB3  . TYR B 1 10 ? -0.72197  3.01790   3.66347   1.000 6.38531  ? 163 TYR B HB3  1 
ATOM   805  H HD1  . TYR B 1 10 ? -4.14402  3.92455   3.82817   1.000 5.90017  ? 163 TYR B HD1  1 
ATOM   806  H HD2  . TYR B 1 10 ? -0.84807  4.18151   1.57183   1.000 6.77148  ? 163 TYR B HD2  1 
ATOM   807  H HE1  . TYR B 1 10 ? -5.19789  5.48067   2.47131   1.000 6.34943  ? 163 TYR B HE1  1 
ATOM   808  H HE2  . TYR B 1 10 ? -1.91415  5.68409   0.19008   1.000 7.89210  ? 163 TYR B HE2  1 
ATOM   809  H HH   . TYR B 1 10 ? -3.69472  7.09996   -0.04029  1.000 9.14195  ? 163 TYR B HH   1 
ATOM   810  N N    . GLU B 1 11 ? -0.49774  1.10573   1.56069   1.000 4.56830  ? 164 GLU B N    1 
ATOM   811  C CA   . GLU B 1 11 ? -0.15264  0.92489   0.15347   1.000 6.37794  ? 164 GLU B CA   1 
ATOM   812  C C    . GLU B 1 11 ? -0.63722  -0.41410  -0.38241  1.000 5.39252  ? 164 GLU B C    1 
ATOM   813  O O    . GLU B 1 11 ? -1.00556  -0.52805  -1.55994  1.000 5.45415  ? 164 GLU B O    1 
ATOM   814  C CB   . GLU B 1 11 ? 1.36376   1.03256   -0.01837  1.000 6.26341  ? 164 GLU B CB   1 
ATOM   815  C CG   . GLU B 1 11 ? 1.91459   2.43156   0.15083   1.000 6.80351  ? 164 GLU B CG   1 
ATOM   816  C CD   . GLU B 1 11 ? 1.43618   3.38675   -0.93824  1.000 7.37895  ? 164 GLU B CD   1 
ATOM   817  O OE1  . GLU B 1 11 ? 1.09212   2.94652   -2.05877  1.000 9.33241  ? 164 GLU B OE1  1 
ATOM   818  O OE2  . GLU B 1 11 ? 1.39737   4.58030   -0.65311  1.000 8.48594  ? 164 GLU B OE2  1 
ATOM   819  H H    . GLU B 1 11 ? 0.17631   1.15074   2.09288   1.000 5.48196  ? 164 GLU B H    1 
ATOM   820  H HA   . GLU B 1 11 ? -0.57871  1.62602   -0.36402  1.000 7.65353  ? 164 GLU B HA   1 
ATOM   821  H HB2  . GLU B 1 11 ? 1.79095   0.46704   0.64388   1.000 7.51609  ? 164 GLU B HB2  1 
ATOM   822  H HB3  . GLU B 1 11 ? 1.59597   0.73185   -0.91087  1.000 7.51609  ? 164 GLU B HB3  1 
ATOM   823  H HG2  . GLU B 1 11 ? 1.62620   2.78387   1.00735   1.000 8.16421  ? 164 GLU B HG2  1 
ATOM   824  H HG3  . GLU B 1 11 ? 2.88332   2.39676   0.11561   1.000 8.16421  ? 164 GLU B HG3  1 
ATOM   825  N N    . THR B 1 12 ? -0.63019  -1.45036  0.44363   1.000 5.02018  ? 165 THR B N    1 
ATOM   826  C CA   . THR B 1 12 ? -1.12060  -2.75126  0.01554   1.000 5.26998  ? 165 THR B CA   1 
ATOM   827  C C    . THR B 1 12 ? -2.62839  -2.70598  -0.21471  1.000 4.63511  ? 165 THR B C    1 
ATOM   828  O O    . THR B 1 12 ? -3.12200  -3.21115  -1.22931  1.000 5.27785  ? 165 THR B O    1 
ATOM   829  C CB   . THR B 1 12 ? -0.71762  -3.80091  1.05469   1.000 5.51628  ? 165 THR B CB   1 
ATOM   830  O OG1  . THR B 1 12 ? 0.72172   -3.87936  1.14242   1.000 6.33923  ? 165 THR B OG1  1 
ATOM   831  C CG2  . THR B 1 12 ? -1.26564  -5.16620  0.68901   1.000 6.66350  ? 165 THR B CG2  1 
ATOM   832  H H    . THR B 1 12 ? -0.34756  -1.42788  1.25555   1.000 6.02421  ? 165 THR B H    1 
ATOM   833  H HA   . THR B 1 12 ? -0.71555  -3.00817  -0.82757  1.000 6.32398  ? 165 THR B HA   1 
ATOM   834  H HB   . THR B 1 12 ? -1.08300  -3.54509  1.91606   1.000 6.61954  ? 165 THR B HB   1 
ATOM   835  H HG1  . THR B 1 12 ? 1.02234   -3.20483  1.54272   1.000 7.60707  ? 165 THR B HG1  1 
ATOM   836  H HG21 . THR B 1 12 ? -0.85878  -5.84733  1.24705   1.000 7.99620  ? 165 THR B HG21 1 
ATOM   837  H HG22 . THR B 1 12 ? -2.22651  -5.18410  0.82052   1.000 7.99620  ? 165 THR B HG22 1 
ATOM   838  H HG23 . THR B 1 12 ? -1.07141  -5.36352  -0.24064  1.000 7.99620  ? 165 THR B HG23 1 
ATOM   839  N N    . MET B 1 13 ? -3.38539  -2.10074  0.70245   1.000 4.76444  ? 166 MET B N    1 
ATOM   840  C CA   . MET B 1 13 ? -4.82116  -1.94874  0.47290   1.000 4.63988  ? 166 MET B CA   1 
ATOM   841  C C    . MET B 1 13 ? -5.09518  -1.13586  -0.78804  1.000 4.51493  ? 166 MET B C    1 
ATOM   842  O O    . MET B 1 13 ? -5.96485  -1.48569  -1.59578  1.000 4.88532  ? 166 MET B O    1 
ATOM   843  C CB   . MET B 1 13 ? -5.47530  -1.27267  1.68453   1.000 4.98700  ? 166 MET B CB   1 
ATOM   844  C CG   . MET B 1 13 ? -5.51518  -2.13647  2.93657   1.000 6.37514  ? 166 MET B CG   1 
ATOM   845  S SD   . MET B 1 13 ? -6.42960  -1.40681  4.31040   1.000 7.18562  ? 166 MET B SD   1 
ATOM   846  C CE   . MET B 1 13 ? -5.30793  -0.15037  4.89213   1.000 8.72062  ? 166 MET B CE   1 
ATOM   847  H H    . MET B 1 13 ? -3.09955  -1.77779  1.44649   1.000 5.71733  ? 166 MET B H    1 
ATOM   848  H HA   . MET B 1 13 ? -5.20714  -2.83267  0.36998   1.000 5.56785  ? 166 MET B HA   1 
ATOM   849  H HB2  . MET B 1 13 ? -4.97607  -0.46879  1.89776   1.000 5.98441  ? 166 MET B HB2  1 
ATOM   850  H HB3  . MET B 1 13 ? -6.38983  -1.04432  1.45564   1.000 5.98441  ? 166 MET B HB3  1 
ATOM   851  H HG2  . MET B 1 13 ? -5.93867  -2.98122  2.71755   1.000 7.65017  ? 166 MET B HG2  1 
ATOM   852  H HG3  . MET B 1 13 ? -4.60575  -2.28941  3.23730   1.000 7.65017  ? 166 MET B HG3  1 
ATOM   853  H HE1  . MET B 1 13 ? -5.59875  0.15224   5.76663   1.000 10.46475 ? 166 MET B HE1  1 
ATOM   854  H HE2  . MET B 1 13 ? -4.41589  -0.52663  4.95209   1.000 10.46475 ? 166 MET B HE2  1 
ATOM   855  H HE3  . MET B 1 13 ? -5.31277  0.59127   4.26697   1.000 10.46475 ? 166 MET B HE3  1 
ATOM   856  N N    . LEU B 1 14 ? -4.37939  -0.02283  -0.95698  1.000 4.48222  ? 167 LEU B N    1 
ATOM   857  C CA   . LEU B 1 14 ? -4.57060  0.82731   -2.13077  1.000 5.05307  ? 167 LEU B CA   1 
ATOM   858  C C    . LEU B 1 14 ? -4.33929  0.02266   -3.40384  1.000 4.26941  ? 167 LEU B C    1 
ATOM   859  O O    . LEU B 1 14 ? -5.14604  0.05920   -4.34484  1.000 4.99780  ? 167 LEU B O    1 
ATOM   860  C CB   . LEU B 1 14 ? -3.59681  2.00337   -2.04235  1.000 5.34350  ? 167 LEU B CB   1 
ATOM   861  C CG   . LEU B 1 14 ? -3.50084  2.93064   -3.25340  1.000 6.30277  ? 167 LEU B CG   1 
ATOM   862  C CD1  . LEU B 1 14 ? -4.87574  3.47587   -3.64570  1.000 6.43764  ? 167 LEU B CD1  1 
ATOM   863  C CD2  . LEU B 1 14 ? -2.50769  4.05294   -2.94302  1.000 8.14816  ? 167 LEU B CD2  1 
ATOM   864  H H    . LEU B 1 14 ? -3.77984  0.26095   -0.40964  1.000 5.37867  ? 167 LEU B H    1 
ATOM   865  H HA   . LEU B 1 14 ? -5.47557  1.17563   -2.15541  1.000 6.06369  ? 167 LEU B HA   1 
ATOM   866  H HB2  . LEU B 1 14 ? -3.86253  2.55260   -1.28827  1.000 6.41220  ? 167 LEU B HB2  1 
ATOM   867  H HB3  . LEU B 1 14 ? -2.70873  1.64274   -1.89349  1.000 6.41220  ? 167 LEU B HB3  1 
ATOM   868  H HG   . LEU B 1 14 ? -3.17777  2.43858   -4.02437  1.000 7.56333  ? 167 LEU B HG   1 
ATOM   869  H HD11 . LEU B 1 14 ? -4.78241  4.02727   -4.43826  1.000 7.72516  ? 167 LEU B HD11 1 
ATOM   870  H HD12 . LEU B 1 14 ? -5.47018  2.73153   -3.82871  1.000 7.72516  ? 167 LEU B HD12 1 
ATOM   871  H HD13 . LEU B 1 14 ? -5.22588  4.00640   -2.91300  1.000 7.72516  ? 167 LEU B HD13 1 
ATOM   872  H HD21 . LEU B 1 14 ? -2.45173  4.64581   -3.70870  1.000 9.77780  ? 167 LEU B HD21 1 
ATOM   873  H HD22 . LEU B 1 14 ? -2.81865  4.54400   -2.16646  1.000 9.77780  ? 167 LEU B HD22 1 
ATOM   874  H HD23 . LEU B 1 14 ? -1.63787  3.66372   -2.76178  1.000 9.77780  ? 167 LEU B HD23 1 
ATOM   875  N N    . THR B 1 15 ? -3.22489  -0.72582  -3.44974  1.000 5.00034  ? 168 THR B N    1 
ATOM   876  C CA   . THR B 1 15 ? -2.87159  -1.48536  -4.65357  1.000 5.40559  ? 168 THR B CA   1 
ATOM   877  C C    . THR B 1 15 ? -3.85445  -2.62143  -4.91701  1.000 4.87189  ? 168 THR B C    1 
ATOM   878  O O    . THR B 1 15 ? -4.27284  -2.83108  -6.06886  1.000 5.56558  ? 168 THR B O    1 
ATOM   879  C CB   . THR B 1 15 ? -1.45860  -2.05129  -4.49921  1.000 4.88779  ? 168 THR B CB   1 
ATOM   880  O OG1  . THR B 1 15 ? -0.54516  -0.95627  -4.29998  1.000 7.87977  ? 168 THR B OG1  1 
ATOM   881  C CG2  . THR B 1 15 ? -1.02360  -2.82257  -5.71597  1.000 6.96911  ? 168 THR B CG2  1 
ATOM   882  H H    . THR B 1 15 ? -2.66391  -0.80853  -2.80317  1.000 6.00041  ? 168 THR B H    1 
ATOM   883  H HA   . THR B 1 15 ? -2.89629  -0.88535  -5.41533  1.000 6.48671  ? 168 THR B HA   1 
ATOM   884  H HB   . THR B 1 15 ? -1.44484  -2.66125  -3.74513  1.000 5.86535  ? 168 THR B HB   1 
ATOM   885  H HG1  . THR B 1 15 ? -0.55723  -0.71481  -3.49553  1.000 9.45572  ? 168 THR B HG1  1 
ATOM   886  H HG21 . THR B 1 15 ? -0.08656  -3.06145  -5.63987  1.000 8.36293  ? 168 THR B HG21 1 
ATOM   887  H HG22 . THR B 1 15 ? -1.54932  -3.63338  -5.80027  1.000 8.36293  ? 168 THR B HG22 1 
ATOM   888  H HG23 . THR B 1 15 ? -1.14723  -2.28299  -6.51251  1.000 8.36293  ? 168 THR B HG23 1 
ATOM   889  N N    . GLU B 1 16 ? -4.26481  -3.34811  -3.87201  1.000 4.68834  ? 169 GLU B N    1 
ATOM   890  C CA   . GLU B 1 16 ? -5.17580  -4.47225  -4.08601  1.000 5.03430  ? 169 GLU B CA   1 
ATOM   891  C C    . GLU B 1 16 ? -6.57428  -4.00385  -4.47736  1.000 4.52043  ? 169 GLU B C    1 
ATOM   892  O O    . GLU B 1 16 ? -7.24115  -4.68396  -5.26455  1.000 5.66468  ? 169 GLU B O    1 
ATOM   893  C CB   . GLU B 1 16 ? -5.18872  -5.38964  -2.86087  1.000 6.15133  ? 169 GLU B CB   1 
ATOM   894  C CG   . GLU B 1 16 ? -3.82727  -6.05592  -2.61848  1.000 7.55055  ? 169 GLU B CG   1 
ATOM   895  C CD   . GLU B 1 16 ? -3.38349  -6.93430  -3.75027  1.000 10.66450 ? 169 GLU B CD   1 
ATOM   896  O OE1  . GLU B 1 16 ? -2.15720  -7.03425  -3.97468  1.000 24.04409 ? 169 GLU B OE1  1 
ATOM   897  O OE2  . GLU B 1 16 ? -4.22086  -7.57021  -4.42418  1.000 13.27584 ? 169 GLU B OE2  1 
ATOM   898  H H    . GLU B 1 16 ? -4.03659  -3.21408  -3.05375  1.000 5.62600  ? 169 GLU B H    1 
ATOM   899  H HA   . GLU B 1 16 ? -4.84978  -5.00960  -4.82485  1.000 6.04116  ? 169 GLU B HA   1 
ATOM   900  H HB2  . GLU B 1 16 ? -5.41382  -4.86707  -2.07527  1.000 7.38159  ? 169 GLU B HB2  1 
ATOM   901  H HB3  . GLU B 1 16 ? -5.84794  -6.08855  -2.99448  1.000 7.38159  ? 169 GLU B HB3  1 
ATOM   902  H HG2  . GLU B 1 16 ? -3.15709  -5.36507  -2.49815  1.000 9.06066  ? 169 GLU B HG2  1 
ATOM   903  H HG3  . GLU B 1 16 ? -3.88451  -6.60511  -1.82098  1.000 9.06066  ? 169 GLU B HG3  1 
ATOM   904  N N    . ILE B 1 17 ? -7.03095  -2.86204  -3.96538  1.000 4.97583  ? 170 ILE B N    1 
ATOM   905  C CA   . ILE B 1 17 ? -8.33231  -2.33944  -4.39226  1.000 5.37514  ? 170 ILE B CA   1 
ATOM   906  C C    . ILE B 1 17 ? -8.24197  -1.75744  -5.79822  1.000 5.16501  ? 170 ILE B C    1 
ATOM   907  O O    . ILE B 1 17 ? -9.13584  -1.98034  -6.62646  1.000 5.84680  ? 170 ILE B O    1 
ATOM   908  C CB   . ILE B 1 17 ? -8.91149  -1.35834  -3.34827  1.000 4.67630  ? 170 ILE B CB   1 
ATOM   909  C CG1  . ILE B 1 17 ? -9.17832  -2.08533  -2.02217  1.000 6.05221  ? 170 ILE B CG1  1 
ATOM   910  C CG2  . ILE B 1 17 ? -10.19828 -0.73645  -3.88533  1.000 5.88290  ? 170 ILE B CG2  1 
ATOM   911  C CD1  . ILE B 1 17 ? -9.44403  -1.15450  -0.84371  1.000 7.35877  ? 170 ILE B CD1  1 
ATOM   912  H H    . ILE B 1 17 ? -6.61938  -2.38049  -3.38373  1.000 5.97100  ? 170 ILE B H    1 
ATOM   913  H HA   . ILE B 1 17 ? -8.96064  -3.07705  -4.43744  1.000 6.45017  ? 170 ILE B HA   1 
ATOM   914  H HB   . ILE B 1 17 ? -8.26378  -0.65503  -3.18466  1.000 5.61156  ? 170 ILE B HB   1 
ATOM   915  H HG12 . ILE B 1 17 ? -9.95737  -2.65299  -2.13058  1.000 7.26265  ? 170 ILE B HG12 1 
ATOM   916  H HG13 . ILE B 1 17 ? -8.40274  -2.62481  -1.80231  1.000 7.26265  ? 170 ILE B HG13 1 
ATOM   917  H HG21 . ILE B 1 17 ? -10.62602 -0.23289  -3.17514  1.000 7.05947  ? 170 ILE B HG21 1 
ATOM   918  H HG22 . ILE B 1 17 ? -9.97974  -0.14661  -4.62372  1.000 7.05947  ? 170 ILE B HG22 1 
ATOM   919  H HG23 . ILE B 1 17 ? -10.78758 -1.44396  -4.19038  1.000 7.05947  ? 170 ILE B HG23 1 
ATOM   920  H HD11 . ILE B 1 17 ? -9.54735  -1.68574  -0.03871  1.000 8.83052  ? 170 ILE B HD11 1 
ATOM   921  H HD12 . ILE B 1 17 ? -8.69389  -0.54743  -0.74539  1.000 8.83052  ? 170 ILE B HD12 1 
ATOM   922  H HD13 . ILE B 1 17 ? -10.25591 -0.65207  -1.01493  1.000 8.83052  ? 170 ILE B HD13 1 
ATOM   923  N N    . MET B 1 18 ? -7.13436  -1.07372  -6.13130  1.000 5.46468  ? 171 MET B N    1 
ATOM   924  C CA   . MET B 1 18 ? -6.94048  -0.63673  -7.52281  1.000 7.12709  ? 171 MET B CA   1 
ATOM   925  C C    . MET B 1 18 ? -6.97788  -1.83192  -8.46705  1.000 6.89743  ? 171 MET B C    1 
ATOM   926  O O    . MET B 1 18 ? -7.48343  -1.72543  -9.60710  1.000 8.57679  ? 171 MET B O    1 
ATOM   927  C CB   . MET B 1 18 ? -5.61337  0.12294   -7.69523  1.000 6.92159  ? 171 MET B CB   1 
ATOM   928  C CG   . MET B 1 18 ? -5.63565  1.51691   -7.18430  1.000 7.92064  ? 171 MET B CG   1 
ATOM   929  S SD   . MET B 1 18 ? -4.12229  2.42050   -7.30730  1.000 11.87193 ? 171 MET B SD   1 
ATOM   930  C CE   . MET B 1 18 ? -3.73240  2.19360   -9.01333  1.000 16.61929 ? 171 MET B CE   1 
ATOM   931  H H    . MET B 1 18 ? -6.50234  -0.85775  -5.58956  1.000 6.55762  ? 171 MET B H    1 
ATOM   932  H HA   . MET B 1 18 ? -7.65342  -0.01598  -7.74022  1.000 8.55251  ? 171 MET B HA   1 
ATOM   933  H HB2  . MET B 1 18 ? -4.91867  -0.35467  -7.21545  1.000 8.30591  ? 171 MET B HB2  1 
ATOM   934  H HB3  . MET B 1 18 ? -5.39839  0.15995   -8.64038  1.000 8.30591  ? 171 MET B HB3  1 
ATOM   935  H HG2  . MET B 1 18 ? -6.30390  2.01140   -7.68411  1.000 9.50477  ? 171 MET B HG2  1 
ATOM   936  H HG3  . MET B 1 18 ? -5.87605  1.49074   -6.24492  1.000 9.50477  ? 171 MET B HG3  1 
ATOM   937  H HE1  . MET B 1 18 ? -2.89741  2.64666   -9.20941  1.000 19.94315 ? 171 MET B HE1  1 
ATOM   938  H HE2  . MET B 1 18 ? -3.64407  1.24459   -9.19358  1.000 19.94315 ? 171 MET B HE2  1 
ATOM   939  H HE3  . MET B 1 18 ? -4.44638  2.56773   -9.55292  1.000 19.94315 ? 171 MET B HE3  1 
ATOM   940  N N    A SER B 1 19 ? -6.45784  -2.98176  -8.03615  0.474 6.90998  ? 172 SER B N    1 
ATOM   941  N N    B SER B 1 19 ? -6.44896  -2.97896  -8.02981  0.526 6.89200  ? 172 SER B N    1 
ATOM   942  C CA   A SER B 1 19 ? -6.41606  -4.16629  -8.88927  0.474 8.68922  ? 172 SER B CA   1 
ATOM   943  C CA   B SER B 1 19 ? -6.41548  -4.16918  -8.87214  0.526 8.61866  ? 172 SER B CA   1 
ATOM   944  C C    A SER B 1 19 ? -7.80171  -4.73017  -9.20079  0.474 6.82987  ? 172 SER B C    1 
ATOM   945  C C    B SER B 1 19 ? -7.81308  -4.63145  -9.26832  0.526 7.04936  ? 172 SER B C    1 
ATOM   946  O O    A SER B 1 19 ? -7.92553  -5.62190  -10.05579 0.474 7.11897  ? 172 SER B O    1 
ATOM   947  O O    B SER B 1 19 ? -7.97079  -5.30173  -10.28884 0.526 7.07792  ? 172 SER B O    1 
ATOM   948  C CB   A SER B 1 19 ? -5.54624  -5.24063  -8.23449  0.474 9.08000  ? 172 SER B CB   1 
ATOM   949  C CB   B SER B 1 19 ? -5.61247  -5.28464  -8.18581  0.526 9.17186  ? 172 SER B CB   1 
ATOM   950  O OG   A SER B 1 19 ? -4.19718  -4.81057  -8.12294  0.474 8.45610  ? 172 SER B OG   1 
ATOM   951  O OG   B SER B 1 19 ? -6.38906  -6.07937  -7.31073  0.526 9.71315  ? 172 SER B OG   1 
ATOM   952  H H    A SER B 1 19 ? -6.12274  -3.10100  -7.25314  0.474 8.29198  ? 172 SER B H    1 
ATOM   953  H H    B SER B 1 19 ? -6.10417  -3.09104  -7.24997  0.526 8.27040  ? 172 SER B H    1 
ATOM   954  H HA   A SER B 1 19 ? -6.00913  -3.92567  -9.73627  0.474 10.42707 ? 172 SER B HA   1 
ATOM   955  H HA   B SER B 1 19 ? -5.94762  -3.96615  -9.69725  0.526 10.34239 ? 172 SER B HA   1 
ATOM   956  H HB2  A SER B 1 19 ? -5.89127  -5.42696  -7.34729  0.474 10.89600 ? 172 SER B HB2  1 
ATOM   957  H HB2  B SER B 1 19 ? -5.24092  -5.86027  -8.87247  0.526 11.00623 ? 172 SER B HB2  1 
ATOM   958  H HB3  A SER B 1 19 ? -5.57638  -6.04376  -8.77761  0.474 10.89600 ? 172 SER B HB3  1 
ATOM   959  H HB3  B SER B 1 19 ? -4.89768  -4.87543  -7.67343  0.526 11.00623 ? 172 SER B HB3  1 
ATOM   960  H HG   A SER B 1 19 ? -3.73251  -5.41208  -7.76536  0.474 10.14732 ? 172 SER B HG   1 
ATOM   961  H HG   B SER B 1 19 ? -5.92219  -6.70470  -6.99996  0.526 11.65578 ? 172 SER B HG   1 
ATOM   962  N N    . MET B 1 20 ? -8.83730  -4.26590  -8.50348  1.000 6.38373  ? 173 MET B N    1 
ATOM   963  C CA   . MET B 1 20 ? -10.21388 -4.58263  -8.87801  1.000 6.99764  ? 173 MET B CA   1 
ATOM   964  C C    . MET B 1 20 ? -10.71983 -3.76797  -10.06138 1.000 7.38040  ? 173 MET B C    1 
ATOM   965  O O    . MET B 1 20 ? -11.79012 -4.09391  -10.60724 1.000 9.08842  ? 173 MET B O    1 
ATOM   966  C CB   . MET B 1 20 ? -11.12027 -4.33298  -7.68243  1.000 6.46949  ? 173 MET B CB   1 
ATOM   967  C CG   . MET B 1 20 ? -10.77466 -5.13937  -6.46418  1.000 6.78730  ? 173 MET B CG   1 
ATOM   968  S SD   . MET B 1 20 ? -11.73403 -4.54411  -5.04957  1.000 7.40407  ? 173 MET B SD   1 
ATOM   969  C CE   . MET B 1 20 ? -11.07383 -5.59025  -3.76229  1.000 8.86321  ? 173 MET B CE   1 
ATOM   970  H H    . MET B 1 20 ? -8.76405  -3.83412  -7.76334  1.000 7.66047  ? 173 MET B H    1 
ATOM   971  H HA   . MET B 1 20 ? -10.25687 -5.52141  -9.11828  1.000 8.39717  ? 173 MET B HA   1 
ATOM   972  H HB2  . MET B 1 20 ? -11.06182 -3.39552  -7.44023  1.000 7.76339  ? 173 MET B HB2  1 
ATOM   973  H HB3  . MET B 1 20 ? -12.03077 -4.55482  -7.93273  1.000 7.76339  ? 173 MET B HB3  1 
ATOM   974  H HG2  . MET B 1 20 ? -10.98867 -6.07302  -6.61716  1.000 8.14476  ? 173 MET B HG2  1 
ATOM   975  H HG3  . MET B 1 20 ? -9.83023  -5.04389  -6.26458  1.000 8.14476  ? 173 MET B HG3  1 
ATOM   976  H HE1  . MET B 1 20 ? -11.52450 -5.38673  -2.92779  1.000 10.63586 ? 173 MET B HE1  1 
ATOM   977  H HE2  . MET B 1 20 ? -11.22390 -6.51824  -4.00151  1.000 10.63586 ? 173 MET B HE2  1 
ATOM   978  H HE3  . MET B 1 20 ? -10.12277 -5.42093  -3.67447  1.000 10.63586 ? 173 MET B HE3  1 
ATOM   979  N N    . GLY B 1 21 ? -9.98488  -2.73998  -10.47083 1.000 7.39630  ? 174 GLY B N    1 
ATOM   980  C CA   . GLY B 1 21 ? -10.35081 -1.92434  -11.61201 1.000 8.74722  ? 174 GLY B CA   1 
ATOM   981  C C    . GLY B 1 21 ? -10.59784 -0.47022  -11.28712 1.000 9.08372  ? 174 GLY B C    1 
ATOM   982  O O    . GLY B 1 21 ? -10.94240 0.29309   -12.19986 1.000 15.03320 ? 174 GLY B O    1 
ATOM   983  H H    . GLY B 1 21 ? -9.25337  -2.49253  -10.09234 1.000 8.87555  ? 174 GLY B H    1 
ATOM   984  H HA2  . GLY B 1 21 ? -9.63679  -1.96572  -12.26727 1.000 10.49667 ? 174 GLY B HA2  1 
ATOM   985  H HA3  . GLY B 1 21 ? -11.16158 -2.28329  -12.00532 1.000 10.49667 ? 174 GLY B HA3  1 
ATOM   986  N N    . TYR B 1 22 ? -10.42695 -0.02618  -10.04757 1.000 7.91154  ? 175 TYR B N    1 
ATOM   987  C CA   . TYR B 1 22 ? -10.71123 1.35055   -9.66270  1.000 7.79837  ? 175 TYR B CA   1 
ATOM   988  C C    . TYR B 1 22 ? -9.48547  2.23677   -9.83387  1.000 7.55126  ? 175 TYR B C    1 
ATOM   989  O O    . TYR B 1 22 ? -8.36602  1.82299   -9.53465  1.000 9.18012  ? 175 TYR B O    1 
ATOM   990  C CB   . TYR B 1 22 ? -11.19173 1.39421   -8.20876  1.000 8.09712  ? 175 TYR B CB   1 
ATOM   991  C CG   . TYR B 1 22 ? -12.49971 0.66437   -7.97434  1.000 7.12519  ? 175 TYR B CG   1 
ATOM   992  C CD1  . TYR B 1 22 ? -13.69266 1.19889   -8.44374  1.000 7.80993  ? 175 TYR B CD1  1 
ATOM   993  C CD2  . TYR B 1 22 ? -12.55529 -0.53244  -7.27438  1.000 8.24565  ? 175 TYR B CD2  1 
ATOM   994  C CE1  . TYR B 1 22 ? -14.90727 0.54825   -8.24498  1.000 8.37326  ? 175 TYR B CE1  1 
ATOM   995  C CE2  . TYR B 1 22 ? -13.77838 -1.18449  -7.07019  1.000 8.01042  ? 175 TYR B CE2  1 
ATOM   996  C CZ   . TYR B 1 22 ? -14.93663 -0.63635  -7.56618  1.000 8.34389  ? 175 TYR B CZ   1 
ATOM   997  O OH   . TYR B 1 22 ? -16.12385 -1.29626  -7.34140  1.000 9.59929  ? 175 TYR B OH   1 
ATOM   998  H H    . TYR B 1 22 ? -10.14164 -0.51264  -9.39829  1.000 9.49385  ? 175 TYR B H    1 
ATOM   999  H HA   . TYR B 1 22 ? -11.40649 1.70662   -10.23779 1.000 9.35804  ? 175 TYR B HA   1 
ATOM   1000 H HB2  . TYR B 1 22 ? -10.51802 0.98237   -7.64537  1.000 9.71655  ? 175 TYR B HB2  1 
ATOM   1001 H HB3  . TYR B 1 22 ? -11.31929 2.32041   -7.95036  1.000 9.71655  ? 175 TYR B HB3  1 
ATOM   1002 H HD1  . TYR B 1 22 ? -13.67976 2.00882   -8.90061  1.000 9.37192  ? 175 TYR B HD1  1 
ATOM   1003 H HD2  . TYR B 1 22 ? -11.77285 -0.90545  -6.93743  1.000 9.89478  ? 175 TYR B HD2  1 
ATOM   1004 H HE1  . TYR B 1 22 ? -15.69484 0.91852   -8.57290  1.000 10.04791 ? 175 TYR B HE1  1 
ATOM   1005 H HE2  . TYR B 1 22 ? -13.80628 -1.98642  -6.60006  1.000 9.61250  ? 175 TYR B HE2  1 
ATOM   1006 H HH   . TYR B 1 22 ? -16.12759 -1.62572  -6.56872  1.000 11.51915 ? 175 TYR B HH   1 
ATOM   1007 N N    . GLU B 1 23 ? -9.70938  3.47441   -10.25754 1.000 8.74405  ? 176 GLU B N    1 
ATOM   1008 C CA   . GLU B 1 23 ? -8.61574  4.41807   -10.45386 1.000 9.68522  ? 176 GLU B CA   1 
ATOM   1009 C C    . GLU B 1 23 ? -8.01775  4.85005   -9.11838  1.000 8.57530  ? 176 GLU B C    1 
ATOM   1010 O O    . GLU B 1 23 ? -8.71966  4.95779   -8.10320  1.000 8.50549  ? 176 GLU B O    1 
ATOM   1011 C CB   . GLU B 1 23 ? -9.12484  5.66445   -11.18046 1.000 12.38774 ? 176 GLU B CB   1 
ATOM   1012 C CG   . GLU B 1 23 ? -9.52910  5.47464   -12.62167 1.000 19.62083 ? 176 GLU B CG   1 
ATOM   1013 C CD   . GLU B 1 23 ? -9.88749  6.78774   -13.29593 0.000 20.18596 ? 176 GLU B CD   1 
ATOM   1014 O OE1  . GLU B 1 23 ? -10.69786 7.54667   -12.72396 0.000 21.01982 ? 176 GLU B OE1  1 
ATOM   1015 O OE2  . GLU B 1 23 ? -9.35876  7.06252   -14.39420 0.000 21.70962 ? 176 GLU B OE2  1 
ATOM   1016 N N    . ARG B 1 24 ? -6.71878  5.16593   -9.14633  1.000 9.87693  ? 177 ARG B N    1 
ATOM   1017 C CA   . ARG B 1 24 ? -5.99131  5.49612   -7.92136  1.000 8.88689  ? 177 ARG B CA   1 
ATOM   1018 C C    . ARG B 1 24 ? -6.67885  6.59076   -7.11636  1.000 8.62376  ? 177 ARG B C    1 
ATOM   1019 O O    . ARG B 1 24 ? -6.85966  6.45135   -5.89839  1.000 9.04309  ? 177 ARG B O    1 
ATOM   1020 C CB   . ARG B 1 24 ? -4.55222  5.91885   -8.24715  1.000 10.33707 ? 177 ARG B CB   1 
ATOM   1021 C CG   . ARG B 1 24 ? -3.65232  6.06074   -7.01248  1.000 11.50679 ? 177 ARG B CG   1 
ATOM   1022 C CD   . ARG B 1 24 ? -2.16975  6.32272   -7.36169  1.000 15.25329 ? 177 ARG B CD   1 
ATOM   1023 N NE   . ARG B 1 24 ? -1.28095  6.19006   -6.19871  1.000 12.76124 ? 177 ARG B NE   1 
ATOM   1024 C CZ   . ARG B 1 24 ? -1.17460  7.08909   -5.23233  1.000 14.02739 ? 177 ARG B CZ   1 
ATOM   1025 N NH1  . ARG B 1 24 ? -1.88044  8.21224   -5.27580  1.000 17.14022 ? 177 ARG B NH1  1 
ATOM   1026 N NH2  . ARG B 1 24 ? -0.35186  6.86587   -4.21803  1.000 17.97908 ? 177 ARG B NH2  1 
ATOM   1027 H H    . ARG B 1 24 ? -6.23881  5.19583   -9.85930  1.000 11.85231 ? 177 ARG B H    1 
ATOM   1028 H HA   . ARG B 1 24 ? -5.96528  4.69368   -7.37701  1.000 10.66427 ? 177 ARG B HA   1 
ATOM   1029 H HB2  . ARG B 1 24 ? -4.15511  5.25050   -8.82726  1.000 12.40449 ? 177 ARG B HB2  1 
ATOM   1030 H HB3  . ARG B 1 24 ? -4.57433  6.77784   -8.69722  1.000 12.40449 ? 177 ARG B HB3  1 
ATOM   1031 H HG2  . ARG B 1 24 ? -3.96767  6.80612   -6.47781  1.000 13.80815 ? 177 ARG B HG2  1 
ATOM   1032 H HG3  . ARG B 1 24 ? -3.69539  5.24057   -6.49636  1.000 13.80815 ? 177 ARG B HG3  1 
ATOM   1033 H HD2  . ARG B 1 24 ? -1.88450  5.68209   -8.03186  1.000 18.30395 ? 177 ARG B HD2  1 
ATOM   1034 H HD3  . ARG B 1 24 ? -2.08043  7.22511   -7.70610  1.000 18.30395 ? 177 ARG B HD3  1 
ATOM   1035 H HE   . ARG B 1 24 ? -0.79754  5.48104   -6.14203  1.000 15.31349 ? 177 ARG B HE   1 
ATOM   1036 H HH11 . ARG B 1 24 ? -2.41210  8.36073   -5.93525  1.000 20.56827 ? 177 ARG B HH11 1 
ATOM   1037 H HH12 . ARG B 1 24 ? -1.80613  8.79151   -4.64451  1.000 20.56827 ? 177 ARG B HH12 1 
ATOM   1038 H HH21 . ARG B 1 24 ? 0.10923   6.14046   -4.18998  1.000 21.57489 ? 177 ARG B HH21 1 
ATOM   1039 H HH22 . ARG B 1 24 ? -0.27892  7.44638   -3.58772  1.000 21.57489 ? 177 ARG B HH22 1 
ATOM   1040 N N    . GLU B 1 25 ? -7.07469  7.68927   -7.77203  1.000 9.74794  ? 178 GLU B N    1 
ATOM   1041 C CA   . GLU B 1 25 ? -7.60083  8.82296   -7.01759  1.000 12.05222 ? 178 GLU B CA   1 
ATOM   1042 C C    . GLU B 1 25 ? -8.88386  8.44704   -6.29248  1.000 8.82343  ? 178 GLU B C    1 
ATOM   1043 O O    . GLU B 1 25 ? -9.12886  8.90020   -5.16318  1.000 9.49271  ? 178 GLU B O    1 
ATOM   1044 C CB   . GLU B 1 25 ? -7.83046  10.01921  -7.94173  1.000 16.68512 ? 178 GLU B CB   1 
ATOM   1045 C CG   . GLU B 1 25 ? -6.61925  10.91738  -8.09501  1.000 28.22771 ? 178 GLU B CG   1 
ATOM   1046 C CD   . GLU B 1 25 ? -6.91509  12.16538  -8.90303  0.000 25.82076 ? 178 GLU B CD   1 
ATOM   1047 O OE1  . GLU B 1 25 ? -8.07070  12.32769  -9.35069  0.716 35.96643 ? 178 GLU B OE1  1 
ATOM   1048 O OE2  . GLU B 1 25 ? -5.99079  12.98539  -9.08842  0.818 34.58996 ? 178 GLU B OE2  1 
ATOM   1049 N N    . ARG B 1 26 ? -9.69945  7.60138   -6.91885  1.000 9.41045  ? 179 ARG B N    1 
ATOM   1050 C CA   . ARG B 1 26 ? -10.93081 7.17188   -6.28344  1.000 7.97400  ? 179 ARG B CA   1 
ATOM   1051 C C    . ARG B 1 26 ? -10.65905 6.24807   -5.09799  1.000 6.93467  ? 179 ARG B C    1 
ATOM   1052 O O    . ARG B 1 26 ? -11.33927 6.33458   -4.07493  1.000 7.03277  ? 179 ARG B O    1 
ATOM   1053 C CB   . ARG B 1 26 ? -11.81126 6.47737   -7.31029  1.000 10.02845 ? 179 ARG B CB   1 
ATOM   1054 C CG   . ARG B 1 26 ? -13.23006 6.37072   -6.87520  1.000 15.90276 ? 179 ARG B CG   1 
ATOM   1055 C CD   . ARG B 1 26 ? -14.14148 6.15338   -8.07664  1.000 24.11542 ? 179 ARG B CD   1 
ATOM   1056 N NE   . ARG B 1 26 ? -14.60181 7.42371   -8.63307  0.000 20.12386 ? 179 ARG B NE   1 
ATOM   1057 C CZ   . ARG B 1 26 ? -15.87960 7.76984   -8.74881  0.000 19.77672 ? 179 ARG B CZ   1 
ATOM   1058 N NH1  . ARG B 1 26 ? -16.83057 6.93554   -8.35321  0.000 18.96123 ? 179 ARG B NH1  1 
ATOM   1059 N NH2  . ARG B 1 26 ? -16.20706 8.94824   -9.26216  0.000 20.74218 ? 179 ARG B NH2  1 
ATOM   1060 N N    . VAL B 1 27 ? -9.69019  5.33610   -5.22088  1.000 5.81187  ? 180 VAL B N    1 
ATOM   1061 C CA   . VAL B 1 27 ? -9.38559  4.45932   -4.09815  1.000 6.04720  ? 180 VAL B CA   1 
ATOM   1062 C C    . VAL B 1 27 ? -8.79968  5.25001   -2.92944  1.000 5.95960  ? 180 VAL B C    1 
ATOM   1063 O O    . VAL B 1 27 ? -9.14884  5.00857   -1.76041  1.000 6.27589  ? 180 VAL B O    1 
ATOM   1064 C CB   . VAL B 1 27 ? -8.47807  3.29344   -4.52566  1.000 5.69658  ? 180 VAL B CB   1 
ATOM   1065 C CG1  . VAL B 1 27 ? -8.20939  2.37057   -3.33734  1.000 6.35382  ? 180 VAL B CG1  1 
ATOM   1066 C CG2  . VAL B 1 27 ? -9.08473  2.51742   -5.67609  1.000 6.13699  ? 180 VAL B CG2  1 
ATOM   1067 H H    . VAL B 1 27 ? -9.21093  5.21131   -5.92397  1.000 6.97425  ? 180 VAL B H    1 
ATOM   1068 H HA   . VAL B 1 27 ? -10.22125 4.06969   -3.79686  1.000 7.25664  ? 180 VAL B HA   1 
ATOM   1069 H HB   . VAL B 1 27 ? -7.63317  3.65767   -4.83287  1.000 6.83589  ? 180 VAL B HB   1 
ATOM   1070 H HG11 . VAL B 1 27 ? -7.65294  1.63210   -3.63049  1.000 7.62458  ? 180 VAL B HG11 1 
ATOM   1071 H HG12 . VAL B 1 27 ? -7.75381  2.87308   -2.64391  1.000 7.62458  ? 180 VAL B HG12 1 
ATOM   1072 H HG13 . VAL B 1 27 ? -9.05486  2.03448   -3.00102  1.000 7.62458  ? 180 VAL B HG13 1 
ATOM   1073 H HG21 . VAL B 1 27 ? -8.49630  1.78121   -5.90553  1.000 7.36439  ? 180 VAL B HG21 1 
ATOM   1074 H HG22 . VAL B 1 27 ? -9.95120  2.17613   -5.40469  1.000 7.36439  ? 180 VAL B HG22 1 
ATOM   1075 H HG23 . VAL B 1 27 ? -9.18620  3.10950   -6.43770  1.000 7.36439  ? 180 VAL B HG23 1 
ATOM   1076 N N    . VAL B 1 28 ? -7.90289  6.20357   -3.21377  1.000 6.48808  ? 181 VAL B N    1 
ATOM   1077 C CA   . VAL B 1 28 ? -7.36382  7.06540   -2.16254  1.000 6.23112  ? 181 VAL B CA   1 
ATOM   1078 C C    . VAL B 1 28 ? -8.50331  7.77288   -1.43529  1.000 6.32834  ? 181 VAL B C    1 
ATOM   1079 O O    . VAL B 1 28 ? -8.54549  7.84154   -0.20035  1.000 6.38511  ? 181 VAL B O    1 
ATOM   1080 C CB   . VAL B 1 28 ? -6.35063  8.05933   -2.76790  1.000 6.65365  ? 181 VAL B CB   1 
ATOM   1081 C CG1  . VAL B 1 28 ? -6.02562  9.17484   -1.77094  1.000 7.95985  ? 181 VAL B CG1  1 
ATOM   1082 C CG2  . VAL B 1 28 ? -5.09270  7.35921   -3.22885  1.000 7.55137  ? 181 VAL B CG2  1 
ATOM   1083 H H    . VAL B 1 28 ? -7.59523  6.36812   -3.99982  1.000 7.78569  ? 181 VAL B H    1 
ATOM   1084 H HA   . VAL B 1 28 ? -6.89259  6.52373   -1.51027  1.000 7.47734  ? 181 VAL B HA   1 
ATOM   1085 H HB   . VAL B 1 28 ? -6.75558  8.46401   -3.55093  1.000 7.98438  ? 181 VAL B HB   1 
ATOM   1086 H HG11 . VAL B 1 28 ? -5.32737  9.73658   -2.14214  1.000 9.55182  ? 181 VAL B HG11 1 
ATOM   1087 H HG12 . VAL B 1 28 ? -6.82522  9.70114   -1.61419  1.000 9.55182  ? 181 VAL B HG12 1 
ATOM   1088 H HG13 . VAL B 1 28 ? -5.72317  8.77709   -0.93954  1.000 9.55182  ? 181 VAL B HG13 1 
ATOM   1089 H HG21 . VAL B 1 28 ? -4.55625  7.98106   -3.74503  1.000 9.06164  ? 181 VAL B HG21 1 
ATOM   1090 H HG22 . VAL B 1 28 ? -4.59547  7.05921   -2.45190  1.000 9.06164  ? 181 VAL B HG22 1 
ATOM   1091 H HG23 . VAL B 1 28 ? -5.33799  6.59857   -3.77854  1.000 9.06164  ? 181 VAL B HG23 1 
ATOM   1092 N N    . ALA B 1 29 ? -9.44915  8.31763   -2.18936  1.000 6.62436  ? 182 ALA B N    1 
ATOM   1093 C CA   . ALA B 1 29 ? -10.57408 9.01118   -1.57891  1.000 8.06600  ? 182 ALA B CA   1 
ATOM   1094 C C    . ALA B 1 29 ? -11.45229 8.05918   -0.76568  1.000 5.77188  ? 182 ALA B C    1 
ATOM   1095 O O    . ALA B 1 29 ? -11.96181 8.43348   0.30755   1.000 6.33642  ? 182 ALA B O    1 
ATOM   1096 C CB   . ALA B 1 29 ? -11.37657 9.75325   -2.65434  1.000 7.65196  ? 182 ALA B CB   1 
ATOM   1097 H H    . ALA B 1 29 ? -9.46388  8.30042   -3.04906  1.000 7.94923  ? 182 ALA B H    1 
ATOM   1098 H HA   . ALA B 1 29 ? -10.23702 9.67706   -0.95933  1.000 9.67920  ? 182 ALA B HA   1 
ATOM   1099 H HB1  . ALA B 1 29 ? -12.11646 10.21731  -2.23228  1.000 9.18235  ? 182 ALA B HB1  1 
ATOM   1100 H HB2  . ALA B 1 29 ? -10.79579 10.39115  -3.09782  1.000 9.18235  ? 182 ALA B HB2  1 
ATOM   1101 H HB3  . ALA B 1 29 ? -11.71329 9.10978   -3.29735  1.000 9.18235  ? 182 ALA B HB3  1 
ATOM   1102 N N    . ALA B 1 30 ? -11.65539 6.83980   -1.26183  1.000 6.01962  ? 183 ALA B N    1 
ATOM   1103 C CA   . ALA B 1 30 ? -12.49223 5.89240   -0.54915  1.000 5.93663  ? 183 ALA B CA   1 
ATOM   1104 C C    . ALA B 1 30 ? -11.84263 5.43342   0.75446   1.000 5.27233  ? 183 ALA B C    1 
ATOM   1105 O O    . ALA B 1 30 ? -12.52793 5.27521   1.76426   1.000 6.07945  ? 183 ALA B O    1 
ATOM   1106 C CB   . ALA B 1 30 ? -12.81528 4.69098   -1.43180  1.000 6.93327  ? 183 ALA B CB   1 
ATOM   1107 H H    . ALA B 1 30 ? -11.32347 6.54464   -1.99823  1.000 7.22354  ? 183 ALA B H    1 
ATOM   1108 H HA   . ALA B 1 30 ? -13.32660 6.33582   -0.32984  1.000 7.12396  ? 183 ALA B HA   1 
ATOM   1109 H HB1  . ALA B 1 30 ? -13.36584 4.06955   -0.93020  1.000 8.31992  ? 183 ALA B HB1  1 
ATOM   1110 H HB2  . ALA B 1 30 ? -13.29387 4.99650   -2.21826  1.000 8.31992  ? 183 ALA B HB2  1 
ATOM   1111 H HB3  . ALA B 1 30 ? -11.98678 4.26071   -1.69515  1.000 8.31992  ? 183 ALA B HB3  1 
ATOM   1112 N N    . LEU B 1 31 ? -10.53922 5.16156   0.73442   1.000 5.29480  ? 184 LEU B N    1 
ATOM   1113 C CA   . LEU B 1 31 ? -9.84046  4.80859   1.96574   1.000 5.25237  ? 184 LEU B CA   1 
ATOM   1114 C C    . LEU B 1 31 ? -9.85339  5.96206   2.96653   1.000 5.06825  ? 184 LEU B C    1 
ATOM   1115 O O    . LEU B 1 31 ? -9.92406  5.74347   4.18221   1.000 5.78009  ? 184 LEU B O    1 
ATOM   1116 C CB   . LEU B 1 31 ? -8.39732  4.37701   1.66433   1.000 5.89851  ? 184 LEU B CB   1 
ATOM   1117 C CG   . LEU B 1 31 ? -8.24586  2.99275   1.01028   1.000 5.90856  ? 184 LEU B CG   1 
ATOM   1118 C CD1  . LEU B 1 31 ? -6.88578  2.81576   0.39832   1.000 6.39708  ? 184 LEU B CD1  1 
ATOM   1119 C CD2  . LEU B 1 31 ? -8.56010  1.87609   2.01721   1.000 6.28876  ? 184 LEU B CD2  1 
ATOM   1120 H H    . LEU B 1 31 ? -10.04371 5.17418   0.03163   1.000 6.35375  ? 184 LEU B H    1 
ATOM   1121 H HA   . LEU B 1 31 ? -10.29325 4.05190   2.36984   1.000 6.30285  ? 184 LEU B HA   1 
ATOM   1122 H HB2  . LEU B 1 31 ? -8.00443  5.02714   1.06111   1.000 7.07821  ? 184 LEU B HB2  1 
ATOM   1123 H HB3  . LEU B 1 31 ? -7.90398  4.35860   2.49930   1.000 7.07821  ? 184 LEU B HB3  1 
ATOM   1124 H HG   . LEU B 1 31 ? -8.88829  2.92427   0.28675   1.000 7.09027  ? 184 LEU B HG   1 
ATOM   1125 H HD11 . LEU B 1 31 ? -6.83862  1.94139   -0.01900  1.000 7.67650  ? 184 LEU B HD11 1 
ATOM   1126 H HD12 . LEU B 1 31 ? -6.74633  3.50777   -0.26694  1.000 7.67650  ? 184 LEU B HD12 1 
ATOM   1127 H HD13 . LEU B 1 31 ? -6.21444  2.88646   1.09489   1.000 7.67650  ? 184 LEU B HD13 1 
ATOM   1128 H HD21 . LEU B 1 31 ? -8.60214  1.02902   1.54647   1.000 7.54652  ? 184 LEU B HD21 1 
ATOM   1129 H HD22 . LEU B 1 31 ? -7.85875  1.84800   2.68670   1.000 7.54652  ? 184 LEU B HD22 1 
ATOM   1130 H HD23 . LEU B 1 31 ? -9.41322  2.06253   2.43950   1.000 7.54652  ? 184 LEU B HD23 1 
ATOM   1131 N N    . ARG B 1 32 ? -9.77525  7.20547   2.49645   1.000 5.66855  ? 185 ARG B N    1 
ATOM   1132 C CA   . ARG B 1 32 ? -9.91671  8.31601   3.43272   1.000 5.69897  ? 185 ARG B CA   1 
ATOM   1133 C C    . ARG B 1 32 ? -11.30672 8.31356   4.05741   1.000 5.91587  ? 185 ARG B C    1 
ATOM   1134 O O    . ARG B 1 32 ? -11.46218 8.41845   5.27644   1.000 6.33349  ? 185 ARG B O    1 
ATOM   1135 C CB   . ARG B 1 32 ? -9.64900  9.64968   2.73058   1.000 6.01861  ? 185 ARG B CB   1 
ATOM   1136 C CG   . ARG B 1 32 ? -10.00665 10.85513  3.58133   1.000 6.10690  ? 185 ARG B CG   1 
ATOM   1137 C CD   . ARG B 1 32 ? -9.63564  12.18842  2.93067   1.000 6.49520  ? 185 ARG B CD   1 
ATOM   1138 N NE   . ARG B 1 32 ? -10.09367 13.29021  3.77131   1.000 7.07377  ? 185 ARG B NE   1 
ATOM   1139 C CZ   . ARG B 1 32 ? -11.28344 13.86609  3.67626   1.000 7.83928  ? 185 ARG B CZ   1 
ATOM   1140 N NH1  . ARG B 1 32 ? -12.13216 13.51108  2.73376   1.000 8.38672  ? 185 ARG B NH1  1 
ATOM   1141 N NH2  . ARG B 1 32 ? -11.60915 14.82892  4.54193   1.000 8.85442  ? 185 ARG B NH2  1 
ATOM   1142 H H    . ARG B 1 32 ? -9.64637  7.42377   1.67465   1.000 6.80226  ? 185 ARG B H    1 
ATOM   1143 H HA   . ARG B 1 32 ? -9.25648  8.21608   4.13630   1.000 6.83877  ? 185 ARG B HA   1 
ATOM   1144 H HB2  . ARG B 1 32 ? -8.70524  9.70658   2.51382   1.000 7.22233  ? 185 ARG B HB2  1 
ATOM   1145 H HB3  . ARG B 1 32 ? -10.17876 9.68920   1.91898   1.000 7.22233  ? 185 ARG B HB3  1 
ATOM   1146 H HG2  . ARG B 1 32 ? -10.96409 10.85691  3.73689   1.000 7.32828  ? 185 ARG B HG2  1 
ATOM   1147 H HG3  . ARG B 1 32 ? -9.53343  10.79508  4.42594   1.000 7.32828  ? 185 ARG B HG3  1 
ATOM   1148 H HD2  . ARG B 1 32 ? -8.67245  12.24901  2.83320   1.000 7.79424  ? 185 ARG B HD2  1 
ATOM   1149 H HD3  . ARG B 1 32 ? -10.06208 12.25949  2.06233   1.000 7.79424  ? 185 ARG B HD3  1 
ATOM   1150 H HE   . ARG B 1 32 ? -9.55307  13.58673  4.37084   1.000 8.48852  ? 185 ARG B HE   1 
ATOM   1151 H HH11 . ARG B 1 32 ? -11.91706 12.89832  2.16998   1.000 10.06407 ? 185 ARG B HH11 1 
ATOM   1152 H HH12 . ARG B 1 32 ? -12.90145 13.89203  2.68212   1.000 10.06407 ? 185 ARG B HH12 1 
ATOM   1153 H HH21 . ARG B 1 32 ? -11.05003 15.06731  5.15033   1.000 10.62531 ? 185 ARG B HH21 1 
ATOM   1154 H HH22 . ARG B 1 32 ? -12.37807 15.21071  4.49117   1.000 10.62531 ? 185 ARG B HH22 1 
ATOM   1155 N N    . ALA B 1 33 ? -12.34545 8.17609   3.22482   1.000 5.67500  ? 186 ALA B N    1 
ATOM   1156 C CA   . ALA B 1 33 ? -13.72413 8.16828   3.72426   1.000 6.76135  ? 186 ALA B CA   1 
ATOM   1157 C C    . ALA B 1 33 ? -13.96684 7.04481   4.72146   1.000 6.99415  ? 186 ALA B C    1 
ATOM   1158 O O    . ALA B 1 33 ? -14.73644 7.21881   5.67283   1.000 7.82223  ? 186 ALA B O    1 
ATOM   1159 C CB   . ALA B 1 33 ? -14.71157 8.04572   2.57276   1.000 7.36858  ? 186 ALA B CB   1 
ATOM   1160 H H    . ALA B 1 33 ? -12.27980 8.08622   2.37205   1.000 6.81000  ? 186 ALA B H    1 
ATOM   1161 H HA   . ALA B 1 33 ? -13.87920 9.01442   4.17248   1.000 8.11362  ? 186 ALA B HA   1 
ATOM   1162 H HB1  . ALA B 1 33 ? -15.61407 8.05667   2.92814   1.000 8.84230  ? 186 ALA B HB1  1 
ATOM   1163 H HB2  . ALA B 1 33 ? -14.58530 8.79318   1.96756   1.000 8.84230  ? 186 ALA B HB2  1 
ATOM   1164 H HB3  . ALA B 1 33 ? -14.55008 7.21103   2.10574   1.000 8.84230  ? 186 ALA B HB3  1 
ATOM   1165 N N    . SER B 1 34 ? -13.30402 5.89930   4.55078   1.000 6.07072  ? 187 SER B N    1 
ATOM   1166 C CA   . SER B 1 34 ? -13.50676 4.73782   5.40299   1.000 7.16318  ? 187 SER B CA   1 
ATOM   1167 C C    . SER B 1 34 ? -12.51959 4.68218   6.56267   1.000 7.60595  ? 187 SER B C    1 
ATOM   1168 O O    . SER B 1 34 ? -12.55459 3.69937   7.31442   1.000 8.07376  ? 187 SER B O    1 
ATOM   1169 C CB   . SER B 1 34 ? -13.40035 3.44004   4.57918   1.000 7.54135  ? 187 SER B CB   1 
ATOM   1170 O OG   . SER B 1 34 ? -12.03603 3.16209   4.29942   1.000 7.30297  ? 187 SER B OG   1 
ATOM   1171 H H    . SER B 1 34 ? -12.71946 5.77217   3.93293   1.000 7.28487  ? 187 SER B H    1 
ATOM   1172 H HA   . SER B 1 34 ? -14.40364 4.78034   5.77003   1.000 8.59582  ? 187 SER B HA   1 
ATOM   1173 H HB2  . SER B 1 34 ? -13.77928 2.70588   5.08741   1.000 9.04962  ? 187 SER B HB2  1 
ATOM   1174 H HB3  . SER B 1 34 ? -13.88268 3.54970   3.74477   1.000 9.04962  ? 187 SER B HB3  1 
ATOM   1175 H HG   . SER B 1 34 ? -11.95338 2.37064   4.03039   1.000 8.76357  ? 187 SER B HG   1 
ATOM   1176 N N    . GLY B 1 35 ? -11.62886 5.66468   6.72264   1.000 6.07052  ? 188 GLY B N    1 
ATOM   1177 C CA   . GLY B 1 35 ? -10.62434 5.55721   7.77566   1.000 6.66832  ? 188 GLY B CA   1 
ATOM   1178 C C    . GLY B 1 35 ? -9.73336  4.34010   7.62430   1.000 5.84595  ? 188 GLY B C    1 
ATOM   1179 O O    . GLY B 1 35 ? -9.30279  3.75411   8.63150   1.000 6.53799  ? 188 GLY B O    1 
ATOM   1180 H H    . GLY B 1 35 ? -11.58805 6.38079   6.24817   1.000 7.28463  ? 188 GLY B H    1 
ATOM   1181 H HA2  . GLY B 1 35 ? -10.06257 6.34785   7.76123   1.000 8.00199  ? 188 GLY B HA2  1 
ATOM   1182 H HA3  . GLY B 1 35 ? -11.06966 5.50187   8.63561   1.000 8.00199  ? 188 GLY B HA3  1 
ATOM   1183 N N    . ASN B 1 36 ? -9.41470  3.96505   6.38687   1.000 5.41856  ? 189 ASN B N    1 
ATOM   1184 C CA   . ASN B 1 36 ? -8.49771  2.86899   6.09292   1.000 6.32794  ? 189 ASN B CA   1 
ATOM   1185 C C    . ASN B 1 36 ? -9.04719  1.50186   6.46749   1.000 5.71777  ? 189 ASN B C    1 
ATOM   1186 O O    . ASN B 1 36 ? -8.27970  0.53961   6.56907   1.000 7.49463  ? 189 ASN B O    1 
ATOM   1187 C CB   . ASN B 1 36 ? -7.09814  3.12388   6.66495   1.000 5.87734  ? 189 ASN B CB   1 
ATOM   1188 C CG   . ASN B 1 36 ? -6.38744  4.22806   5.91502   1.000 5.10418  ? 189 ASN B CG   1 
ATOM   1189 O OD1  . ASN B 1 36 ? -6.64346  4.44000   4.72658   1.000 5.95215  ? 189 ASN B OD1  1 
ATOM   1190 N ND2  . ASN B 1 36 ? -5.50264  4.95210   6.60436   1.000 6.77190  ? 189 ASN B ND2  1 
ATOM   1191 H H    . ASN B 1 36 ? -9.72787  4.34354   5.68099   1.000 6.50228  ? 189 ASN B H    1 
ATOM   1192 H HA   . ASN B 1 36 ? -8.38189  2.82770   5.13075   1.000 7.59352  ? 189 ASN B HA   1 
ATOM   1193 H HB2  . ASN B 1 36 ? -7.17448  3.38661   7.59556   1.000 7.05280  ? 189 ASN B HB2  1 
ATOM   1194 H HB3  . ASN B 1 36 ? -6.56868  2.31449   6.59109   1.000 7.05280  ? 189 ASN B HB3  1 
ATOM   1195 H HD21 . ASN B 1 36 ? -5.07510  5.59041   6.21792   1.000 8.12628  ? 189 ASN B HD21 1 
ATOM   1196 H HD22 . ASN B 1 36 ? -5.36022  4.78018   7.43489   1.000 8.12628  ? 189 ASN B HD22 1 
ATOM   1197 N N    . ASN B 1 37 ? -10.36472 1.38076   6.63467   1.000 5.50207  ? 190 ASN B N    1 
ATOM   1198 C CA   . ASN B 1 37 ? -11.00721 0.07231   6.67957   1.000 5.51163  ? 190 ASN B CA   1 
ATOM   1199 C C    . ASN B 1 37 ? -11.25786 -0.34922  5.23417   1.000 5.00067  ? 190 ASN B C    1 
ATOM   1200 O O    . ASN B 1 37 ? -12.01808 0.31893   4.52545   1.000 5.30828  ? 190 ASN B O    1 
ATOM   1201 C CB   . ASN B 1 37 ? -12.31024 0.20335   7.45407   1.000 6.60786  ? 190 ASN B CB   1 
ATOM   1202 C CG   . ASN B 1 37 ? -13.07239 -1.11110  7.53086   1.000 5.97771  ? 190 ASN B CG   1 
ATOM   1203 O OD1  . ASN B 1 37 ? -13.20888 -1.84736  6.55708   1.000 6.08143  ? 190 ASN B OD1  1 
ATOM   1204 N ND2  . ASN B 1 37 ? -13.61773 -1.39328  8.69634   1.000 13.78179 ? 190 ASN B ND2  1 
ATOM   1205 H H    . ASN B 1 37 ? -10.90625 2.04283   6.72426   1.000 6.60248  ? 190 ASN B H    1 
ATOM   1206 H HA   . ASN B 1 37 ? -10.46401 -0.60262  7.11581   1.000 6.61396  ? 190 ASN B HA   1 
ATOM   1207 H HB2  . ASN B 1 37 ? -12.11414 0.49164   8.35924   1.000 7.92943  ? 190 ASN B HB2  1 
ATOM   1208 H HB3  . ASN B 1 37 ? -12.87732 0.85555   7.01368   1.000 7.92943  ? 190 ASN B HB3  1 
ATOM   1209 H HD21 . ASN B 1 37 ? -14.06074 -2.12331  8.79833   1.000 16.53815 ? 190 ASN B HD21 1 
ATOM   1210 H HD22 . ASN B 1 37 ? -13.53074 -0.84746  9.35521   1.000 16.53815 ? 190 ASN B HD22 1 
ATOM   1211 N N    . PRO B 1 38 ? -10.59376 -1.38961  4.73879   1.000 4.45964  ? 191 PRO B N    1 
ATOM   1212 C CA   . PRO B 1 38 ? -10.70843 -1.70975  3.30685   1.000 4.91036  ? 191 PRO B CA   1 
ATOM   1213 C C    . PRO B 1 38 ? -12.06806 -2.26178  2.91911   1.000 4.59343  ? 191 PRO B C    1 
ATOM   1214 O O    . PRO B 1 38 ? -12.46688 -2.17692  1.75340   1.000 5.22560  ? 191 PRO B O    1 
ATOM   1215 C CB   . PRO B 1 38 ? -9.61603  -2.76822  3.10474   1.000 5.31147  ? 191 PRO B CB   1 
ATOM   1216 C CG   . PRO B 1 38 ? -9.50563  -3.45712  4.45336   1.000 6.07056  ? 191 PRO B CG   1 
ATOM   1217 C CD   . PRO B 1 38 ? -9.73812  -2.35627  5.46314   1.000 5.32488  ? 191 PRO B CD   1 
ATOM   1218 H HA   . PRO B 1 38 ? -10.51156 -0.92567  2.77079   1.000 5.89243  ? 191 PRO B HA   1 
ATOM   1219 H HB2  . PRO B 1 38 ? -9.88290  -3.39407  2.41337   1.000 6.37377  ? 191 PRO B HB2  1 
ATOM   1220 H HB3  . PRO B 1 38 ? -8.77992  -2.34120  2.86091   1.000 6.37377  ? 191 PRO B HB3  1 
ATOM   1221 H HG2  . PRO B 1 38 ? -10.18191 -4.14827  4.52984   1.000 7.28467  ? 191 PRO B HG2  1 
ATOM   1222 H HG3  . PRO B 1 38 ? -8.62235  -3.84425  4.55747   1.000 7.28467  ? 191 PRO B HG3  1 
ATOM   1223 H HD2  . PRO B 1 38 ? -10.19523 -2.69978  6.24670   1.000 6.38986  ? 191 PRO B HD2  1 
ATOM   1224 H HD3  . PRO B 1 38 ? -8.89872  -1.94505  5.72241   1.000 6.38986  ? 191 PRO B HD3  1 
ATOM   1225 N N    . HIS B 1 39 ? -12.78804 -2.83673  3.88232   1.000 4.86103  ? 192 HIS B N    1 
ATOM   1226 C CA   . HIS B 1 39 ? -14.11713 -3.38374  3.61702   1.000 5.13647  ? 192 HIS B CA   1 
ATOM   1227 C C    . HIS B 1 39 ? -15.10628 -2.25805  3.38956   1.000 4.58466  ? 192 HIS B C    1 
ATOM   1228 O O    . HIS B 1 39 ? -15.86930 -2.26240  2.40653   1.000 5.27858  ? 192 HIS B O    1 
ATOM   1229 C CB   . HIS B 1 39 ? -14.50550 -4.27206  4.80571   1.000 5.37739  ? 192 HIS B CB   1 
ATOM   1230 C CG   . HIS B 1 39 ? -13.40787 -5.23342  5.11778   1.000 5.09143  ? 192 HIS B CG   1 
ATOM   1231 N ND1  . HIS B 1 39 ? -12.64528 -5.24589  6.26297   1.000 7.79349  ? 192 HIS B ND1  1 
ATOM   1232 C CD2  . HIS B 1 39 ? -12.85613 -6.13361  4.28126   1.000 3.49479  ? 192 HIS B CD2  1 
ATOM   1233 C CE1  . HIS B 1 39 ? -11.68807 -6.16690  6.12766   1.000 3.93098  ? 192 HIS B CE1  1 
ATOM   1234 N NE2  . HIS B 1 39 ? -11.79690 -6.70016  4.92852   1.000 7.60369  ? 192 HIS B NE2  1 
ATOM   1235 H H    . HIS B 1 39 ? -12.53027 -2.92306  4.69822   1.000 5.83323  ? 192 HIS B H    1 
ATOM   1236 H HA   . HIS B 1 39 ? -14.12475 -3.93189  2.81678   1.000 6.16376  ? 192 HIS B HA   1 
ATOM   1237 H HB2  . HIS B 1 39 ? -14.66432 -3.71866  5.58636   1.000 6.45286  ? 192 HIS B HB2  1 
ATOM   1238 H HB3  . HIS B 1 39 ? -15.30559 -4.77512  4.58733   1.000 6.45286  ? 192 HIS B HB3  1 
ATOM   1239 H HD2  . HIS B 1 39 ? -13.14451 -6.33265  3.41979   1.000 4.19375  ? 192 HIS B HD2  1 
ATOM   1240 H HE1  . HIS B 1 39 ? -11.05402 -6.39277  6.76943   1.000 4.71717  ? 192 HIS B HE1  1 
ATOM   1241 H HE2  . HIS B 1 39 ? -11.28237 -7.30855  4.60490   1.000 9.12443  ? 192 HIS B HE2  1 
ATOM   1242 N N    . ARG B 1 40 ? -15.10064 -1.28225  4.29421   1.000 5.18424  ? 193 ARG B N    1 
ATOM   1243 C CA   . ARG B 1 40 ? -15.93911 -0.11296  4.10935   1.000 5.26505  ? 193 ARG B CA   1 
ATOM   1244 C C    . ARG B 1 40 ? -15.51714 0.66305   2.87035   1.000 4.97701  ? 193 ARG B C    1 
ATOM   1245 O O    . ARG B 1 40 ? -16.36713 1.21970   2.16816   1.000 4.91182  ? 193 ARG B O    1 
ATOM   1246 C CB   . ARG B 1 40 ? -15.88393 0.73038   5.37799   1.000 6.62785  ? 193 ARG B CB   1 
ATOM   1247 C CG   . ARG B 1 40 ? -16.77618 1.95195   5.33940   1.000 9.63457  ? 193 ARG B CG   1 
ATOM   1248 C CD   . ARG B 1 40 ? -16.63267 2.80208   6.60398   1.000 19.84205 ? 193 ARG B CD   1 
ATOM   1249 N NE   . ARG B 1 40 ? -16.87644 1.99433   7.79456   1.000 20.84150 ? 193 ARG B NE   1 
ATOM   1250 C CZ   . ARG B 1 40 ? -15.97096 1.72599   8.73136   1.000 36.22514 ? 193 ARG B CZ   1 
ATOM   1251 N NH1  . ARG B 1 40 ? -14.74380 2.22749   8.65105   1.000 28.86799 ? 193 ARG B NH1  1 
ATOM   1252 N NH2  . ARG B 1 40 ? -16.30044 0.95904   9.76181   1.000 33.32079 ? 193 ARG B NH2  1 
ATOM   1253 H H    . ARG B 1 40 ? -14.62641 -1.27628  5.01160   1.000 6.22109  ? 193 ARG B H    1 
ATOM   1254 H HA   . ARG B 1 40 ? -16.86425 -0.36927  3.97037   1.000 6.31806  ? 193 ARG B HA   1 
ATOM   1255 H HB2  . ARG B 1 40 ? -16.16399 0.18309   6.12829   1.000 7.95342  ? 193 ARG B HB2  1 
ATOM   1256 H HB3  . ARG B 1 40 ? -14.97230 1.03399   5.51082   1.000 7.95342  ? 193 ARG B HB3  1 
ATOM   1257 H HG2  . ARG B 1 40 ? -16.53530 2.50017   4.57630   1.000 11.56148 ? 193 ARG B HG2  1 
ATOM   1258 H HG3  . ARG B 1 40 ? -17.70149 1.67018   5.26661   1.000 11.56148 ? 193 ARG B HG3  1 
ATOM   1259 H HD2  . ARG B 1 40 ? -15.73307 3.16154   6.65324   1.000 23.81046 ? 193 ARG B HD2  1 
ATOM   1260 H HD3  . ARG B 1 40 ? -17.27840 3.52562   6.58384   1.000 23.81046 ? 193 ARG B HD3  1 
ATOM   1261 H HE   . ARG B 1 40 ? -17.66495 1.66710   7.89840   1.000 25.00980 ? 193 ARG B HE   1 
ATOM   1262 H HH11 . ARG B 1 40 ? -14.52772 2.73138   7.98848   1.000 34.64158 ? 193 ARG B HH11 1 
ATOM   1263 H HH12 . ARG B 1 40 ? -14.16525 2.04834   9.26162   1.000 34.64158 ? 193 ARG B HH12 1 
ATOM   1264 H HH21 . ARG B 1 40 ? -17.09600 0.63800   9.82188   1.000 39.98495 ? 193 ARG B HH21 1 
ATOM   1265 H HH22 . ARG B 1 40 ? -15.71852 0.78271   10.37000  1.000 39.98495 ? 193 ARG B HH22 1 
ATOM   1266 N N    . ALA B 1 41 ? -14.21446 0.72000   2.56253   1.000 4.72011  ? 194 ALA B N    1 
ATOM   1267 C CA   . ALA B 1 41 ? -13.79453 1.40319   1.33651   1.000 4.67656  ? 194 ALA B CA   1 
ATOM   1268 C C    . ALA B 1 41 ? -14.38378 0.73964   0.09125   1.000 4.40747  ? 194 ALA B C    1 
ATOM   1269 O O    . ALA B 1 41 ? -14.86821 1.42563   -0.81688  1.000 4.32505  ? 194 ALA B O    1 
ATOM   1270 C CB   . ALA B 1 41 ? -12.26802 1.43524   1.24972   1.000 5.76211  ? 194 ALA B CB   1 
ATOM   1271 H H    . ALA B 1 41 ? -13.57727 0.38249   3.03121   1.000 5.66413  ? 194 ALA B H    1 
ATOM   1272 H HA   . ALA B 1 41 ? -14.11975 2.31640   1.37095   1.000 5.61188  ? 194 ALA B HA   1 
ATOM   1273 H HB1  . ALA B 1 41 ? -12.00803 1.84008   0.40746   1.000 6.91453  ? 194 ALA B HB1  1 
ATOM   1274 H HB2  . ALA B 1 41 ? -11.92058 1.95806   1.98921   1.000 6.91453  ? 194 ALA B HB2  1 
ATOM   1275 H HB3  . ALA B 1 41 ? -11.92979 0.52744   1.29873   1.000 6.91453  ? 194 ALA B HB3  1 
ATOM   1276 N N    . VAL B 1 42 ? -14.33061 -0.59605  0.01774   1.000 4.34240  ? 195 VAL B N    1 
ATOM   1277 C CA   . VAL B 1 42 ? -14.91505 -1.29521  -1.12669  1.000 4.36764  ? 195 VAL B CA   1 
ATOM   1278 C C    . VAL B 1 42 ? -16.42504 -1.10038  -1.15714  1.000 3.61075  ? 195 VAL B C    1 
ATOM   1279 O O    . VAL B 1 42 ? -17.00343 -0.87876  -2.22586  1.000 4.65285  ? 195 VAL B O    1 
ATOM   1280 C CB   . VAL B 1 42 ? -14.50542 -2.77941  -1.16499  1.000 4.63263  ? 195 VAL B CB   1 
ATOM   1281 C CG1  . VAL B 1 42 ? -15.25086 -3.52139  -2.26046  1.000 6.28071  ? 195 VAL B CG1  1 
ATOM   1282 C CG2  . VAL B 1 42 ? -12.99558 -2.88060  -1.38257  1.000 5.23617  ? 195 VAL B CG2  1 
ATOM   1283 H H    . VAL B 1 42 ? -13.96889 -1.10849  0.60610   1.000 5.21087  ? 195 VAL B H    1 
ATOM   1284 H HA   . VAL B 1 42 ? -14.55043 -0.89701  -1.93253  1.000 5.24116  ? 195 VAL B HA   1 
ATOM   1285 H HB   . VAL B 1 42 ? -14.73591 -3.19768  -0.32071  1.000 5.55915  ? 195 VAL B HB   1 
ATOM   1286 H HG11 . VAL B 1 42 ? -14.82211 -4.37866  -2.40938  1.000 7.53685  ? 195 VAL B HG11 1 
ATOM   1287 H HG12 . VAL B 1 42 ? -16.17029 -3.65536  -1.98187  1.000 7.53685  ? 195 VAL B HG12 1 
ATOM   1288 H HG13 . VAL B 1 42 ? -15.22524 -2.99305  -3.07355  1.000 7.53685  ? 195 VAL B HG13 1 
ATOM   1289 H HG21 . VAL B 1 42 ? -12.75071 -3.81533  -1.46752  1.000 6.28341  ? 195 VAL B HG21 1 
ATOM   1290 H HG22 . VAL B 1 42 ? -12.76053 -2.40212  -2.19294  1.000 6.28341  ? 195 VAL B HG22 1 
ATOM   1291 H HG23 . VAL B 1 42 ? -12.53986 -2.48706  -0.62208  1.000 6.28341  ? 195 VAL B HG23 1 
ATOM   1292 N N    . GLU B 1 43 ? -17.09038 -1.16679  -0.00434  1.000 4.59312  ? 196 GLU B N    1 
ATOM   1293 C CA   . GLU B 1 43 ? -18.52625 -0.87627  0.03954   1.000 4.67286  ? 196 GLU B CA   1 
ATOM   1294 C C    . GLU B 1 43 ? -18.83033 0.52259   -0.50571  1.000 4.69608  ? 196 GLU B C    1 
ATOM   1295 O O    . GLU B 1 43 ? -19.78918 0.71472   -1.27337  1.000 5.02184  ? 196 GLU B O    1 
ATOM   1296 C CB   . GLU B 1 43 ? -19.07543 -1.02390  1.45322   1.000 5.67038  ? 196 GLU B CB   1 
ATOM   1297 C CG   . GLU B 1 43 ? -19.12231 -2.46204  1.94818   1.000 9.08492  ? 196 GLU B CG   1 
ATOM   1298 C CD   . GLU B 1 43 ? -19.46690 -2.57884  3.43322   1.000 12.23746 ? 196 GLU B CD   1 
ATOM   1299 O OE1  . GLU B 1 43 ? -19.85083 -3.69366  3.86609   1.000 19.13435 ? 196 GLU B OE1  1 
ATOM   1300 O OE2  . GLU B 1 43 ? -19.33182 -1.59210  4.19087   1.000 15.85617 ? 196 GLU B OE2  1 
ATOM   1301 H H    . GLU B 1 43 ? -16.74261 -1.37373  0.75450   1.000 5.51174  ? 196 GLU B H    1 
ATOM   1302 H HA   . GLU B 1 43 ? -18.97804 -1.52888  -0.51803  1.000 5.60743  ? 196 GLU B HA   1 
ATOM   1303 H HB2  . GLU B 1 43 ? -18.51121 -0.52033  2.06066   1.000 6.80445  ? 196 GLU B HB2  1 
ATOM   1304 H HB3  . GLU B 1 43 ? -19.98005 -0.67440  1.47396   1.000 6.80445  ? 196 GLU B HB3  1 
ATOM   1305 H HG2  . GLU B 1 43 ? -19.79790 -2.94492  1.44688   1.000 10.90191 ? 196 GLU B HG2  1 
ATOM   1306 H HG3  . GLU B 1 43 ? -18.25291 -2.86985  1.81128   1.000 10.90191 ? 196 GLU B HG3  1 
ATOM   1307 N N    . TYR B 1 44 ? -18.02177 1.51811   -0.13777  1.000 4.80553  ? 197 TYR B N    1 
ATOM   1308 C CA   . TYR B 1 44 ? -18.23656 2.86771   -0.66880  1.000 4.89492  ? 197 TYR B CA   1 
ATOM   1309 C C    . TYR B 1 44 ? -17.98306 2.93136   -2.17555  1.000 4.61589  ? 197 TYR B C    1 
ATOM   1310 O O    . TYR B 1 44 ? -18.68447 3.66474   -2.89366  1.000 5.07764  ? 197 TYR B O    1 
ATOM   1311 C CB   . TYR B 1 44 ? -17.31645 3.85554   0.04959   1.000 5.35953  ? 197 TYR B CB   1 
ATOM   1312 C CG   . TYR B 1 44 ? -17.68094 4.18917   1.48746   1.000 5.24129  ? 197 TYR B CG   1 
ATOM   1313 C CD1  . TYR B 1 44 ? -18.92160 3.92634   2.00856   1.000 6.59892  ? 197 TYR B CD1  1 
ATOM   1314 C CD2  . TYR B 1 44 ? -16.76321 4.80366   2.30925   1.000 6.73949  ? 197 TYR B CD2  1 
ATOM   1315 C CE1  . TYR B 1 44 ? -19.23375 4.27328   3.32711   1.000 7.32763  ? 197 TYR B CE1  1 
ATOM   1316 C CE2  . TYR B 1 44 ? -17.07241 5.17968   3.61560   1.000 7.75104  ? 197 TYR B CE2  1 
ATOM   1317 C CZ   . TYR B 1 44 ? -18.29950 4.91422   4.10975   1.000 7.16125  ? 197 TYR B CZ   1 
ATOM   1318 O OH   . TYR B 1 44 ? -18.56980 5.29447   5.42585   1.000 10.61624 ? 197 TYR B OH   1 
ATOM   1319 H H    . TYR B 1 44 ? -17.35805 1.44274   0.40389   1.000 5.76663  ? 197 TYR B H    1 
ATOM   1320 H HA   . TYR B 1 44 ? -19.15984 3.11694   -0.50643  1.000 5.87390  ? 197 TYR B HA   1 
ATOM   1321 H HB2  . TYR B 1 44 ? -16.42158 3.48139   0.06134   1.000 6.43144  ? 197 TYR B HB2  1 
ATOM   1322 H HB3  . TYR B 1 44 ? -17.32113 4.68886   -0.44685  1.000 6.43144  ? 197 TYR B HB3  1 
ATOM   1323 H HD1  . TYR B 1 44 ? -19.56377 3.51209   1.47855   1.000 7.91871  ? 197 TYR B HD1  1 
ATOM   1324 H HD2  . TYR B 1 44 ? -15.90927 4.97345   1.98235   1.000 8.08739  ? 197 TYR B HD2  1 
ATOM   1325 H HE1  . TYR B 1 44 ? -20.07213 4.07114   3.67516   1.000 8.79316  ? 197 TYR B HE1  1 
ATOM   1326 H HE2  . TYR B 1 44 ? -16.43802 5.61000   4.14217   1.000 9.30125  ? 197 TYR B HE2  1 
ATOM   1327 H HH   . TYR B 1 44 ? -17.96265 5.80124   5.70894   1.000 12.73949 ? 197 TYR B HH   1 
ATOM   1328 N N    . LEU B 1 45 ? -16.95854 2.22362   -2.66658  1.000 4.69012  ? 198 LEU B N    1 
ATOM   1329 C CA   . LEU B 1 45 ? -16.72590 2.17605   -4.10715  1.000 4.87442  ? 198 LEU B CA   1 
ATOM   1330 C C    . LEU B 1 45 ? -17.86664 1.48780   -4.84330  1.000 4.59948  ? 198 LEU B C    1 
ATOM   1331 O O    . LEU B 1 45 ? -18.17985 1.84358   -5.99359  1.000 5.14664  ? 198 LEU B O    1 
ATOM   1332 C CB   . LEU B 1 45 ? -15.39351 1.48558   -4.40716  1.000 4.66153  ? 198 LEU B CB   1 
ATOM   1333 C CG   . LEU B 1 45 ? -14.16732 2.30911   -4.00985  1.000 5.22942  ? 198 LEU B CG   1 
ATOM   1334 C CD1  . LEU B 1 45 ? -12.94251 1.44378   -3.87034  1.000 5.69037  ? 198 LEU B CD1  1 
ATOM   1335 C CD2  . LEU B 1 45 ? -13.91677 3.41718   -5.03698  1.000 7.64516  ? 198 LEU B CD2  1 
ATOM   1336 H H    . LEU B 1 45 ? -16.39778 1.77323   -2.19510  1.000 5.62815  ? 198 LEU B H    1 
ATOM   1337 H HA   . LEU B 1 45 ? -16.66819 3.08520   -4.44035  1.000 5.84931  ? 198 LEU B HA   1 
ATOM   1338 H HB2  . LEU B 1 45 ? -15.35989 0.64879   -3.91772  1.000 5.59384  ? 198 LEU B HB2  1 
ATOM   1339 H HB3  . LEU B 1 45 ? -15.33966 1.31471   -5.36048  1.000 5.59384  ? 198 LEU B HB3  1 
ATOM   1340 H HG   . LEU B 1 45 ? -14.33901 2.71513   -3.14580  1.000 6.27531  ? 198 LEU B HG   1 
ATOM   1341 H HD11 . LEU B 1 45 ? -12.17539 2.00913   -3.68918  1.000 6.82845  ? 198 LEU B HD11 1 
ATOM   1342 H HD12 . LEU B 1 45 ? -13.07633 0.82290   -3.13720  1.000 6.82845  ? 198 LEU B HD12 1 
ATOM   1343 H HD13 . LEU B 1 45 ? -12.80536 0.95500   -4.69688  1.000 6.82845  ? 198 LEU B HD13 1 
ATOM   1344 H HD21 . LEU B 1 45 ? -13.18418 3.97343   -4.72909  1.000 9.17420  ? 198 LEU B HD21 1 
ATOM   1345 H HD22 . LEU B 1 45 ? -13.68958 3.01267   -5.88883  1.000 9.17420  ? 198 LEU B HD22 1 
ATOM   1346 H HD23 . LEU B 1 45 ? -14.72157 3.95089   -5.12840  1.000 9.17420  ? 198 LEU B HD23 1 
ATOM   1347 N N    . LEU B 1 46 ? -18.50386 0.52085   -4.19499  1.000 4.07369  ? 199 LEU B N    1 
ATOM   1348 C CA   . LEU B 1 46 ? -19.62401 -0.18393  -4.80500  1.000 4.94255  ? 199 LEU B CA   1 
ATOM   1349 C C    . LEU B 1 46 ? -20.91011 0.63058   -4.79668  1.000 4.01360  ? 199 LEU B C    1 
ATOM   1350 O O    . LEU B 1 46 ? -21.56987 0.77068   -5.84044  1.000 5.26467  ? 199 LEU B O    1 
ATOM   1351 C CB   . LEU B 1 46 ? -19.84533 -1.53726  -4.12516  1.000 4.81232  ? 199 LEU B CB   1 
ATOM   1352 C CG   . LEU B 1 46 ? -18.80872 -2.62390  -4.44748  1.000 6.08644  ? 199 LEU B CG   1 
ATOM   1353 C CD1  . LEU B 1 46 ? -18.96413 -3.78966  -3.51674  1.000 6.02510  ? 199 LEU B CD1  1 
ATOM   1354 C CD2  . LEU B 1 46 ? -18.95525 -3.07347  -5.91106  1.000 5.84383  ? 199 LEU B CD2  1 
ATOM   1355 H H    . LEU B 1 46 ? -18.30804 0.25340   -3.40143  1.000 4.88842  ? 199 LEU B H    1 
ATOM   1356 H HA   . LEU B 1 46 ? -19.38982 -0.34268  -5.73282  1.000 5.93106  ? 199 LEU B HA   1 
ATOM   1357 H HB2  . LEU B 1 46 ? -19.83031 -1.40040  -3.16498  1.000 5.77478  ? 199 LEU B HB2  1 
ATOM   1358 H HB3  . LEU B 1 46 ? -20.71224 -1.87583  -4.39850  1.000 5.77478  ? 199 LEU B HB3  1 
ATOM   1359 H HG   . LEU B 1 46 ? -17.91602 -2.26415  -4.32684  1.000 7.30373  ? 199 LEU B HG   1 
ATOM   1360 H HD11 . LEU B 1 46 ? -18.32617 -4.47760  -3.76298  1.000 7.23012  ? 199 LEU B HD11 1 
ATOM   1361 H HD12 . LEU B 1 46 ? -18.79671 -3.49312  -2.60848  1.000 7.23012  ? 199 LEU B HD12 1 
ATOM   1362 H HD13 . LEU B 1 46 ? -19.86768 -4.13464  -3.59082  1.000 7.23012  ? 199 LEU B HD13 1 
ATOM   1363 H HD21 . LEU B 1 46 ? -18.35644 -3.81900  -6.07390  1.000 7.01260  ? 199 LEU B HD21 1 
ATOM   1364 H HD22 . LEU B 1 46 ? -19.87295 -3.34608  -6.06732  1.000 7.01260  ? 199 LEU B HD22 1 
ATOM   1365 H HD23 . LEU B 1 46 ? -18.72663 -2.33226  -6.49351  1.000 7.01260  ? 199 LEU B HD23 1 
ATOM   1366 N N    . THR B 1 47 ? -21.34790 1.08611   -3.62831  1.000 4.54523  ? 200 THR B N    1 
ATOM   1367 C CA   . THR B 1 47 ? -22.67423 1.67402   -3.49745  1.000 4.53106  ? 200 THR B CA   1 
ATOM   1368 C C    . THR B 1 47 ? -22.66870 3.12359   -3.03308  1.000 5.08903  ? 200 THR B C    1 
ATOM   1369 O O    . THR B 1 47 ? -23.75479 3.69459   -2.83073  1.000 5.63323  ? 200 THR B O    1 
ATOM   1370 C CB   . THR B 1 47 ? -23.59404 0.79573   -2.63807  1.000 5.89003  ? 200 THR B CB   1 
ATOM   1371 O OG1  . THR B 1 47 ? -23.02272 0.64063   -1.33988  1.000 7.96176  ? 200 THR B OG1  1 
ATOM   1372 C CG2  . THR B 1 47 ? -23.76728 -0.56616  -3.25146  1.000 6.83717  ? 200 THR B CG2  1 
ATOM   1373 H H    . THR B 1 47 ? -20.89490 1.06551   -2.89759  1.000 5.45428  ? 200 THR B H    1 
ATOM   1374 H HA   . THR B 1 47 ? -23.07129 1.69180   -4.38228  1.000 5.43727  ? 200 THR B HA   1 
ATOM   1375 H HB   . THR B 1 47 ? -24.46518 1.21754   -2.57406  1.000 7.06803  ? 200 THR B HB   1 
ATOM   1376 H HG1  . THR B 1 47 ? -23.02337 1.37707   -0.93583  1.000 9.55411  ? 200 THR B HG1  1 
ATOM   1377 H HG21 . THR B 1 47 ? -24.35404 -1.10644  -2.69945  1.000 8.20460  ? 200 THR B HG21 1 
ATOM   1378 H HG22 . THR B 1 47 ? -24.15508 -0.48438  -4.13680  1.000 8.20460  ? 200 THR B HG22 1 
ATOM   1379 H HG23 . THR B 1 47 ? -22.90738 -1.00911  -3.32413  1.000 8.20460  ? 200 THR B HG23 1 
ATOM   1380 N N    . GLY B 1 48 ? -21.50380 3.75316   -2.91429  1.000 4.89911  ? 201 GLY B N    1 
ATOM   1381 C CA   . GLY B 1 48 ? -21.41726 5.18626   -2.70246  1.000 5.34205  ? 201 GLY B CA   1 
ATOM   1382 C C    . GLY B 1 48 ? -21.00643 5.59041   -1.29427  1.000 5.96909  ? 201 GLY B C    1 
ATOM   1383 O O    . GLY B 1 48 ? -21.30429 4.92784   -0.30424  1.000 6.92466  ? 201 GLY B O    1 
ATOM   1384 H H    . GLY B 1 48 ? -20.73852 3.36281   -2.95399  1.000 5.87893  ? 201 GLY B H    1 
ATOM   1385 H HA2  . GLY B 1 48 ? -20.76570 5.55534   -3.31902  1.000 6.41046  ? 201 GLY B HA2  1 
ATOM   1386 H HA3  . GLY B 1 48 ? -22.28374 5.58271   -2.88400  1.000 6.41046  ? 201 GLY B HA3  1 
ATOM   1387 N N    . ILE B 1 49 ? -20.34182 6.73725   -1.20039  1.000 6.30500  ? 202 ILE B N    1 
ATOM   1388 C CA   . ILE B 1 49 ? -20.04135 7.33291   0.10050   1.000 8.47841  ? 202 ILE B CA   1 
ATOM   1389 C C    . ILE B 1 49 ? -21.29260 7.96297   0.70185   1.000 8.06486  ? 202 ILE B C    1 
ATOM   1390 O O    . ILE B 1 49 ? -22.25646 8.28568   -0.01806  1.000 8.26428  ? 202 ILE B O    1 
ATOM   1391 C CB   . ILE B 1 49 ? -18.90575 8.36469   0.02294   1.000 8.05147  ? 202 ILE B CB   1 
ATOM   1392 C CG1  . ILE B 1 49 ? -19.21041 9.48190   -0.97872  1.000 8.18861  ? 202 ILE B CG1  1 
ATOM   1393 C CG2  . ILE B 1 49 ? -17.56138 7.67152   -0.26397  1.000 10.34524 ? 202 ILE B CG2  1 
ATOM   1394 C CD1  . ILE B 1 49 ? -18.33613 10.70278  -0.79007  1.000 11.68537 ? 202 ILE B CD1  1 
ATOM   1395 H H    . ILE B 1 49 ? -20.05429 7.18968   -1.87287  1.000 7.56600  ? 202 ILE B H    1 
ATOM   1396 H HA   . ILE B 1 49 ? -19.76094 6.60866   0.68165   1.000 10.17409 ? 202 ILE B HA   1 
ATOM   1397 H HB   . ILE B 1 49 ? -18.83766 8.79380   0.89020   1.000 9.66176  ? 202 ILE B HB   1 
ATOM   1398 H HG12 . ILE B 1 49 ? -19.06574 9.14662   -1.87736  1.000 9.82633  ? 202 ILE B HG12 1 
ATOM   1399 H HG13 . ILE B 1 49 ? -20.13454 9.75664   -0.87190  1.000 9.82633  ? 202 ILE B HG13 1 
ATOM   1400 H HG21 . ILE B 1 49 ? -16.84589 8.32013   -0.17292  1.000 12.41429 ? 202 ILE B HG21 1 
ATOM   1401 H HG22 . ILE B 1 49 ? -17.43629 6.94961   0.37172   1.000 12.41429 ? 202 ILE B HG22 1 
ATOM   1402 H HG23 . ILE B 1 49 ? -17.57465 7.31828   -1.16727  1.000 12.41429 ? 202 ILE B HG23 1 
ATOM   1403 H HD11 . ILE B 1 49 ? -18.54367 11.34983  -1.48228  1.000 14.02244 ? 202 ILE B HD11 1 
ATOM   1404 H HD12 . ILE B 1 49 ? -18.51216 11.08528  0.08377   1.000 14.02244 ? 202 ILE B HD12 1 
ATOM   1405 H HD13 . ILE B 1 49 ? -17.40528 10.43749  -0.85362  1.000 14.02244 ? 202 ILE B HD13 1 
ATOM   1406 N N    . PRO B 1 50 ? -21.31250 8.20716   2.01380   1.000 9.65316  ? 203 PRO B N    1 
ATOM   1407 C CA   . PRO B 1 50 ? -22.44842 8.92546   2.61230   1.000 11.17479 ? 203 PRO B CA   1 
ATOM   1408 C C    . PRO B 1 50 ? -22.71982 10.23070  1.87793   1.000 8.75332  ? 203 PRO B C    1 
ATOM   1409 O O    . PRO B 1 50 ? -21.79608 10.93999  1.47893   1.000 12.44808 ? 203 PRO B O    1 
ATOM   1410 C CB   . PRO B 1 50 ? -21.99972 9.16983   4.05874   1.000 15.15917 ? 203 PRO B CB   1 
ATOM   1411 C CG   . PRO B 1 50 ? -20.97754 8.12149   4.33325   1.000 16.10037 ? 203 PRO B CG   1 
ATOM   1412 C CD   . PRO B 1 50 ? -20.27748 7.87222   3.01571   1.000 13.43537 ? 203 PRO B CD   1 
ATOM   1413 H HA   . PRO B 1 50 ? -23.24550 8.37270   2.60951   1.000 13.40975 ? 203 PRO B HA   1 
ATOM   1414 H HB2  . PRO B 1 50 ? -21.61608 10.05711  4.13906   1.000 18.19100 ? 203 PRO B HB2  1 
ATOM   1415 H HB3  . PRO B 1 50 ? -22.75718 9.08040   4.65805   1.000 18.19100 ? 203 PRO B HB3  1 
ATOM   1416 H HG2  . PRO B 1 50 ? -20.35054 8.44253   5.00012   1.000 19.32045 ? 203 PRO B HG2  1 
ATOM   1417 H HG3  . PRO B 1 50 ? -21.41324 7.31437   4.64891   1.000 19.32045 ? 203 PRO B HG3  1 
ATOM   1418 H HD2  . PRO B 1 50 ? -19.50448 8.45040   2.92041   1.000 16.12244 ? 203 PRO B HD2  1 
ATOM   1419 H HD3  . PRO B 1 50 ? -20.00875 6.94347   2.93757   1.000 16.12244 ? 203 PRO B HD3  1 
ATOM   1420 N N    . GLY B 1 51 ? -23.99554 10.53247  1.68084   1.000 9.76083  ? 204 GLY B N    1 
ATOM   1421 C CA   . GLY B 1 51 ? -24.40621 11.66458  0.87614   1.000 8.90090  ? 204 GLY B CA   1 
ATOM   1422 C C    . GLY B 1 51 ? -25.13795 11.27403  -0.39304  1.000 7.43302  ? 204 GLY B C    1 
ATOM   1423 O O    . GLY B 1 51 ? -25.38961 12.13995  -1.23607  1.000 7.47559  ? 204 GLY B O    1 
ATOM   1424 O OXT  . GLY B 1 51 ? -25.47048 10.07049  -0.57028  1.000 8.05702  ? 204 GLY B OXT  1 
ATOM   1425 H H    . GLY B 1 51 ? -24.65285 10.08632  2.01020   1.000 11.71300 ? 204 GLY B H    1 
ATOM   1426 H HA2  . GLY B 1 51 ? -24.99526 12.22854  1.40136   1.000 10.68108 ? 204 GLY B HA2  1 
ATOM   1427 H HA3  . GLY B 1 51 ? -23.62076 12.17547  0.62521   1.000 10.68108 ? 204 GLY B HA3  1 
HETATM 1428 C C1   . EDO C 2 .  ? 10.18549  6.16315   -10.60239 1.000 10.23794 ? 301 EDO A C1   1 
HETATM 1429 O O1   . EDO C 2 .  ? 10.09756  6.41849   -12.01286 1.000 14.37007 ? 301 EDO A O1   1 
HETATM 1430 C C2   . EDO C 2 .  ? 8.78718   5.73752   -10.13868 1.000 10.25365 ? 301 EDO A C2   1 
HETATM 1431 O O2   . EDO C 2 .  ? 8.36840   4.51401   -10.77413 1.000 9.25623  ? 301 EDO A O2   1 
HETATM 1432 H H11  . EDO C 2 .  ? 10.91239  5.37352   -10.40094 1.000 12.28552 ? 301 EDO A H11  1 
HETATM 1433 H H12  . EDO C 2 .  ? 10.50854  7.06041   -10.07038 1.000 12.28552 ? 301 EDO A H12  1 
HETATM 1434 H HO1  . EDO C 2 .  ? 10.96641  6.67893   -12.34805 1.000 17.24408 ? 301 EDO A HO1  1 
HETATM 1435 H H21  . EDO C 2 .  ? 8.79221   5.59888   -9.05553  1.000 12.30438 ? 301 EDO A H21  1 
HETATM 1436 H H22  . EDO C 2 .  ? 8.07233   6.52923   -10.37240 1.000 12.30438 ? 301 EDO A H22  1 
HETATM 1437 H HO2  . EDO C 2 .  ? 7.50859   4.24589   -10.42209 1.000 11.10748 ? 301 EDO A HO2  1 
HETATM 1438 C C1   . EDO D 2 .  ? -14.06415 -1.47509  -11.20814 1.000 19.85601 ? 301 EDO B C1   1 
HETATM 1439 O O1   . EDO D 2 .  ? -14.79334 -0.50323  -11.97119 1.000 22.95407 ? 301 EDO B O1   1 
HETATM 1440 C C2   . EDO D 2 .  ? -15.01977 -2.51679  -10.64480 1.000 12.83362 ? 301 EDO B C2   1 
HETATM 1441 O O2   . EDO D 2 .  ? -15.67389 -3.18208  -11.73419 1.000 16.61221 ? 301 EDO B O2   1 
HETATM 1442 H H11  . EDO D 2 .  ? -13.53436 -0.98064  -10.39126 1.000 23.82721 ? 301 EDO B H11  1 
HETATM 1443 H H12  . EDO D 2 .  ? -13.32151 -1.96153  -11.84401 1.000 23.82721 ? 301 EDO B H12  1 
HETATM 1444 H HO1  . EDO D 2 .  ? -14.19609 -0.07009  -12.59629 1.000 27.54488 ? 301 EDO B HO1  1 
HETATM 1445 H H21  . EDO D 2 .  ? -15.75985 -2.03626  -10.00150 1.000 15.40034 ? 301 EDO B H21  1 
HETATM 1446 H H22  . EDO D 2 .  ? -14.46954 -3.24106  -10.04051 1.000 15.40034 ? 301 EDO B H22  1 
HETATM 1447 H HO2  . EDO D 2 .  ? -16.04435 -4.01989  -11.42446 1.000 19.93465 ? 301 EDO B HO2  1 
HETATM 1448 C C1   . EDO E 2 .  ? -8.54251  14.01751  7.20513   1.000 7.68869  ? 302 EDO B C1   1 
HETATM 1449 O O1   . EDO E 2 .  ? -8.48314  14.32321  5.80276   1.000 7.54847  ? 302 EDO B O1   1 
HETATM 1450 C C2   . EDO E 2 .  ? -9.94487  13.63567  7.64041   1.000 7.58888  ? 302 EDO B C2   1 
HETATM 1451 O O2   . EDO E 2 .  ? -10.80936 14.76138  7.44008   1.000 8.11887  ? 302 EDO B O2   1 
HETATM 1452 H H11  . EDO E 2 .  ? -7.86066  13.19288  7.42315   1.000 9.22643  ? 302 EDO B H11  1 
HETATM 1453 H H12  . EDO E 2 .  ? -8.21185  14.88669  7.77753   1.000 9.22643  ? 302 EDO B H12  1 
HETATM 1454 H HO1  . EDO E 2 .  ? -7.61629  14.69545  5.59044   1.000 9.05816  ? 302 EDO B HO1  1 
HETATM 1455 H H21  . EDO E 2 .  ? -9.94467  13.34595  8.69328   1.000 9.10666  ? 302 EDO B H21  1 
HETATM 1456 H H22  . EDO E 2 .  ? -10.29901 12.78276  7.05766   1.000 9.10666  ? 302 EDO B H22  1 
HETATM 1457 H HO2  . EDO E 2 .  ? -11.68840 14.55872  7.78839   1.000 9.74265  ? 302 EDO B HO2  1 
HETATM 1458 O O    . HOH F 3 .  ? 17.62531  4.46341   -8.96775  1.000 26.17004 ? 401 HOH A O    1 
HETATM 1459 O O    . HOH F 3 .  ? 7.20112   8.70081   13.68819  1.000 24.91639 ? 402 HOH A O    1 
HETATM 1460 O O    . HOH F 3 .  ? 10.91635  8.82893   -6.45874  1.000 18.97379 ? 403 HOH A O    1 
HETATM 1461 O O    . HOH F 3 .  ? 12.99312  7.53985   -2.71117  1.000 20.02072 ? 404 HOH A O    1 
HETATM 1462 O O    . HOH F 3 .  ? 8.85907   2.61995   16.79310  1.000 15.85296 ? 405 HOH A O    1 
HETATM 1463 O O    . HOH F 3 .  ? 5.63807   -12.81543 -1.60887  1.000 14.59008 ? 406 HOH A O    1 
HETATM 1464 O O    . HOH F 3 .  ? 18.34078  4.95928   -0.67880  1.000 20.94940 ? 407 HOH A O    1 
HETATM 1465 O O    . HOH F 3 .  ? 3.44836   -3.24040  -12.14785 1.000 5.99280  ? 408 HOH A O    1 
HETATM 1466 O O    . HOH F 3 .  ? 9.78177   -2.82846  17.22647  1.000 7.78377  ? 409 HOH A O    1 
HETATM 1467 O O    . HOH F 3 .  ? 15.34677  6.83233   5.66215   1.000 20.68719 ? 410 HOH A O    1 
HETATM 1468 O O    . HOH F 3 .  ? 8.60712   3.96919   7.06128   1.000 18.55551 ? 411 HOH A O    1 
HETATM 1469 O O    . HOH F 3 .  ? 16.33804  -2.81946  2.47123   1.000 6.99348  ? 412 HOH A O    1 
HETATM 1470 O O    . HOH F 3 .  ? 1.06934   -8.75393  6.57811   1.000 15.06487 ? 413 HOH A O    1 
HETATM 1471 O O    . HOH F 3 .  ? 3.01490   -11.78225 3.64442   1.000 11.06799 ? 414 HOH A O    1 
HETATM 1472 O O    . HOH F 3 .  ? 4.73365   -4.76393  -10.02919 1.000 7.69158  ? 415 HOH A O    1 
HETATM 1473 O O    . HOH F 3 .  ? 9.77829   -10.52780 6.89141   1.000 8.41251  ? 416 HOH A O    1 
HETATM 1474 O O    . HOH F 3 .  ? 17.69951  -9.47871  5.59830   1.000 16.36360 ? 417 HOH A O    1 
HETATM 1475 O O    . HOH F 3 .  ? 6.07586   -4.16480  13.74565  1.000 12.41541 ? 418 HOH A O    1 
HETATM 1476 O O    . HOH F 3 .  ? 3.20716   -7.81226  8.28117   1.000 18.31931 ? 419 HOH A O    1 
HETATM 1477 O O    . HOH F 3 .  ? 17.95091  -7.46858  -2.32886  1.000 23.50962 ? 420 HOH A O    1 
HETATM 1478 O O    . HOH F 3 .  ? 11.00461  -2.17300  -10.18628 1.000 9.42421  ? 421 HOH A O    1 
HETATM 1479 O O    . HOH F 3 .  ? 17.58458  5.78908   -4.16661  1.000 25.75579 ? 422 HOH A O    1 
HETATM 1480 O O    . HOH F 3 .  ? 12.52997  4.98860   9.35233   1.000 18.93937 ? 423 HOH A O    1 
HETATM 1481 O O    . HOH F 3 .  ? 10.70701  -14.55929 -1.23607  1.000 12.32462 ? 424 HOH A O    1 
HETATM 1482 O O    . HOH F 3 .  ? 12.93082  7.25428   15.69299  1.000 30.39347 ? 425 HOH A O    1 
HETATM 1483 O O    . HOH F 3 .  ? 12.53206  8.04455   -12.53060 1.000 16.03114 ? 426 HOH A O    1 
HETATM 1484 O O    . HOH F 3 .  ? 11.60262  -16.79332 -5.69666  1.000 26.40116 ? 427 HOH A O    1 
HETATM 1485 O O    . HOH F 3 .  ? -2.74990  -8.80285  -0.53252  1.000 11.09100 ? 428 HOH A O    1 
HETATM 1486 O O    . HOH F 3 .  ? 4.36468   5.71211   6.04554   1.000 21.49295 ? 429 HOH A O    1 
HETATM 1487 O O    . HOH F 3 .  ? 3.48645   -9.55991  -7.58886  1.000 29.90071 ? 430 HOH A O    1 
HETATM 1488 O O    . HOH F 3 .  ? 19.30146  -3.18087  2.36951   1.000 19.29742 ? 431 HOH A O    1 
HETATM 1489 O O    . HOH F 3 .  ? 17.24676  4.15768   -6.41015  1.000 27.47137 ? 432 HOH A O    1 
HETATM 1490 O O    . HOH F 3 .  ? 0.98974   -11.38969 5.55504   1.000 18.30592 ? 433 HOH A O    1 
HETATM 1491 O O    . HOH F 3 .  ? 14.73725  -15.44641 1.31148   1.000 30.78008 ? 434 HOH A O    1 
HETATM 1492 O O    . HOH F 3 .  ? 7.22029   6.68145   5.74098   1.000 27.29653 ? 435 HOH A O    1 
HETATM 1493 O O    . HOH F 3 .  ? 20.82435  -7.65104  1.18613   1.000 36.97521 ? 436 HOH A O    1 
HETATM 1494 O O    . HOH G 3 .  ? -6.03947  -5.38666  -12.11886 1.000 17.87212 ? 401 HOH B O    1 
HETATM 1495 O O    . HOH G 3 .  ? -20.71223 -5.78752  2.43862   1.000 25.99742 ? 402 HOH B O    1 
HETATM 1496 O O    . HOH G 3 .  ? 1.01471   -5.47850  8.48027   1.000 17.95009 ? 403 HOH B O    1 
HETATM 1497 O O    . HOH G 3 .  ? -6.80633  16.37480  5.40699   1.000 8.20234  ? 404 HOH B O    1 
HETATM 1498 O O    . HOH G 3 .  ? -21.26387 -0.50133  -8.20491  1.000 6.02703  ? 405 HOH B O    1 
HETATM 1499 O O    . HOH G 3 .  ? -22.94213 2.84265   0.26106   1.000 9.72343  ? 406 HOH B O    1 
HETATM 1500 O O    . HOH G 3 .  ? -0.12860  1.72379   -4.33423  1.000 18.21506 ? 407 HOH B O    1 
HETATM 1501 O O    . HOH G 3 .  ? -18.26029 10.18188  -10.54830 1.000 30.29760 ? 408 HOH B O    1 
HETATM 1502 O O    . HOH G 3 .  ? -13.31121 13.87469  8.06464   1.000 12.62229 ? 409 HOH B O    1 
HETATM 1503 O O    . HOH G 3 .  ? -17.64959 4.20135   -7.28840  1.000 12.68080 ? 410 HOH B O    1 
HETATM 1504 O O    . HOH G 3 .  ? 0.42496   7.02080   -1.45646  1.000 23.67943 ? 411 HOH B O    1 
HETATM 1505 O O    . HOH G 3 .  ? -6.41807  7.91097   1.55555   1.000 7.27179  ? 412 HOH B O    1 
HETATM 1506 O O    . HOH G 3 .  ? 2.79089   -3.16376  8.50668   1.000 18.16064 ? 413 HOH B O    1 
HETATM 1507 O O    . HOH G 3 .  ? -24.08133 14.54891  -0.86806  1.000 12.52921 ? 414 HOH B O    1 
HETATM 1508 O O    . HOH G 3 .  ? -15.07180 -0.82429  -14.70502 1.000 26.11564 ? 415 HOH B O    1 
HETATM 1509 O O    . HOH G 3 .  ? -8.08875  11.27630  -4.12325  1.000 14.59285 ? 416 HOH B O    1 
HETATM 1510 O O    . HOH G 3 .  ? -18.13598 5.67708   -4.83824  1.000 15.30375 ? 417 HOH B O    1 
HETATM 1511 O O    . HOH G 3 .  ? -18.37267 0.18969   -8.30981  1.000 8.31173  ? 418 HOH B O    1 
HETATM 1512 O O    . HOH G 3 .  ? -21.95135 -1.81381  -0.33223  1.000 17.55995 ? 419 HOH B O    1 
HETATM 1513 O O    . HOH G 3 .  ? -12.49911 11.18839  0.90942   1.000 10.61413 ? 420 HOH B O    1 
HETATM 1514 O O    . HOH G 3 .  ? -1.76931  -9.61706  -5.17363  1.000 28.23590 ? 421 HOH B O    1 
HETATM 1515 O O    . HOH G 3 .  ? -5.31117  5.02674   -11.64799 1.000 19.36757 ? 422 HOH B O    1 
HETATM 1516 O O    . HOH G 3 .  ? -14.85162 14.50543  2.48314   1.000 19.04733 ? 423 HOH B O    1 
HETATM 1517 O O    . HOH G 3 .  ? -9.95335  1.26919   10.00544  1.000 28.10831 ? 424 HOH B O    1 
HETATM 1518 O O    . HOH G 3 .  ? -15.64922 -6.10786  -11.59454 1.000 28.31159 ? 425 HOH B O    1 
HETATM 1519 O O    . HOH G 3 .  ? -7.43623  -1.45702  8.55189   1.000 18.80158 ? 426 HOH B O    1 
HETATM 1520 O O    . HOH G 3 .  ? -0.60257  -7.26432  -6.51280  1.000 23.11127 ? 427 HOH B O    1 
HETATM 1521 O O    . HOH G 3 .  ? -2.18911  8.35403   -1.06350  1.000 19.85101 ? 428 HOH B O    1 
HETATM 1522 O O    . HOH G 3 .  ? 0.33519   3.56363   -6.14462  1.000 24.28773 ? 429 HOH B O    1 
HETATM 1523 O O    . HOH G 3 .  ? -2.70952  -7.50274  -8.58360  1.000 26.88090 ? 430 HOH B O    1 
HETATM 1524 O O    . HOH G 3 .  ? -1.22855  1.11245   -6.57209  1.000 19.68986 ? 431 HOH B O    1 
HETATM 1525 O O    . HOH G 3 .  ? -10.83823 12.66479  -0.48166  1.000 19.18658 ? 432 HOH B O    1 
HETATM 1526 O O    . HOH G 3 .  ? -13.40026 0.88378   11.84777  1.000 21.46799 ? 433 HOH B O    1 
HETATM 1527 O O    . HOH G 3 .  ? -8.97064  -8.55567  -7.61798  1.000 25.15589 ? 434 HOH B O    1 
HETATM 1528 O O    . HOH G 3 .  ? 2.07778   -3.17310  11.92243  1.000 27.48077 ? 435 HOH B O    1 
HETATM 1529 O O    . HOH G 3 .  ? -15.12186 11.56549  1.23815   1.000 25.15056 ? 436 HOH B O    1 
HETATM 1530 O O    . HOH G 3 .  ? -10.98084 -7.96121  -10.70608 1.000 33.63686 ? 437 HOH B O    1 
HETATM 1531 O O    . HOH G 3 .  ? -8.43914  12.12794  -1.42867  1.000 16.55574 ? 438 HOH B O    1 
HETATM 1532 O O    . HOH G 3 .  ? -17.14598 10.36176  3.15270   1.000 25.57081 ? 439 HOH B O    1 
# 
